data_9FI1
#
_entry.id   9FI1
#
_cell.length_a   197.443
_cell.length_b   89.092
_cell.length_c   146.661
_cell.angle_alpha   90.000
_cell.angle_beta   120.549
_cell.angle_gamma   90.000
#
_symmetry.space_group_name_H-M   'C 1 2 1'
#
loop_
_entity.id
_entity.type
_entity.pdbx_description
1 polymer 'Alginate lyase family protein'
2 non-polymer 'SULFATE ION'
3 water water
#
_entity_poly.entity_id   1
_entity_poly.type   'polypeptide(L)'
_entity_poly.pdbx_seq_one_letter_code
;MGSSHHHHHHSSGLVPRGSHMASAPLGPFNATLLEQLKNDYQKGEKEVTRYIELQEKVAEKYIKMTPLSVTAKKKLPPSK
DPRDYMTLSPYWWPDSTKIDGLPYIRKDGERNPEVYEYPERENANRFGDAAYCLGVLYYITGKEVYAKACANHLRTWFTD
PKLGMNPNMTYAQAVPGMKKMRGSGFIDSRRFSRALGVAKLIEGSKSWTPSDKKKLDDWATAFCYWMENSTQGQRESHAA
NNHGLWYEAIHLMVLAYLDRTDRIREVAEQSILPKMGAQIADDGSLPQELKRTLSLNYSTFALEALMEANQITSQIGINL
WSTPASNGKVASQAVDYLYPFYLNPEDWKFKQIKPFDQSRAAILLYEAGTALGNQKYVDTAKRIGLKYSTSDVETIPYLV
LKKK
;
_entity_poly.pdbx_strand_id   A,B,C,D
#
loop_
_chem_comp.id
_chem_comp.type
_chem_comp.name
_chem_comp.formula
SO4 non-polymer 'SULFATE ION' 'O4 S -2'
#
# COMPACT_ATOMS: atom_id res chain seq x y z
N SER A 23 -61.30 4.52 -4.46
CA SER A 23 -60.00 5.21 -4.45
C SER A 23 -59.29 5.08 -3.09
N ALA A 24 -58.01 4.60 -3.10
CA ALA A 24 -57.40 4.15 -1.85
C ALA A 24 -56.90 5.32 -1.03
N PRO A 25 -56.92 5.19 0.31
CA PRO A 25 -56.28 6.21 1.15
C PRO A 25 -54.81 6.31 0.81
N LEU A 26 -54.23 7.46 1.14
CA LEU A 26 -52.83 7.72 0.83
C LEU A 26 -51.94 6.88 1.73
N GLY A 27 -51.06 6.07 1.12
CA GLY A 27 -50.11 5.31 1.91
C GLY A 27 -49.02 4.61 1.11
N PRO A 28 -48.20 3.80 1.81
CA PRO A 28 -46.93 3.28 1.24
C PRO A 28 -47.10 2.01 0.43
N PHE A 29 -47.62 2.18 -0.78
CA PHE A 29 -47.96 1.06 -1.65
C PHE A 29 -48.28 1.59 -3.03
N ASN A 30 -48.25 0.68 -3.99
CA ASN A 30 -48.74 0.97 -5.34
C ASN A 30 -50.27 0.98 -5.29
N ALA A 31 -50.84 2.18 -5.16
CA ALA A 31 -52.29 2.32 -4.98
C ALA A 31 -53.05 1.88 -6.21
N THR A 32 -52.48 2.05 -7.40
CA THR A 32 -53.14 1.58 -8.61
C THR A 32 -53.36 0.08 -8.54
N LEU A 33 -52.35 -0.65 -8.05
CA LEU A 33 -52.49 -2.10 -7.99
C LEU A 33 -53.45 -2.53 -6.89
N LEU A 34 -53.44 -1.83 -5.75
CA LEU A 34 -54.35 -2.17 -4.66
C LEU A 34 -55.80 -1.97 -5.07
N GLU A 35 -56.12 -0.80 -5.63
CA GLU A 35 -57.51 -0.52 -6.02
C GLU A 35 -58.02 -1.53 -7.03
N GLN A 36 -57.18 -1.89 -8.00
CA GLN A 36 -57.56 -2.86 -9.01
C GLN A 36 -57.77 -4.26 -8.41
N LEU A 37 -56.98 -4.63 -7.40
CA LEU A 37 -57.21 -5.90 -6.70
C LEU A 37 -58.52 -5.86 -5.93
N LYS A 38 -58.72 -4.80 -5.14
CA LYS A 38 -59.95 -4.67 -4.38
C LYS A 38 -61.16 -4.64 -5.31
N ASN A 39 -61.03 -3.94 -6.43
CA ASN A 39 -62.13 -3.82 -7.37
C ASN A 39 -62.48 -5.19 -7.96
N ASP A 40 -61.47 -5.92 -8.46
CA ASP A 40 -61.73 -7.22 -9.10
C ASP A 40 -62.18 -8.26 -8.06
N TYR A 41 -61.72 -8.15 -6.81
CA TYR A 41 -62.22 -9.02 -5.77
C TYR A 41 -63.71 -8.80 -5.52
N GLN A 42 -64.11 -7.52 -5.44
CA GLN A 42 -65.51 -7.19 -5.18
C GLN A 42 -66.41 -7.57 -6.35
N LYS A 43 -65.93 -7.44 -7.57
CA LYS A 43 -66.64 -7.91 -8.75
C LYS A 43 -66.59 -9.43 -8.91
N GLY A 44 -65.97 -10.15 -7.97
CA GLY A 44 -66.01 -11.59 -7.98
C GLY A 44 -65.26 -12.22 -9.13
N GLU A 45 -64.31 -11.51 -9.72
CA GLU A 45 -63.49 -12.08 -10.78
C GLU A 45 -62.63 -13.22 -10.23
N LYS A 46 -62.57 -14.32 -10.99
CA LYS A 46 -62.13 -15.59 -10.42
C LYS A 46 -60.63 -15.61 -10.13
N GLU A 47 -59.81 -15.13 -11.07
CA GLU A 47 -58.36 -15.19 -10.91
C GLU A 47 -57.89 -14.37 -9.70
N VAL A 48 -58.41 -13.16 -9.55
CA VAL A 48 -58.05 -12.36 -8.37
C VAL A 48 -58.60 -13.02 -7.11
N THR A 49 -59.87 -13.42 -7.13
CA THR A 49 -60.47 -14.05 -5.95
C THR A 49 -59.62 -15.22 -5.47
N ARG A 50 -59.12 -16.04 -6.40
CA ARG A 50 -58.30 -17.18 -5.99
C ARG A 50 -56.95 -16.72 -5.44
N TYR A 51 -56.37 -15.68 -6.05
CA TYR A 51 -55.13 -15.12 -5.53
C TYR A 51 -55.31 -14.57 -4.11
N ILE A 52 -56.42 -13.86 -3.87
CA ILE A 52 -56.64 -13.26 -2.55
C ILE A 52 -56.87 -14.34 -1.50
N GLU A 53 -57.50 -15.45 -1.90
CA GLU A 53 -57.71 -16.55 -0.96
C GLU A 53 -56.38 -17.18 -0.57
N LEU A 54 -55.45 -17.30 -1.51
CA LEU A 54 -54.09 -17.72 -1.16
C LEU A 54 -53.47 -16.75 -0.18
N GLN A 55 -53.63 -15.43 -0.41
CA GLN A 55 -53.08 -14.44 0.51
C GLN A 55 -53.72 -14.58 1.88
N GLU A 56 -55.02 -14.91 1.91
CA GLU A 56 -55.69 -15.08 3.19
C GLU A 56 -55.13 -16.27 3.95
N LYS A 57 -54.72 -17.33 3.24
CA LYS A 57 -54.12 -18.46 3.95
C LYS A 57 -52.68 -18.14 4.38
N VAL A 58 -51.99 -17.27 3.64
CA VAL A 58 -50.69 -16.79 4.10
C VAL A 58 -50.86 -15.93 5.35
N ALA A 59 -51.88 -15.09 5.38
CA ALA A 59 -52.04 -14.13 6.46
C ALA A 59 -52.50 -14.78 7.76
N GLU A 60 -52.93 -16.04 7.73
CA GLU A 60 -53.49 -16.67 8.93
C GLU A 60 -52.49 -16.66 10.08
N LYS A 61 -51.21 -16.90 9.80
CA LYS A 61 -50.21 -16.92 10.86
C LYS A 61 -50.07 -15.56 11.53
N TYR A 62 -50.41 -14.47 10.83
CA TYR A 62 -50.29 -13.15 11.43
C TYR A 62 -51.43 -12.87 12.40
N ILE A 63 -52.59 -13.52 12.20
CA ILE A 63 -53.69 -13.39 13.16
C ILE A 63 -53.33 -14.07 14.48
N LYS A 64 -52.65 -15.21 14.42
CA LYS A 64 -52.25 -15.93 15.64
C LYS A 64 -51.04 -15.30 16.32
N MET A 65 -50.19 -14.62 15.54
CA MET A 65 -48.92 -14.12 16.02
C MET A 65 -49.07 -13.16 17.20
N THR A 66 -48.37 -13.45 18.30
CA THR A 66 -48.27 -12.53 19.44
C THR A 66 -47.61 -11.22 18.99
N PRO A 67 -48.22 -10.06 19.24
CA PRO A 67 -47.57 -8.79 18.86
C PRO A 67 -46.24 -8.59 19.57
N LEU A 68 -45.27 -8.05 18.83
CA LEU A 68 -43.90 -7.75 19.25
C LEU A 68 -43.78 -6.34 19.81
N SER A 69 -42.80 -6.16 20.71
CA SER A 69 -42.49 -4.88 21.31
C SER A 69 -40.98 -4.67 21.31
N VAL A 70 -40.54 -3.42 21.14
CA VAL A 70 -39.11 -3.11 21.25
CA VAL A 70 -39.11 -3.12 21.26
C VAL A 70 -38.59 -3.38 22.67
N THR A 71 -39.48 -3.42 23.67
CA THR A 71 -39.04 -3.61 25.05
C THR A 71 -38.52 -5.02 25.34
N ALA A 72 -38.65 -5.94 24.40
CA ALA A 72 -38.30 -7.35 24.61
C ALA A 72 -36.80 -7.59 24.45
N LYS A 73 -36.02 -6.93 25.32
CA LYS A 73 -34.57 -7.06 25.23
C LYS A 73 -33.99 -6.97 26.64
N LYS A 74 -32.79 -7.54 26.80
CA LYS A 74 -32.09 -7.56 28.09
C LYS A 74 -31.03 -6.47 28.20
N LYS A 75 -30.11 -6.40 27.25
CA LYS A 75 -29.10 -5.35 27.23
C LYS A 75 -29.79 -4.02 26.90
N LEU A 76 -29.86 -3.12 27.87
CA LEU A 76 -30.58 -1.86 27.73
C LEU A 76 -29.71 -0.80 27.05
N PRO A 77 -30.33 0.13 26.30
CA PRO A 77 -29.55 1.20 25.65
C PRO A 77 -28.98 2.13 26.72
N PRO A 78 -28.07 3.04 26.35
CA PRO A 78 -27.50 3.93 27.38
C PRO A 78 -28.53 4.79 28.11
N SER A 79 -29.73 4.97 27.54
CA SER A 79 -30.82 5.69 28.19
C SER A 79 -31.47 4.92 29.34
N LYS A 80 -31.13 3.64 29.50
CA LYS A 80 -31.79 2.73 30.45
C LYS A 80 -33.29 2.56 30.16
N ASP A 81 -33.75 2.86 28.95
CA ASP A 81 -35.18 2.77 28.68
C ASP A 81 -35.43 1.69 27.63
N PRO A 82 -36.10 0.59 27.97
CA PRO A 82 -36.32 -0.47 26.96
C PRO A 82 -37.22 -0.04 25.81
N ARG A 83 -37.96 1.07 25.94
CA ARG A 83 -38.77 1.56 24.83
C ARG A 83 -37.95 2.26 23.75
N ASP A 84 -36.66 2.51 24.00
CA ASP A 84 -35.80 3.10 22.99
C ASP A 84 -35.28 2.02 22.07
N TYR A 85 -35.48 2.21 20.77
CA TYR A 85 -34.99 1.27 19.76
C TYR A 85 -33.46 1.29 19.71
N MET A 86 -32.84 0.10 19.68
CA MET A 86 -31.38 0.03 19.59
C MET A 86 -30.93 -1.18 18.77
N THR A 87 -30.08 -0.92 17.77
CA THR A 87 -29.46 -1.95 16.96
C THR A 87 -27.97 -1.67 16.81
N LEU A 88 -27.23 -2.67 16.36
CA LEU A 88 -25.84 -2.50 15.99
C LEU A 88 -25.73 -2.22 14.50
N SER A 89 -24.83 -1.31 14.14
CA SER A 89 -24.61 -0.97 12.73
C SER A 89 -23.94 -2.15 12.02
N PRO A 90 -24.52 -2.66 10.93
CA PRO A 90 -24.22 -4.04 10.49
C PRO A 90 -22.75 -4.31 10.11
N TYR A 91 -22.03 -3.33 9.59
CA TYR A 91 -20.70 -3.62 9.04
C TYR A 91 -19.59 -3.32 10.04
N TRP A 92 -19.91 -3.13 11.30
CA TRP A 92 -18.90 -2.79 12.29
C TRP A 92 -18.61 -4.02 13.16
N TRP A 93 -17.33 -4.33 13.31
CA TRP A 93 -16.82 -5.57 13.88
C TRP A 93 -15.83 -5.27 15.00
N PRO A 94 -15.78 -6.13 16.02
CA PRO A 94 -14.74 -5.98 17.05
C PRO A 94 -13.36 -6.11 16.44
N ASP A 95 -12.42 -5.32 16.96
CA ASP A 95 -11.04 -5.32 16.48
C ASP A 95 -10.25 -6.36 17.28
N SER A 96 -9.86 -7.45 16.62
CA SER A 96 -9.18 -8.52 17.35
C SER A 96 -7.83 -8.07 17.90
N THR A 97 -7.23 -7.00 17.35
CA THR A 97 -5.94 -6.53 17.82
C THR A 97 -6.04 -5.64 19.06
N LYS A 98 -7.24 -5.38 19.55
CA LYS A 98 -7.44 -4.68 20.80
C LYS A 98 -7.93 -5.65 21.85
N ILE A 99 -7.51 -5.42 23.09
CA ILE A 99 -7.77 -6.38 24.17
C ILE A 99 -9.26 -6.49 24.46
N ASP A 100 -9.99 -5.38 24.35
CA ASP A 100 -11.44 -5.44 24.47
C ASP A 100 -12.13 -5.40 23.12
N GLY A 101 -11.37 -5.45 22.04
CA GLY A 101 -12.02 -5.34 20.75
C GLY A 101 -12.51 -3.97 20.35
N LEU A 102 -12.33 -2.94 21.20
CA LEU A 102 -12.83 -1.57 21.04
C LEU A 102 -11.73 -0.62 20.56
N PRO A 103 -12.03 0.36 19.69
CA PRO A 103 -13.32 0.62 19.02
C PRO A 103 -13.55 -0.33 17.85
N TYR A 104 -14.81 -0.62 17.55
CA TYR A 104 -15.14 -1.46 16.41
C TYR A 104 -14.62 -0.83 15.12
N ILE A 105 -14.34 -1.69 14.13
CA ILE A 105 -13.84 -1.28 12.83
C ILE A 105 -14.84 -1.69 11.75
N ARG A 106 -14.80 -0.99 10.63
CA ARG A 106 -15.76 -1.19 9.55
C ARG A 106 -15.19 -2.12 8.46
N LYS A 107 -16.04 -3.03 8.00
CA LYS A 107 -15.75 -3.94 6.88
C LYS A 107 -16.97 -3.83 5.97
N ASP A 108 -16.88 -2.97 4.97
CA ASP A 108 -18.04 -2.70 4.13
C ASP A 108 -18.50 -3.99 3.48
N GLY A 109 -19.80 -4.28 3.60
CA GLY A 109 -20.41 -5.41 2.92
C GLY A 109 -20.42 -6.72 3.68
N GLU A 110 -19.85 -6.76 4.90
CA GLU A 110 -19.73 -7.97 5.70
C GLU A 110 -20.53 -7.77 6.98
N ARG A 111 -21.69 -8.38 7.04
CA ARG A 111 -22.59 -8.15 8.17
C ARG A 111 -22.11 -8.92 9.41
N ASN A 112 -21.91 -8.21 10.52
CA ASN A 112 -21.47 -8.78 11.77
C ASN A 112 -22.63 -9.49 12.44
N PRO A 113 -22.55 -10.81 12.67
CA PRO A 113 -23.69 -11.54 13.26
C PRO A 113 -24.07 -11.08 14.66
N GLU A 114 -23.28 -10.23 15.30
CA GLU A 114 -23.73 -9.62 16.55
C GLU A 114 -25.02 -8.84 16.37
N VAL A 115 -25.31 -8.34 15.15
CA VAL A 115 -26.54 -7.60 14.92
C VAL A 115 -27.73 -8.36 15.49
N TYR A 116 -27.71 -9.69 15.39
CA TYR A 116 -28.86 -10.50 15.81
C TYR A 116 -28.99 -10.62 17.32
N GLU A 117 -28.00 -10.14 18.08
CA GLU A 117 -28.19 -10.04 19.52
C GLU A 117 -29.05 -8.86 19.91
N TYR A 118 -29.51 -8.04 18.93
CA TYR A 118 -30.39 -6.92 19.23
C TYR A 118 -31.80 -7.27 18.77
N PRO A 119 -32.71 -7.66 19.67
CA PRO A 119 -33.97 -8.28 19.20
C PRO A 119 -34.77 -7.42 18.22
N GLU A 120 -34.77 -6.10 18.40
CA GLU A 120 -35.60 -5.24 17.55
C GLU A 120 -35.17 -5.26 16.10
N ARG A 121 -33.94 -5.66 15.80
CA ARG A 121 -33.51 -5.74 14.41
C ARG A 121 -34.44 -6.61 13.57
N GLU A 122 -34.62 -7.87 13.97
CA GLU A 122 -35.55 -8.74 13.26
C GLU A 122 -37.00 -8.56 13.71
N ASN A 123 -37.24 -8.10 14.94
CA ASN A 123 -38.62 -7.96 15.41
C ASN A 123 -39.35 -6.82 14.69
N ALA A 124 -38.67 -5.71 14.39
CA ALA A 124 -39.32 -4.65 13.62
C ALA A 124 -39.62 -5.13 12.20
N ASN A 125 -38.78 -6.01 11.65
CA ASN A 125 -39.06 -6.59 10.34
C ASN A 125 -40.30 -7.49 10.38
N ARG A 126 -40.43 -8.29 11.46
CA ARG A 126 -41.57 -9.20 11.61
C ARG A 126 -42.85 -8.44 11.86
N PHE A 127 -42.81 -7.49 12.81
CA PHE A 127 -43.95 -6.62 13.04
C PHE A 127 -44.39 -5.91 11.75
N GLY A 128 -43.42 -5.33 11.03
CA GLY A 128 -43.75 -4.62 9.80
C GLY A 128 -44.46 -5.50 8.79
N ASP A 129 -43.94 -6.72 8.60
CA ASP A 129 -44.59 -7.67 7.71
C ASP A 129 -46.03 -7.95 8.16
N ALA A 130 -46.21 -8.20 9.46
CA ALA A 130 -47.53 -8.57 9.97
C ALA A 130 -48.54 -7.44 9.77
N ALA A 131 -48.17 -6.21 10.15
CA ALA A 131 -49.11 -5.09 10.04
C ALA A 131 -49.41 -4.76 8.59
N TYR A 132 -48.40 -4.85 7.73
CA TYR A 132 -48.59 -4.50 6.32
C TYR A 132 -49.50 -5.51 5.65
N CYS A 133 -49.27 -6.80 5.93
CA CYS A 133 -50.08 -7.85 5.33
C CYS A 133 -51.52 -7.75 5.78
N LEU A 134 -51.73 -7.60 7.09
CA LEU A 134 -53.09 -7.54 7.64
C LEU A 134 -53.80 -6.27 7.18
N GLY A 135 -53.09 -5.16 7.09
CA GLY A 135 -53.73 -3.92 6.67
C GLY A 135 -54.20 -3.95 5.23
N VAL A 136 -53.39 -4.53 4.35
CA VAL A 136 -53.75 -4.60 2.93
C VAL A 136 -54.93 -5.56 2.74
N LEU A 137 -54.88 -6.73 3.38
CA LEU A 137 -56.00 -7.67 3.27
C LEU A 137 -57.29 -7.09 3.87
N TYR A 138 -57.20 -6.25 4.89
CA TYR A 138 -58.40 -5.59 5.34
C TYR A 138 -58.93 -4.65 4.27
N TYR A 139 -58.04 -3.87 3.64
CA TYR A 139 -58.47 -2.98 2.59
C TYR A 139 -59.15 -3.75 1.44
N ILE A 140 -58.67 -4.96 1.15
CA ILE A 140 -59.12 -5.66 -0.05
C ILE A 140 -60.42 -6.42 0.20
N THR A 141 -60.56 -7.03 1.37
CA THR A 141 -61.70 -7.90 1.65
C THR A 141 -62.77 -7.28 2.54
N GLY A 142 -62.43 -6.24 3.29
CA GLY A 142 -63.35 -5.69 4.25
C GLY A 142 -63.56 -6.51 5.50
N LYS A 143 -62.97 -7.71 5.60
CA LYS A 143 -63.17 -8.57 6.77
C LYS A 143 -62.55 -7.95 8.02
N GLU A 144 -63.37 -7.75 9.05
CA GLU A 144 -62.93 -7.08 10.27
C GLU A 144 -61.83 -7.86 10.99
N VAL A 145 -61.74 -9.17 10.77
CA VAL A 145 -60.76 -9.95 11.51
C VAL A 145 -59.35 -9.46 11.18
N TYR A 146 -59.14 -8.93 9.98
CA TYR A 146 -57.84 -8.42 9.56
C TYR A 146 -57.54 -7.07 10.21
N ALA A 147 -58.52 -6.17 10.28
CA ALA A 147 -58.34 -4.93 11.03
C ALA A 147 -58.04 -5.23 12.49
N LYS A 148 -58.79 -6.15 13.10
CA LYS A 148 -58.62 -6.43 14.52
C LYS A 148 -57.20 -6.88 14.81
N ALA A 149 -56.66 -7.74 13.95
CA ALA A 149 -55.30 -8.22 14.14
C ALA A 149 -54.27 -7.12 13.82
N CYS A 150 -54.46 -6.40 12.71
CA CYS A 150 -53.53 -5.30 12.40
C CYS A 150 -53.48 -4.32 13.56
N ALA A 151 -54.66 -3.98 14.10
CA ALA A 151 -54.74 -3.04 15.21
C ALA A 151 -53.94 -3.54 16.41
N ASN A 152 -54.02 -4.85 16.69
CA ASN A 152 -53.28 -5.39 17.83
C ASN A 152 -51.78 -5.19 17.66
N HIS A 153 -51.27 -5.42 16.45
CA HIS A 153 -49.86 -5.19 16.19
C HIS A 153 -49.51 -3.71 16.31
N LEU A 154 -50.29 -2.84 15.67
CA LEU A 154 -50.01 -1.40 15.71
C LEU A 154 -50.03 -0.89 17.15
N ARG A 155 -51.07 -1.25 17.91
CA ARG A 155 -51.17 -0.79 19.29
C ARG A 155 -49.92 -1.16 20.08
N THR A 156 -49.47 -2.41 19.98
CA THR A 156 -48.40 -2.86 20.86
C THR A 156 -47.08 -2.23 20.46
N TRP A 157 -46.78 -2.19 19.15
CA TRP A 157 -45.49 -1.69 18.71
C TRP A 157 -45.35 -0.18 18.92
N PHE A 158 -46.41 0.58 18.62
CA PHE A 158 -46.34 2.03 18.57
C PHE A 158 -46.76 2.74 19.86
N THR A 159 -48.01 2.57 20.33
CA THR A 159 -48.67 3.53 21.22
C THR A 159 -48.86 3.08 22.66
N ASP A 160 -48.81 1.76 22.95
CA ASP A 160 -48.94 1.21 24.31
C ASP A 160 -48.05 1.99 25.26
N PRO A 161 -48.57 2.42 26.41
CA PRO A 161 -47.74 3.21 27.35
C PRO A 161 -46.63 2.41 28.00
N LYS A 162 -46.58 1.08 27.83
CA LYS A 162 -45.49 0.26 28.36
C LYS A 162 -44.66 -0.40 27.27
N LEU A 163 -45.31 -0.93 26.23
CA LEU A 163 -44.63 -1.70 25.22
C LEU A 163 -44.30 -0.91 23.97
N GLY A 164 -44.91 0.25 23.76
CA GLY A 164 -44.68 1.02 22.54
C GLY A 164 -43.28 1.62 22.48
N MET A 165 -42.71 1.68 21.28
CA MET A 165 -41.38 2.30 21.18
C MET A 165 -41.48 3.80 21.37
N ASN A 166 -40.46 4.37 22.02
CA ASN A 166 -40.37 5.83 22.05
C ASN A 166 -40.20 6.35 20.62
N PRO A 167 -40.75 7.52 20.33
CA PRO A 167 -40.69 8.05 18.94
C PRO A 167 -39.37 8.75 18.62
N ASN A 168 -38.29 7.97 18.53
CA ASN A 168 -36.97 8.47 18.17
C ASN A 168 -36.15 7.32 17.59
N MET A 169 -35.03 7.67 16.97
CA MET A 169 -34.07 6.66 16.54
C MET A 169 -32.68 6.96 17.08
N THR A 170 -32.62 7.53 18.28
CA THR A 170 -31.36 7.93 18.89
C THR A 170 -30.30 6.83 18.86
N TYR A 171 -30.65 5.62 19.30
CA TYR A 171 -29.67 4.55 19.45
C TYR A 171 -29.73 3.53 18.32
N ALA A 172 -30.30 3.88 17.17
CA ALA A 172 -30.27 2.95 16.05
C ALA A 172 -28.86 2.89 15.49
N GLN A 173 -28.41 1.67 15.18
CA GLN A 173 -27.07 1.41 14.66
C GLN A 173 -25.98 2.09 15.47
N ALA A 174 -26.06 1.90 16.79
CA ALA A 174 -24.90 2.22 17.62
C ALA A 174 -23.68 1.43 17.15
N VAL A 175 -22.51 1.95 17.51
CA VAL A 175 -21.23 1.32 17.19
C VAL A 175 -20.34 1.37 18.42
N PRO A 176 -20.00 0.22 19.02
CA PRO A 176 -19.19 0.21 20.24
C PRO A 176 -17.84 0.87 20.03
N GLY A 177 -17.46 1.74 20.97
CA GLY A 177 -16.25 2.52 20.90
C GLY A 177 -16.30 3.78 20.07
N MET A 178 -17.38 4.00 19.30
CA MET A 178 -17.39 5.16 18.42
C MET A 178 -17.75 6.41 19.24
N LYS A 179 -17.01 7.48 18.97
CA LYS A 179 -17.05 8.63 19.87
C LYS A 179 -18.22 9.56 19.53
N LYS A 180 -18.40 9.84 18.24
CA LYS A 180 -19.42 10.76 17.77
C LYS A 180 -20.79 10.08 17.61
N MET A 181 -21.82 10.87 17.88
CA MET A 181 -23.19 10.49 17.56
C MET A 181 -23.39 10.44 16.05
N ARG A 182 -24.17 9.47 15.59
CA ARG A 182 -24.44 9.33 14.17
C ARG A 182 -25.94 9.19 13.95
N GLY A 183 -26.36 9.48 12.72
CA GLY A 183 -27.75 9.38 12.36
C GLY A 183 -28.01 8.36 11.27
N SER A 184 -26.99 7.59 10.87
CA SER A 184 -27.16 6.56 9.83
C SER A 184 -28.17 5.49 10.23
N GLY A 185 -28.34 5.21 11.51
CA GLY A 185 -29.30 4.19 11.91
C GLY A 185 -30.74 4.51 11.54
N PHE A 186 -31.03 5.79 11.25
CA PHE A 186 -32.40 6.17 10.95
C PHE A 186 -33.00 5.32 9.83
N ILE A 187 -32.17 4.86 8.89
CA ILE A 187 -32.63 4.01 7.81
C ILE A 187 -33.34 2.73 8.30
N ASP A 188 -33.09 2.31 9.55
CA ASP A 188 -33.84 1.17 10.11
C ASP A 188 -35.34 1.44 10.16
N SER A 189 -35.75 2.71 10.20
CA SER A 189 -37.14 3.10 10.35
C SER A 189 -38.05 2.58 9.24
N ARG A 190 -37.51 2.36 8.04
CA ARG A 190 -38.34 1.86 6.96
C ARG A 190 -39.02 0.55 7.30
N ARG A 191 -38.51 -0.19 8.30
CA ARG A 191 -39.15 -1.42 8.75
C ARG A 191 -40.54 -1.16 9.31
N PHE A 192 -40.65 -0.24 10.27
CA PHE A 192 -41.96 0.03 10.87
C PHE A 192 -42.74 1.18 10.22
N SER A 193 -42.08 2.00 9.38
CA SER A 193 -42.77 3.16 8.82
C SER A 193 -43.78 2.76 7.75
N ARG A 194 -43.52 1.69 6.97
CA ARG A 194 -44.56 1.13 6.10
C ARG A 194 -45.77 0.70 6.91
N ALA A 195 -45.55 0.05 8.05
CA ALA A 195 -46.66 -0.34 8.91
C ALA A 195 -47.40 0.90 9.40
N LEU A 196 -46.66 1.93 9.81
CA LEU A 196 -47.31 3.17 10.23
C LEU A 196 -48.26 3.68 9.17
N GLY A 197 -47.84 3.62 7.90
CA GLY A 197 -48.66 4.14 6.84
C GLY A 197 -49.87 3.28 6.54
N VAL A 198 -49.76 1.97 6.79
CA VAL A 198 -50.85 1.04 6.48
C VAL A 198 -51.96 1.16 7.51
N ALA A 199 -51.65 1.67 8.70
CA ALA A 199 -52.69 1.93 9.71
C ALA A 199 -53.83 2.75 9.12
N LYS A 200 -53.52 3.59 8.13
CA LYS A 200 -54.57 4.40 7.54
CA LYS A 200 -54.54 4.40 7.48
C LYS A 200 -55.60 3.54 6.82
N LEU A 201 -55.24 2.32 6.39
CA LEU A 201 -56.20 1.43 5.73
C LEU A 201 -57.21 0.83 6.69
N ILE A 202 -56.91 0.80 7.99
CA ILE A 202 -57.86 0.22 8.93
C ILE A 202 -58.68 1.26 9.65
N GLU A 203 -58.53 2.53 9.28
CA GLU A 203 -59.42 3.56 9.80
C GLU A 203 -60.83 3.30 9.26
N GLY A 204 -61.82 3.47 10.13
CA GLY A 204 -63.20 3.15 9.80
C GLY A 204 -63.62 1.75 10.18
N SER A 205 -62.67 0.84 10.39
CA SER A 205 -62.99 -0.47 10.96
C SER A 205 -63.60 -0.30 12.35
N LYS A 206 -64.22 -1.39 12.84
CA LYS A 206 -64.74 -1.38 14.20
C LYS A 206 -63.61 -1.51 15.22
N SER A 207 -62.48 -2.11 14.84
CA SER A 207 -61.39 -2.35 15.79
C SER A 207 -60.49 -1.12 15.96
N TRP A 208 -60.39 -0.23 14.98
CA TRP A 208 -59.54 0.95 15.08
C TRP A 208 -60.39 2.10 15.59
N THR A 209 -60.35 2.31 16.91
CA THR A 209 -61.21 3.29 17.56
C THR A 209 -60.66 4.69 17.33
N PRO A 210 -61.50 5.73 17.52
CA PRO A 210 -60.97 7.10 17.49
C PRO A 210 -59.85 7.33 18.48
N SER A 211 -59.96 6.72 19.66
CA SER A 211 -58.88 6.82 20.65
C SER A 211 -57.59 6.16 20.14
N ASP A 212 -57.72 5.03 19.44
CA ASP A 212 -56.55 4.42 18.82
C ASP A 212 -55.91 5.35 17.80
N LYS A 213 -56.73 6.02 16.99
CA LYS A 213 -56.19 6.92 15.97
C LYS A 213 -55.47 8.10 16.59
N LYS A 214 -56.01 8.65 17.68
CA LYS A 214 -55.39 9.84 18.23
C LYS A 214 -53.99 9.53 18.76
N LYS A 215 -53.86 8.41 19.47
CA LYS A 215 -52.58 8.02 20.04
C LYS A 215 -51.52 7.83 18.96
N LEU A 216 -51.90 7.20 17.85
CA LEU A 216 -50.93 6.95 16.78
C LEU A 216 -50.59 8.24 16.06
N ASP A 217 -51.61 9.05 15.74
CA ASP A 217 -51.39 10.40 15.23
C ASP A 217 -50.39 11.14 16.11
N ASP A 218 -50.60 11.11 17.43
CA ASP A 218 -49.70 11.85 18.31
C ASP A 218 -48.30 11.23 18.29
N TRP A 219 -48.22 9.90 18.21
CA TRP A 219 -46.92 9.27 18.10
C TRP A 219 -46.24 9.67 16.80
N ALA A 220 -46.98 9.63 15.70
CA ALA A 220 -46.40 9.96 14.41
C ALA A 220 -45.98 11.43 14.37
N THR A 221 -46.75 12.30 15.02
CA THR A 221 -46.38 13.70 15.16
C THR A 221 -45.09 13.85 15.96
N ALA A 222 -44.98 13.12 17.08
CA ALA A 222 -43.74 13.16 17.86
C ALA A 222 -42.58 12.59 17.05
N PHE A 223 -42.84 11.55 16.23
CA PHE A 223 -41.76 10.93 15.47
C PHE A 223 -41.32 11.84 14.33
N CYS A 224 -42.27 12.43 13.61
CA CYS A 224 -41.95 13.39 12.56
C CYS A 224 -41.15 14.57 13.12
N TYR A 225 -41.54 15.08 14.31
CA TYR A 225 -40.78 16.17 14.91
C TYR A 225 -39.32 15.76 15.12
N TRP A 226 -39.11 14.58 15.74
CA TRP A 226 -37.76 14.12 16.06
C TRP A 226 -36.91 14.00 14.80
N MET A 227 -37.45 13.36 13.76
CA MET A 227 -36.68 13.15 12.53
C MET A 227 -36.43 14.45 11.78
N GLU A 228 -37.25 15.48 12.00
CA GLU A 228 -37.00 16.76 11.33
C GLU A 228 -36.14 17.71 12.15
N ASN A 229 -36.05 17.54 13.48
CA ASN A 229 -35.38 18.56 14.31
C ASN A 229 -34.21 18.05 15.14
N SER A 230 -34.12 16.77 15.47
CA SER A 230 -32.93 16.30 16.17
C SER A 230 -31.72 16.48 15.28
N THR A 231 -30.54 16.56 15.90
CA THR A 231 -29.30 16.62 15.13
C THR A 231 -29.14 15.39 14.24
N GLN A 232 -29.50 14.20 14.75
CA GLN A 232 -29.33 12.98 13.96
C GLN A 232 -30.21 12.99 12.73
N GLY A 233 -31.46 13.43 12.89
CA GLY A 233 -32.37 13.42 11.76
C GLY A 233 -32.06 14.52 10.77
N GLN A 234 -31.53 15.66 11.25
CA GLN A 234 -31.08 16.69 10.33
C GLN A 234 -29.94 16.17 9.48
N ARG A 235 -28.91 15.60 10.13
CA ARG A 235 -27.75 15.12 9.40
C ARG A 235 -28.15 14.04 8.41
N GLU A 236 -29.02 13.12 8.81
CA GLU A 236 -29.46 12.12 7.85
C GLU A 236 -30.24 12.75 6.70
N SER A 237 -31.00 13.82 6.96
CA SER A 237 -31.69 14.48 5.86
C SER A 237 -30.72 15.08 4.84
N HIS A 238 -29.46 15.28 5.21
CA HIS A 238 -28.46 15.84 4.29
C HIS A 238 -27.45 14.81 3.76
N ALA A 239 -27.61 13.53 4.10
CA ALA A 239 -26.70 12.50 3.64
C ALA A 239 -26.68 12.45 2.11
N ALA A 240 -25.50 12.17 1.56
CA ALA A 240 -25.24 12.37 0.14
C ALA A 240 -25.40 11.11 -0.69
N ASN A 241 -25.86 10.01 -0.11
CA ASN A 241 -25.99 8.73 -0.80
C ASN A 241 -27.40 8.16 -0.57
N ASN A 242 -27.53 6.84 -0.73
CA ASN A 242 -28.84 6.21 -0.62
C ASN A 242 -29.53 6.52 0.70
N HIS A 243 -28.74 6.81 1.75
CA HIS A 243 -29.35 7.14 3.04
C HIS A 243 -30.22 8.40 2.94
N GLY A 244 -29.76 9.41 2.20
CA GLY A 244 -30.55 10.62 2.05
C GLY A 244 -31.85 10.35 1.33
N LEU A 245 -31.82 9.46 0.33
CA LEU A 245 -33.03 9.10 -0.39
C LEU A 245 -33.98 8.30 0.51
N TRP A 246 -33.45 7.38 1.33
CA TRP A 246 -34.29 6.56 2.21
C TRP A 246 -34.88 7.40 3.34
N TYR A 247 -34.12 8.36 3.86
CA TYR A 247 -34.68 9.27 4.83
C TYR A 247 -35.94 9.93 4.26
N GLU A 248 -35.87 10.39 3.01
CA GLU A 248 -37.04 11.06 2.48
C GLU A 248 -38.17 10.09 2.18
N ALA A 249 -37.84 8.87 1.73
CA ALA A 249 -38.83 7.82 1.60
C ALA A 249 -39.58 7.58 2.91
N ILE A 250 -38.85 7.58 4.04
CA ILE A 250 -39.50 7.37 5.34
C ILE A 250 -40.31 8.60 5.73
N HIS A 251 -39.69 9.79 5.63
CA HIS A 251 -40.40 11.06 5.79
C HIS A 251 -41.74 11.06 5.05
N LEU A 252 -41.76 10.64 3.79
CA LEU A 252 -43.00 10.68 3.04
C LEU A 252 -44.04 9.76 3.66
N MET A 253 -43.63 8.57 4.14
CA MET A 253 -44.60 7.69 4.78
C MET A 253 -45.19 8.35 6.03
N VAL A 254 -44.34 8.99 6.83
CA VAL A 254 -44.82 9.65 8.04
C VAL A 254 -45.76 10.80 7.67
N LEU A 255 -45.35 11.63 6.71
CA LEU A 255 -46.20 12.75 6.30
C LEU A 255 -47.49 12.23 5.67
N ALA A 256 -47.42 11.17 4.87
CA ALA A 256 -48.63 10.65 4.24
C ALA A 256 -49.60 10.14 5.28
N TYR A 257 -49.09 9.47 6.32
CA TYR A 257 -49.96 9.02 7.39
C TYR A 257 -50.67 10.19 8.05
N LEU A 258 -49.97 11.31 8.22
CA LEU A 258 -50.50 12.48 8.88
C LEU A 258 -51.25 13.41 7.94
N ASP A 259 -51.46 12.99 6.69
CA ASP A 259 -52.26 13.71 5.71
C ASP A 259 -51.68 15.06 5.33
N ARG A 260 -50.38 15.25 5.51
CA ARG A 260 -49.73 16.52 5.18
C ARG A 260 -49.25 16.49 3.73
N THR A 261 -50.21 16.50 2.80
CA THR A 261 -49.85 16.40 1.38
C THR A 261 -49.06 17.60 0.87
N ASP A 262 -49.16 18.78 1.52
CA ASP A 262 -48.32 19.89 1.05
C ASP A 262 -46.87 19.71 1.46
N ARG A 263 -46.62 19.10 2.63
CA ARG A 263 -45.26 18.75 3.03
C ARG A 263 -44.66 17.73 2.07
N ILE A 264 -45.48 16.82 1.56
CA ILE A 264 -44.98 15.86 0.58
C ILE A 264 -44.51 16.59 -0.69
N ARG A 265 -45.30 17.54 -1.18
CA ARG A 265 -44.85 18.35 -2.32
C ARG A 265 -43.59 19.12 -1.99
N GLU A 266 -43.51 19.74 -0.80
CA GLU A 266 -42.30 20.48 -0.43
C GLU A 266 -41.08 19.56 -0.35
N VAL A 267 -41.22 18.40 0.30
CA VAL A 267 -40.09 17.49 0.43
C VAL A 267 -39.62 17.02 -0.95
N ALA A 268 -40.56 16.67 -1.84
CA ALA A 268 -40.18 16.18 -3.16
C ALA A 268 -39.37 17.20 -3.93
N GLU A 269 -39.78 18.47 -3.85
CA GLU A 269 -39.14 19.50 -4.66
CA GLU A 269 -39.16 19.53 -4.64
C GLU A 269 -37.92 20.11 -3.96
N GLN A 270 -37.91 20.15 -2.63
CA GLN A 270 -36.78 20.76 -1.93
C GLN A 270 -35.72 19.77 -1.46
N SER A 271 -35.99 18.47 -1.48
CA SER A 271 -35.00 17.51 -1.00
C SER A 271 -34.81 16.32 -1.94
N ILE A 272 -35.88 15.64 -2.33
CA ILE A 272 -35.70 14.42 -3.14
C ILE A 272 -35.13 14.76 -4.51
N LEU A 273 -35.71 15.75 -5.18
CA LEU A 273 -35.25 16.03 -6.55
C LEU A 273 -33.83 16.59 -6.55
N PRO A 274 -33.49 17.53 -5.65
CA PRO A 274 -32.07 17.92 -5.53
C PRO A 274 -31.14 16.74 -5.30
N LYS A 275 -31.50 15.80 -4.42
CA LYS A 275 -30.63 14.66 -4.12
C LYS A 275 -30.46 13.78 -5.33
N MET A 276 -31.56 13.58 -6.05
CA MET A 276 -31.48 12.81 -7.27
C MET A 276 -30.60 13.53 -8.29
N GLY A 277 -30.64 14.87 -8.30
CA GLY A 277 -29.82 15.64 -9.23
C GLY A 277 -28.35 15.62 -8.92
N ALA A 278 -28.00 15.47 -7.63
CA ALA A 278 -26.63 15.39 -7.19
C ALA A 278 -26.06 13.99 -7.28
N GLN A 279 -26.87 12.96 -7.01
CA GLN A 279 -26.37 11.59 -6.88
C GLN A 279 -26.36 10.81 -8.18
N ILE A 280 -27.09 11.25 -9.19
CA ILE A 280 -26.96 10.66 -10.51
C ILE A 280 -25.88 11.43 -11.26
N ALA A 281 -24.99 10.69 -11.91
CA ALA A 281 -23.95 11.27 -12.75
C ALA A 281 -24.45 11.39 -14.18
N ASP A 282 -23.67 12.08 -15.01
CA ASP A 282 -24.13 12.38 -16.37
C ASP A 282 -24.40 11.10 -17.17
N ASP A 283 -23.67 10.03 -16.90
CA ASP A 283 -23.90 8.77 -17.60
C ASP A 283 -24.98 7.91 -16.93
N GLY A 284 -25.61 8.42 -15.88
CA GLY A 284 -26.68 7.72 -15.19
C GLY A 284 -26.24 6.80 -14.07
N SER A 285 -24.95 6.71 -13.78
CA SER A 285 -24.48 5.90 -12.68
C SER A 285 -24.66 6.63 -11.36
N LEU A 286 -24.66 5.86 -10.26
CA LEU A 286 -24.73 6.46 -8.93
C LEU A 286 -23.36 6.34 -8.27
N PRO A 287 -22.48 7.35 -8.45
CA PRO A 287 -21.08 7.22 -8.02
C PRO A 287 -20.93 6.90 -6.55
N GLN A 288 -21.82 7.43 -5.70
CA GLN A 288 -21.70 7.19 -4.26
C GLN A 288 -21.89 5.73 -3.93
N GLU A 289 -22.65 5.01 -4.75
CA GLU A 289 -22.85 3.58 -4.54
C GLU A 289 -21.80 2.76 -5.28
N LEU A 290 -21.22 3.33 -6.34
CA LEU A 290 -20.18 2.63 -7.08
C LEU A 290 -18.94 2.35 -6.24
N LYS A 291 -18.72 3.10 -5.15
CA LYS A 291 -17.55 2.89 -4.33
C LYS A 291 -17.75 1.84 -3.23
N ARG A 292 -18.90 1.19 -3.17
CA ARG A 292 -19.18 0.24 -2.10
C ARG A 292 -18.73 -1.15 -2.50
N THR A 293 -18.58 -2.02 -1.49
CA THR A 293 -18.22 -3.40 -1.82
C THR A 293 -19.40 -4.16 -2.38
N LEU A 294 -20.63 -3.68 -2.18
CA LEU A 294 -21.78 -4.29 -2.86
C LEU A 294 -22.41 -3.22 -3.77
N SER A 295 -21.66 -2.79 -4.79
CA SER A 295 -22.05 -1.60 -5.54
C SER A 295 -23.33 -1.82 -6.36
N LEU A 296 -23.58 -3.05 -6.81
CA LEU A 296 -24.83 -3.28 -7.54
C LEU A 296 -26.03 -3.32 -6.60
N ASN A 297 -25.82 -3.85 -5.38
CA ASN A 297 -26.87 -3.82 -4.36
C ASN A 297 -27.26 -2.39 -4.02
N TYR A 298 -26.27 -1.53 -3.81
CA TYR A 298 -26.50 -0.18 -3.30
C TYR A 298 -26.98 0.78 -4.37
N SER A 299 -26.57 0.56 -5.62
CA SER A 299 -27.22 1.24 -6.74
C SER A 299 -28.71 0.93 -6.73
N THR A 300 -29.05 -0.35 -6.64
CA THR A 300 -30.45 -0.77 -6.62
C THR A 300 -31.15 -0.28 -5.35
N PHE A 301 -30.42 -0.23 -4.23
CA PHE A 301 -31.02 0.20 -2.98
C PHE A 301 -31.45 1.66 -3.06
N ALA A 302 -30.61 2.51 -3.69
CA ALA A 302 -30.97 3.90 -3.90
C ALA A 302 -32.23 4.01 -4.75
N LEU A 303 -32.31 3.25 -5.84
CA LEU A 303 -33.50 3.31 -6.68
C LEU A 303 -34.72 2.75 -5.96
N GLU A 304 -34.52 1.80 -5.04
CA GLU A 304 -35.66 1.33 -4.24
C GLU A 304 -36.19 2.44 -3.32
N ALA A 305 -35.30 3.31 -2.81
CA ALA A 305 -35.78 4.42 -2.00
C ALA A 305 -36.61 5.37 -2.85
N LEU A 306 -36.18 5.61 -4.11
CA LEU A 306 -36.99 6.39 -5.04
C LEU A 306 -38.31 5.70 -5.34
N MET A 307 -38.28 4.38 -5.54
CA MET A 307 -39.52 3.64 -5.85
C MET A 307 -40.56 3.81 -4.74
N GLU A 308 -40.14 3.66 -3.49
CA GLU A 308 -41.11 3.76 -2.41
C GLU A 308 -41.58 5.19 -2.23
N ALA A 309 -40.69 6.16 -2.40
CA ALA A 309 -41.10 7.57 -2.40
C ALA A 309 -42.12 7.83 -3.49
N ASN A 310 -41.88 7.32 -4.70
CA ASN A 310 -42.76 7.61 -5.82
C ASN A 310 -44.15 7.02 -5.65
N GLN A 311 -44.25 5.85 -5.01
CA GLN A 311 -45.55 5.25 -4.73
C GLN A 311 -46.45 6.24 -3.99
N ILE A 312 -45.86 7.02 -3.09
CA ILE A 312 -46.61 8.02 -2.36
C ILE A 312 -46.83 9.27 -3.20
N THR A 313 -45.74 9.83 -3.77
CA THR A 313 -45.86 11.12 -4.46
C THR A 313 -46.79 11.01 -5.66
N SER A 314 -46.76 9.86 -6.36
CA SER A 314 -47.57 9.77 -7.56
C SER A 314 -49.06 9.65 -7.24
N GLN A 315 -49.40 9.38 -5.98
CA GLN A 315 -50.80 9.42 -5.56
C GLN A 315 -51.30 10.86 -5.46
N ILE A 316 -50.41 11.84 -5.36
CA ILE A 316 -50.81 13.24 -5.42
C ILE A 316 -50.28 13.94 -6.68
N GLY A 317 -49.98 13.18 -7.74
CA GLY A 317 -49.69 13.74 -9.06
C GLY A 317 -48.24 14.07 -9.36
N ILE A 318 -47.28 13.52 -8.60
CA ILE A 318 -45.85 13.83 -8.74
C ILE A 318 -45.12 12.56 -9.13
N ASN A 319 -44.58 12.52 -10.35
CA ASN A 319 -43.93 11.31 -10.88
C ASN A 319 -42.41 11.44 -10.74
N LEU A 320 -41.85 10.79 -9.72
CA LEU A 320 -40.43 10.98 -9.39
C LEU A 320 -39.50 10.24 -10.33
N TRP A 321 -40.03 9.42 -11.25
CA TRP A 321 -39.16 8.78 -12.25
C TRP A 321 -38.86 9.71 -13.42
N SER A 322 -39.77 10.63 -13.76
CA SER A 322 -39.59 11.51 -14.90
C SER A 322 -39.56 12.99 -14.56
N THR A 323 -39.71 13.38 -13.30
CA THR A 323 -39.66 14.79 -12.96
C THR A 323 -38.22 15.23 -12.79
N PRO A 324 -37.72 16.16 -13.59
CA PRO A 324 -36.30 16.52 -13.53
C PRO A 324 -35.96 17.26 -12.25
N ALA A 325 -34.70 17.09 -11.84
CA ALA A 325 -34.09 17.99 -10.88
C ALA A 325 -33.75 19.31 -11.59
N SER A 326 -33.33 20.30 -10.81
CA SER A 326 -33.11 21.63 -11.36
C SER A 326 -32.10 21.61 -12.49
N ASN A 327 -31.22 20.62 -12.52
CA ASN A 327 -30.20 20.54 -13.55
C ASN A 327 -30.59 19.62 -14.70
N GLY A 328 -31.87 19.21 -14.77
CA GLY A 328 -32.34 18.44 -15.90
C GLY A 328 -32.22 16.94 -15.78
N LYS A 329 -31.58 16.42 -14.73
CA LYS A 329 -31.42 14.97 -14.60
C LYS A 329 -32.72 14.32 -14.13
N VAL A 330 -32.99 13.11 -14.61
CA VAL A 330 -34.19 12.38 -14.22
C VAL A 330 -33.84 10.98 -13.75
N ALA A 331 -34.62 10.48 -12.79
CA ALA A 331 -34.25 9.24 -12.11
C ALA A 331 -34.26 8.06 -13.06
N SER A 332 -35.06 8.15 -14.14
CA SER A 332 -35.07 7.14 -15.19
C SER A 332 -33.70 6.95 -15.85
N GLN A 333 -32.80 7.95 -15.78
CA GLN A 333 -31.47 7.75 -16.32
C GLN A 333 -30.72 6.66 -15.56
N ALA A 334 -30.89 6.63 -14.25
CA ALA A 334 -30.20 5.63 -13.43
C ALA A 334 -30.77 4.23 -13.65
N VAL A 335 -32.07 4.13 -13.95
CA VAL A 335 -32.62 2.85 -14.35
C VAL A 335 -32.02 2.41 -15.68
N ASP A 336 -31.92 3.34 -16.64
CA ASP A 336 -31.31 3.04 -17.93
C ASP A 336 -29.92 2.46 -17.75
N TYR A 337 -29.12 3.09 -16.88
CA TYR A 337 -27.76 2.63 -16.65
C TYR A 337 -27.73 1.19 -16.14
N LEU A 338 -28.68 0.84 -15.25
CA LEU A 338 -28.63 -0.45 -14.58
C LEU A 338 -29.32 -1.56 -15.33
N TYR A 339 -30.24 -1.23 -16.25
CA TYR A 339 -31.02 -2.26 -16.92
C TYR A 339 -30.18 -3.36 -17.57
N PRO A 340 -29.12 -3.06 -18.34
CA PRO A 340 -28.29 -4.14 -18.90
C PRO A 340 -27.77 -5.10 -17.84
N PHE A 341 -27.47 -4.60 -16.65
CA PHE A 341 -26.97 -5.46 -15.59
C PHE A 341 -28.10 -6.17 -14.86
N TYR A 342 -29.32 -5.62 -14.84
CA TYR A 342 -30.43 -6.44 -14.32
C TYR A 342 -30.70 -7.61 -15.25
N LEU A 343 -30.47 -7.45 -16.55
CA LEU A 343 -30.58 -8.59 -17.45
C LEU A 343 -29.44 -9.58 -17.21
N ASN A 344 -28.22 -9.05 -16.96
CA ASN A 344 -27.02 -9.86 -16.81
C ASN A 344 -26.16 -9.35 -15.67
N PRO A 345 -26.46 -9.76 -14.43
CA PRO A 345 -25.66 -9.29 -13.29
C PRO A 345 -24.19 -9.63 -13.40
N GLU A 346 -23.84 -10.60 -14.25
CA GLU A 346 -22.45 -11.00 -14.37
C GLU A 346 -21.61 -9.97 -15.11
N ASP A 347 -22.22 -9.14 -15.97
CA ASP A 347 -21.47 -8.10 -16.68
C ASP A 347 -21.09 -6.92 -15.79
N TRP A 348 -21.64 -6.84 -14.57
CA TRP A 348 -21.34 -5.71 -13.70
C TRP A 348 -19.85 -5.63 -13.42
N LYS A 349 -19.25 -4.49 -13.76
CA LYS A 349 -17.82 -4.31 -13.74
C LYS A 349 -17.33 -3.50 -12.54
N PHE A 350 -18.05 -3.54 -11.41
CA PHE A 350 -17.63 -2.86 -10.19
C PHE A 350 -17.71 -3.83 -9.01
N LYS A 351 -17.14 -3.40 -7.88
CA LYS A 351 -16.97 -4.31 -6.75
C LYS A 351 -18.34 -4.81 -6.27
N GLN A 352 -18.46 -6.13 -6.17
CA GLN A 352 -19.72 -6.73 -5.72
C GLN A 352 -19.35 -8.10 -5.10
N ILE A 353 -19.11 -8.09 -3.79
CA ILE A 353 -18.48 -9.20 -3.08
C ILE A 353 -19.49 -10.27 -2.65
N LYS A 354 -20.72 -10.16 -3.13
CA LYS A 354 -21.75 -11.16 -2.89
C LYS A 354 -22.66 -11.18 -4.11
N PRO A 355 -23.37 -12.27 -4.35
CA PRO A 355 -24.21 -12.33 -5.56
C PRO A 355 -25.43 -11.42 -5.44
N PHE A 356 -25.61 -10.59 -6.47
CA PHE A 356 -26.81 -9.78 -6.60
C PHE A 356 -28.05 -10.63 -6.77
N ASP A 357 -29.09 -10.31 -6.01
CA ASP A 357 -30.39 -10.95 -6.14
C ASP A 357 -31.15 -10.32 -7.31
N GLN A 358 -31.13 -11.00 -8.45
CA GLN A 358 -31.80 -10.49 -9.65
C GLN A 358 -33.29 -10.17 -9.41
N SER A 359 -33.96 -10.88 -8.51
CA SER A 359 -35.41 -10.76 -8.38
C SER A 359 -35.86 -9.40 -7.86
N ARG A 360 -34.95 -8.63 -7.24
CA ARG A 360 -35.23 -7.25 -6.85
C ARG A 360 -35.59 -6.38 -8.03
N ALA A 361 -35.11 -6.73 -9.23
CA ALA A 361 -35.43 -5.93 -10.41
C ALA A 361 -36.86 -6.14 -10.89
N ALA A 362 -37.58 -7.18 -10.42
CA ALA A 362 -38.95 -7.36 -10.88
C ALA A 362 -39.83 -6.20 -10.43
N ILE A 363 -39.99 -6.02 -9.12
CA ILE A 363 -40.81 -4.92 -8.64
C ILE A 363 -40.26 -3.60 -9.15
N LEU A 364 -38.93 -3.43 -9.10
CA LEU A 364 -38.32 -2.14 -9.43
C LEU A 364 -38.55 -1.78 -10.90
N LEU A 365 -38.28 -2.71 -11.82
CA LEU A 365 -38.53 -2.48 -13.23
C LEU A 365 -40.02 -2.36 -13.55
N TYR A 366 -40.87 -3.10 -12.83
CA TYR A 366 -42.30 -2.89 -13.03
C TYR A 366 -42.72 -1.49 -12.59
N GLU A 367 -42.25 -1.05 -11.42
CA GLU A 367 -42.63 0.26 -10.90
C GLU A 367 -42.13 1.37 -11.83
N ALA A 368 -40.83 1.36 -12.16
CA ALA A 368 -40.28 2.38 -13.06
C ALA A 368 -40.80 2.22 -14.48
N GLY A 369 -41.01 0.98 -14.92
CA GLY A 369 -41.50 0.76 -16.28
C GLY A 369 -42.87 1.36 -16.52
N THR A 370 -43.82 1.12 -15.61
CA THR A 370 -45.16 1.68 -15.74
C THR A 370 -45.15 3.21 -15.61
N ALA A 371 -44.41 3.76 -14.63
CA ALA A 371 -44.27 5.20 -14.46
C ALA A 371 -43.79 5.90 -15.72
N LEU A 372 -43.13 5.16 -16.62
CA LEU A 372 -42.45 5.71 -17.79
C LEU A 372 -43.05 5.24 -19.11
N GLY A 373 -44.10 4.42 -19.07
CA GLY A 373 -44.60 3.81 -20.28
C GLY A 373 -43.53 3.08 -21.05
N ASN A 374 -42.55 2.52 -20.34
CA ASN A 374 -41.46 1.76 -20.95
C ASN A 374 -41.86 0.28 -20.94
N GLN A 375 -42.39 -0.17 -22.08
CA GLN A 375 -42.90 -1.53 -22.20
C GLN A 375 -41.78 -2.56 -22.09
N LYS A 376 -40.57 -2.19 -22.52
CA LYS A 376 -39.42 -3.09 -22.39
C LYS A 376 -39.14 -3.39 -20.92
N TYR A 377 -39.21 -2.37 -20.06
CA TYR A 377 -39.02 -2.57 -18.62
C TYR A 377 -40.10 -3.48 -18.02
N VAL A 378 -41.37 -3.26 -18.40
CA VAL A 378 -42.45 -4.04 -17.82
C VAL A 378 -42.35 -5.49 -18.28
N ASP A 379 -42.08 -5.71 -19.58
CA ASP A 379 -41.87 -7.06 -20.09
C ASP A 379 -40.76 -7.77 -19.32
N THR A 380 -39.65 -7.07 -19.06
CA THR A 380 -38.54 -7.71 -18.35
C THR A 380 -38.93 -7.98 -16.90
N ALA A 381 -39.71 -7.10 -16.28
CA ALA A 381 -40.18 -7.36 -14.93
C ALA A 381 -41.01 -8.64 -14.87
N LYS A 382 -41.95 -8.81 -15.83
CA LYS A 382 -42.80 -9.99 -15.81
C LYS A 382 -42.02 -11.26 -16.16
N ARG A 383 -41.02 -11.15 -17.04
CA ARG A 383 -40.18 -12.30 -17.36
C ARG A 383 -39.35 -12.73 -16.15
N ILE A 384 -38.72 -11.79 -15.45
CA ILE A 384 -38.05 -12.12 -14.20
C ILE A 384 -39.04 -12.69 -13.19
N GLY A 385 -40.19 -12.01 -13.03
CA GLY A 385 -41.35 -12.55 -12.35
C GLY A 385 -41.24 -12.61 -10.83
N LEU A 386 -42.34 -12.99 -10.21
CA LEU A 386 -42.36 -13.37 -8.81
C LEU A 386 -43.15 -14.66 -8.69
N LYS A 387 -42.83 -15.46 -7.67
CA LYS A 387 -43.51 -16.72 -7.48
C LYS A 387 -44.95 -16.48 -7.04
N TYR A 388 -45.89 -17.18 -7.70
CA TYR A 388 -47.32 -16.99 -7.44
C TYR A 388 -47.65 -17.21 -5.98
N SER A 389 -47.03 -18.21 -5.35
CA SER A 389 -47.38 -18.54 -3.99
C SER A 389 -46.33 -18.08 -2.98
N THR A 390 -45.51 -17.09 -3.31
CA THR A 390 -44.56 -16.59 -2.33
C THR A 390 -45.31 -15.89 -1.20
N SER A 391 -44.77 -15.98 0.00
CA SER A 391 -45.35 -15.34 1.17
C SER A 391 -44.69 -14.00 1.48
N ASP A 392 -43.67 -13.60 0.71
CA ASP A 392 -43.04 -12.30 0.81
C ASP A 392 -44.08 -11.18 0.79
N VAL A 393 -44.30 -10.51 1.92
CA VAL A 393 -45.50 -9.67 2.04
C VAL A 393 -45.40 -8.44 1.17
N GLU A 394 -44.19 -8.00 0.81
CA GLU A 394 -44.03 -6.86 -0.11
C GLU A 394 -44.57 -7.17 -1.49
N THR A 395 -44.65 -8.44 -1.90
CA THR A 395 -45.12 -8.79 -3.24
C THR A 395 -46.64 -8.93 -3.35
N ILE A 396 -47.38 -8.68 -2.26
CA ILE A 396 -48.84 -8.86 -2.27
C ILE A 396 -49.53 -8.09 -3.40
N PRO A 397 -49.24 -6.79 -3.63
CA PRO A 397 -49.94 -6.07 -4.71
C PRO A 397 -49.60 -6.55 -6.12
N TYR A 398 -48.60 -7.40 -6.29
CA TYR A 398 -48.02 -7.64 -7.61
C TYR A 398 -48.46 -8.97 -8.21
N LEU A 399 -49.75 -9.27 -8.12
CA LEU A 399 -50.32 -10.34 -8.94
C LEU A 399 -49.91 -10.18 -10.40
N VAL A 400 -49.78 -8.93 -10.87
CA VAL A 400 -49.40 -8.67 -12.25
C VAL A 400 -48.05 -9.31 -12.64
N LEU A 401 -47.19 -9.56 -11.66
CA LEU A 401 -45.89 -10.20 -11.90
C LEU A 401 -45.88 -11.70 -11.55
N LYS A 402 -47.03 -12.29 -11.24
CA LYS A 402 -47.06 -13.68 -10.80
C LYS A 402 -47.80 -14.59 -11.76
N LYS A 403 -47.91 -14.21 -13.03
CA LYS A 403 -48.75 -14.95 -13.96
C LYS A 403 -47.92 -15.65 -15.04
N SER B 23 8.27 -32.81 26.93
CA SER B 23 7.48 -33.28 25.79
C SER B 23 5.99 -33.16 26.12
N ALA B 24 5.23 -32.44 25.28
CA ALA B 24 3.88 -32.06 25.67
C ALA B 24 2.95 -33.28 25.65
N PRO B 25 1.92 -33.31 26.51
CA PRO B 25 0.88 -34.34 26.39
C PRO B 25 0.30 -34.34 24.98
N LEU B 26 -0.08 -35.53 24.53
CA LEU B 26 -0.72 -35.69 23.23
C LEU B 26 -2.02 -34.88 23.16
N GLY B 27 -2.13 -33.97 22.19
CA GLY B 27 -3.28 -33.10 22.10
C GLY B 27 -3.40 -32.30 20.80
N PRO B 28 -4.49 -31.53 20.66
CA PRO B 28 -4.87 -30.94 19.35
C PRO B 28 -4.28 -29.55 19.09
N PHE B 29 -3.00 -29.57 18.76
CA PHE B 29 -2.18 -28.38 18.66
C PHE B 29 -0.86 -28.80 18.04
N ASN B 30 -0.12 -27.81 17.58
CA ASN B 30 1.22 -28.02 17.07
C ASN B 30 2.12 -28.21 18.29
N ALA B 31 2.43 -29.48 18.61
CA ALA B 31 3.17 -29.73 19.83
C ALA B 31 4.58 -29.16 19.77
N THR B 32 5.18 -29.05 18.59
CA THR B 32 6.54 -28.50 18.48
C THR B 32 6.56 -27.04 18.90
N LEU B 33 5.64 -26.24 18.34
CA LEU B 33 5.58 -24.83 18.72
C LEU B 33 5.24 -24.67 20.21
N LEU B 34 4.34 -25.49 20.74
CA LEU B 34 3.93 -25.32 22.13
C LEU B 34 5.07 -25.61 23.09
N GLU B 35 5.81 -26.69 22.83
CA GLU B 35 6.97 -27.03 23.65
C GLU B 35 8.03 -25.95 23.54
N GLN B 36 8.20 -25.40 22.34
CA GLN B 36 9.10 -24.27 22.14
C GLN B 36 8.70 -23.11 23.03
N LEU B 37 7.40 -22.74 23.01
CA LEU B 37 6.98 -21.58 23.81
C LEU B 37 7.19 -21.83 25.29
N LYS B 38 6.80 -23.01 25.78
CA LYS B 38 6.91 -23.27 27.21
C LYS B 38 8.36 -23.30 27.65
N ASN B 39 9.23 -23.88 26.81
CA ASN B 39 10.65 -23.93 27.12
C ASN B 39 11.26 -22.54 27.19
N ASP B 40 11.09 -21.75 26.13
CA ASP B 40 11.60 -20.38 26.14
C ASP B 40 10.99 -19.56 27.25
N TYR B 41 9.73 -19.84 27.60
CA TYR B 41 9.12 -19.10 28.70
C TYR B 41 9.84 -19.40 30.01
N GLN B 42 10.08 -20.68 30.29
CA GLN B 42 10.74 -21.09 31.53
C GLN B 42 12.17 -20.56 31.61
N LYS B 43 12.89 -20.50 30.48
CA LYS B 43 14.24 -19.94 30.45
C LYS B 43 14.25 -18.42 30.56
N GLY B 44 13.09 -17.75 30.48
CA GLY B 44 13.01 -16.31 30.60
C GLY B 44 13.39 -15.51 29.38
N GLU B 45 13.36 -16.10 28.17
CA GLU B 45 13.61 -15.35 26.95
C GLU B 45 12.63 -14.20 26.82
N LYS B 46 13.15 -12.99 26.53
CA LYS B 46 12.34 -11.79 26.59
C LYS B 46 11.24 -11.80 25.52
N GLU B 47 11.59 -12.16 24.30
CA GLU B 47 10.65 -12.04 23.19
C GLU B 47 9.43 -12.95 23.42
N VAL B 48 9.66 -14.13 23.99
CA VAL B 48 8.57 -15.04 24.27
C VAL B 48 7.83 -14.61 25.53
N THR B 49 8.55 -14.09 26.52
CA THR B 49 7.91 -13.59 27.73
C THR B 49 6.99 -12.41 27.43
N ARG B 50 7.44 -11.47 26.59
CA ARG B 50 6.54 -10.40 26.15
C ARG B 50 5.27 -10.98 25.52
N TYR B 51 5.43 -11.97 24.65
CA TYR B 51 4.30 -12.55 23.93
C TYR B 51 3.33 -13.28 24.87
N ILE B 52 3.87 -14.06 25.81
CA ILE B 52 2.99 -14.73 26.76
C ILE B 52 2.26 -13.71 27.63
N GLU B 53 2.95 -12.64 28.03
CA GLU B 53 2.31 -11.60 28.84
C GLU B 53 1.16 -10.94 28.09
N LEU B 54 1.33 -10.70 26.79
CA LEU B 54 0.18 -10.27 26.00
C LEU B 54 -0.94 -11.30 26.05
N GLN B 55 -0.61 -12.59 25.79
CA GLN B 55 -1.63 -13.64 25.77
C GLN B 55 -2.37 -13.70 27.09
N GLU B 56 -1.67 -13.47 28.20
CA GLU B 56 -2.33 -13.51 29.49
C GLU B 56 -3.31 -12.36 29.64
N LYS B 57 -2.98 -11.19 29.08
CA LYS B 57 -3.91 -10.05 29.11
C LYS B 57 -5.16 -10.37 28.31
N VAL B 58 -4.98 -11.01 27.15
CA VAL B 58 -6.11 -11.43 26.35
C VAL B 58 -6.95 -12.48 27.09
N ALA B 59 -6.29 -13.36 27.85
CA ALA B 59 -6.98 -14.45 28.53
C ALA B 59 -7.77 -14.02 29.77
N GLU B 60 -7.64 -12.76 30.21
CA GLU B 60 -8.30 -12.34 31.44
C GLU B 60 -9.81 -12.47 31.32
N LYS B 61 -10.38 -12.09 30.16
CA LYS B 61 -11.82 -12.17 29.95
C LYS B 61 -12.34 -13.59 30.10
N TYR B 62 -11.52 -14.61 29.82
CA TYR B 62 -11.94 -16.00 30.02
C TYR B 62 -11.93 -16.39 31.49
N ILE B 63 -11.03 -15.80 32.30
CA ILE B 63 -11.04 -16.06 33.74
C ILE B 63 -12.35 -15.58 34.36
N LYS B 64 -12.83 -14.39 33.96
CA LYS B 64 -14.09 -13.81 34.43
C LYS B 64 -15.33 -14.46 33.81
N MET B 65 -15.23 -14.98 32.59
CA MET B 65 -16.39 -15.41 31.82
C MET B 65 -17.21 -16.49 32.54
N THR B 66 -18.52 -16.33 32.53
CA THR B 66 -19.38 -17.35 33.12
C THR B 66 -19.43 -18.57 32.22
N PRO B 67 -19.16 -19.76 32.74
CA PRO B 67 -19.24 -20.97 31.91
C PRO B 67 -20.59 -21.11 31.19
N LEU B 68 -20.50 -21.47 29.91
CA LEU B 68 -21.64 -21.71 29.06
C LEU B 68 -22.10 -23.15 29.16
N SER B 69 -23.40 -23.38 28.91
CA SER B 69 -24.04 -24.69 28.91
C SER B 69 -24.92 -24.80 27.68
N VAL B 70 -24.97 -26.01 27.08
CA VAL B 70 -25.89 -26.21 25.96
C VAL B 70 -27.35 -26.11 26.42
N THR B 71 -27.62 -26.35 27.70
CA THR B 71 -28.97 -26.27 28.25
C THR B 71 -29.54 -24.85 28.25
N ALA B 72 -28.79 -23.82 27.85
CA ALA B 72 -29.30 -22.45 27.93
C ALA B 72 -30.03 -22.08 26.65
N LYS B 73 -31.11 -22.81 26.39
CA LYS B 73 -31.97 -22.54 25.25
C LYS B 73 -33.42 -22.69 25.69
N LYS B 74 -34.32 -21.98 25.01
CA LYS B 74 -35.76 -22.08 25.28
C LYS B 74 -36.42 -23.16 24.42
N LYS B 75 -36.22 -23.10 23.10
CA LYS B 75 -36.80 -24.09 22.19
C LYS B 75 -36.01 -25.40 22.31
N LEU B 76 -36.71 -26.48 22.73
CA LEU B 76 -36.08 -27.77 23.00
C LEU B 76 -36.02 -28.66 21.76
N PRO B 77 -35.17 -29.68 21.79
CA PRO B 77 -35.10 -30.61 20.67
C PRO B 77 -36.19 -31.66 20.79
N PRO B 78 -36.41 -32.46 19.73
CA PRO B 78 -37.48 -33.47 19.79
C PRO B 78 -37.38 -34.44 20.98
N SER B 79 -36.19 -34.68 21.54
CA SER B 79 -36.04 -35.48 22.75
C SER B 79 -36.62 -34.80 23.99
N LYS B 80 -36.89 -33.49 23.89
CA LYS B 80 -37.28 -32.66 25.02
C LYS B 80 -36.21 -32.66 26.13
N ASP B 81 -34.95 -32.89 25.76
CA ASP B 81 -33.81 -32.85 26.70
C ASP B 81 -32.97 -31.61 26.37
N PRO B 82 -32.90 -30.61 27.25
CA PRO B 82 -32.05 -29.44 26.94
C PRO B 82 -30.57 -29.78 26.88
N ARG B 83 -30.15 -30.90 27.44
CA ARG B 83 -28.76 -31.32 27.38
C ARG B 83 -28.35 -31.93 26.03
N ASP B 84 -29.28 -32.09 25.09
CA ASP B 84 -28.93 -32.46 23.71
C ASP B 84 -28.62 -31.21 22.91
N TYR B 85 -27.50 -31.25 22.20
CA TYR B 85 -27.08 -30.16 21.34
C TYR B 85 -27.94 -30.12 20.09
N MET B 86 -28.34 -28.91 19.69
CA MET B 86 -29.17 -28.76 18.50
C MET B 86 -28.86 -27.44 17.82
N THR B 87 -28.58 -27.52 16.53
CA THR B 87 -28.40 -26.36 15.68
C THR B 87 -29.12 -26.60 14.37
N LEU B 88 -29.22 -25.53 13.59
CA LEU B 88 -29.83 -25.54 12.28
C LEU B 88 -28.73 -25.65 11.22
N SER B 89 -28.97 -26.53 10.23
CA SER B 89 -28.01 -26.67 9.15
C SER B 89 -27.95 -25.35 8.35
N PRO B 90 -26.76 -24.77 8.17
CA PRO B 90 -26.67 -23.33 7.90
C PRO B 90 -27.18 -22.90 6.53
N TYR B 91 -27.25 -23.80 5.53
CA TYR B 91 -27.65 -23.42 4.18
C TYR B 91 -29.11 -23.79 3.86
N TRP B 92 -29.91 -24.06 4.88
CA TRP B 92 -31.29 -24.48 4.71
C TRP B 92 -32.23 -23.37 5.17
N TRP B 93 -33.10 -22.91 4.27
CA TRP B 93 -33.97 -21.74 4.41
C TRP B 93 -35.44 -22.13 4.28
N PRO B 94 -36.36 -21.37 4.90
CA PRO B 94 -37.78 -21.60 4.63
C PRO B 94 -38.10 -21.41 3.15
N ASP B 95 -39.00 -22.25 2.65
CA ASP B 95 -39.53 -22.11 1.29
C ASP B 95 -40.71 -21.15 1.38
N SER B 96 -40.57 -19.95 0.80
CA SER B 96 -41.63 -18.95 0.88
C SER B 96 -42.87 -19.35 0.07
N THR B 97 -42.71 -20.22 -0.95
CA THR B 97 -43.83 -20.70 -1.76
C THR B 97 -44.69 -21.73 -1.03
N LYS B 98 -44.37 -22.03 0.22
CA LYS B 98 -45.11 -22.96 1.05
C LYS B 98 -45.74 -22.20 2.21
N ILE B 99 -46.97 -22.59 2.59
CA ILE B 99 -47.74 -21.83 3.59
C ILE B 99 -47.01 -21.78 4.93
N ASP B 100 -46.34 -22.86 5.29
CA ASP B 100 -45.61 -22.96 6.56
C ASP B 100 -44.11 -22.82 6.37
N GLY B 101 -43.65 -22.60 5.13
CA GLY B 101 -42.24 -22.53 4.82
C GLY B 101 -41.53 -23.86 4.73
N LEU B 102 -42.22 -24.97 5.02
CA LEU B 102 -41.80 -26.36 5.12
C LEU B 102 -42.08 -27.13 3.84
N PRO B 103 -41.17 -28.02 3.43
CA PRO B 103 -39.85 -28.25 4.02
C PRO B 103 -38.85 -27.18 3.59
N TYR B 104 -37.86 -26.90 4.42
CA TYR B 104 -36.81 -25.97 4.04
C TYR B 104 -36.10 -26.45 2.78
N ILE B 105 -35.49 -25.49 2.09
CA ILE B 105 -34.72 -25.73 0.88
C ILE B 105 -33.29 -25.22 1.08
N ARG B 106 -32.39 -25.73 0.25
CA ARG B 106 -30.96 -25.47 0.36
C ARG B 106 -30.54 -24.36 -0.59
N LYS B 107 -29.68 -23.49 -0.10
CA LYS B 107 -29.04 -22.45 -0.90
C LYS B 107 -27.57 -22.50 -0.51
N ASP B 108 -26.77 -23.19 -1.32
CA ASP B 108 -25.40 -23.50 -0.90
C ASP B 108 -24.60 -22.23 -0.74
N GLY B 109 -23.95 -22.10 0.43
CA GLY B 109 -23.07 -20.98 0.71
C GLY B 109 -23.74 -19.79 1.37
N GLU B 110 -25.07 -19.73 1.34
CA GLU B 110 -25.81 -18.63 1.95
C GLU B 110 -26.27 -19.08 3.33
N ARG B 111 -25.66 -18.50 4.35
CA ARG B 111 -26.00 -18.85 5.72
C ARG B 111 -27.31 -18.17 6.12
N ASN B 112 -28.25 -18.97 6.60
CA ASN B 112 -29.54 -18.49 7.04
C ASN B 112 -29.40 -17.93 8.45
N PRO B 113 -29.63 -16.62 8.66
CA PRO B 113 -29.44 -16.03 10.00
C PRO B 113 -30.25 -16.73 11.10
N GLU B 114 -31.24 -17.55 10.74
CA GLU B 114 -31.95 -18.37 11.72
C GLU B 114 -31.01 -19.24 12.54
N VAL B 115 -29.81 -19.57 12.02
CA VAL B 115 -28.85 -20.38 12.79
C VAL B 115 -28.60 -19.77 14.16
N TYR B 116 -28.66 -18.43 14.29
CA TYR B 116 -28.33 -17.77 15.54
C TYR B 116 -29.42 -17.89 16.59
N GLU B 117 -30.59 -18.44 16.23
CA GLU B 117 -31.62 -18.76 17.20
C GLU B 117 -31.33 -20.05 17.98
N TYR B 118 -30.21 -20.72 17.71
CA TYR B 118 -29.82 -21.91 18.44
C TYR B 118 -28.58 -21.57 19.26
N PRO B 119 -28.71 -21.33 20.56
CA PRO B 119 -27.61 -20.67 21.30
C PRO B 119 -26.32 -21.48 21.32
N GLU B 120 -26.40 -22.81 21.29
CA GLU B 120 -25.17 -23.60 21.29
C GLU B 120 -24.36 -23.44 20.02
N ARG B 121 -24.93 -22.90 18.94
CA ARG B 121 -24.12 -22.66 17.75
C ARG B 121 -22.94 -21.74 18.07
N GLU B 122 -23.23 -20.55 18.58
CA GLU B 122 -22.16 -19.65 18.96
C GLU B 122 -21.60 -19.98 20.34
N ASN B 123 -22.37 -20.58 21.24
CA ASN B 123 -21.86 -20.82 22.60
C ASN B 123 -20.80 -21.91 22.61
N ALA B 124 -20.93 -22.94 21.77
CA ALA B 124 -19.88 -23.96 21.69
C ALA B 124 -18.60 -23.37 21.13
N ASN B 125 -18.70 -22.39 20.24
CA ASN B 125 -17.51 -21.70 19.76
C ASN B 125 -16.85 -20.90 20.88
N ARG B 126 -17.65 -20.19 21.68
CA ARG B 126 -17.10 -19.38 22.77
C ARG B 126 -16.51 -20.25 23.86
N PHE B 127 -17.20 -21.33 24.23
CA PHE B 127 -16.61 -22.31 25.13
C PHE B 127 -15.28 -22.81 24.57
N GLY B 128 -15.27 -23.20 23.29
CA GLY B 128 -14.06 -23.75 22.72
C GLY B 128 -12.87 -22.82 22.86
N ASP B 129 -13.07 -21.54 22.55
CA ASP B 129 -11.97 -20.58 22.63
C ASP B 129 -11.49 -20.38 24.06
N ALA B 130 -12.43 -20.23 25.02
CA ALA B 130 -12.05 -20.01 26.41
C ALA B 130 -11.29 -21.20 26.98
N ALA B 131 -11.74 -22.42 26.71
CA ALA B 131 -11.14 -23.59 27.35
C ALA B 131 -9.77 -23.88 26.76
N TYR B 132 -9.65 -23.73 25.43
CA TYR B 132 -8.39 -23.98 24.75
C TYR B 132 -7.34 -22.95 25.15
N CYS B 133 -7.72 -21.67 25.13
CA CYS B 133 -6.81 -20.60 25.56
C CYS B 133 -6.31 -20.82 26.98
N LEU B 134 -7.23 -20.99 27.93
CA LEU B 134 -6.84 -21.17 29.32
C LEU B 134 -5.96 -22.40 29.51
N GLY B 135 -6.26 -23.47 28.76
CA GLY B 135 -5.51 -24.70 28.93
C GLY B 135 -4.11 -24.58 28.37
N VAL B 136 -3.98 -23.89 27.23
CA VAL B 136 -2.66 -23.69 26.66
C VAL B 136 -1.82 -22.78 27.56
N LEU B 137 -2.45 -21.74 28.14
CA LEU B 137 -1.70 -20.86 29.00
C LEU B 137 -1.28 -21.56 30.29
N TYR B 138 -2.10 -22.50 30.79
CA TYR B 138 -1.68 -23.24 31.97
C TYR B 138 -0.51 -24.14 31.65
N TYR B 139 -0.51 -24.76 30.47
CA TYR B 139 0.61 -25.59 30.05
C TYR B 139 1.89 -24.77 29.95
N ILE B 140 1.80 -23.58 29.33
CA ILE B 140 3.00 -22.77 29.08
C ILE B 140 3.53 -22.18 30.37
N THR B 141 2.66 -21.67 31.26
CA THR B 141 3.10 -20.83 32.36
C THR B 141 3.07 -21.53 33.72
N GLY B 142 2.32 -22.62 33.87
CA GLY B 142 2.16 -23.26 35.16
C GLY B 142 1.31 -22.54 36.18
N LYS B 143 0.66 -21.43 35.81
CA LYS B 143 -0.10 -20.66 36.79
C LYS B 143 -1.45 -21.33 37.04
N GLU B 144 -1.63 -21.83 38.28
CA GLU B 144 -2.82 -22.60 38.66
C GLU B 144 -4.11 -21.86 38.33
N VAL B 145 -4.06 -20.54 38.20
CA VAL B 145 -5.26 -19.77 37.93
C VAL B 145 -5.83 -20.12 36.57
N TYR B 146 -4.99 -20.56 35.63
CA TYR B 146 -5.50 -20.91 34.30
C TYR B 146 -6.11 -22.30 34.29
N ALA B 147 -5.54 -23.24 35.04
CA ALA B 147 -6.16 -24.55 35.12
C ALA B 147 -7.50 -24.46 35.81
N LYS B 148 -7.58 -23.66 36.87
CA LYS B 148 -8.80 -23.54 37.68
C LYS B 148 -9.96 -22.99 36.85
N ALA B 149 -9.67 -22.02 35.98
CA ALA B 149 -10.72 -21.47 35.13
C ALA B 149 -11.04 -22.40 33.97
N CYS B 150 -10.02 -23.03 33.35
CA CYS B 150 -10.26 -24.02 32.31
C CYS B 150 -11.15 -25.14 32.84
N ALA B 151 -10.83 -25.63 34.03
CA ALA B 151 -11.63 -26.68 34.65
C ALA B 151 -13.08 -26.23 34.80
N ASN B 152 -13.30 -24.97 35.18
CA ASN B 152 -14.67 -24.51 35.40
CA ASN B 152 -14.67 -24.52 35.40
C ASN B 152 -15.49 -24.59 34.12
N HIS B 153 -14.90 -24.18 32.99
CA HIS B 153 -15.58 -24.26 31.70
C HIS B 153 -15.78 -25.70 31.25
N LEU B 154 -14.77 -26.56 31.45
CA LEU B 154 -14.87 -27.96 31.03
C LEU B 154 -15.98 -28.69 31.77
N ARG B 155 -15.96 -28.61 33.11
CA ARG B 155 -16.98 -29.25 33.95
C ARG B 155 -18.37 -28.86 33.51
N THR B 156 -18.56 -27.58 33.24
CA THR B 156 -19.89 -27.08 32.96
C THR B 156 -20.36 -27.53 31.60
N TRP B 157 -19.48 -27.49 30.59
CA TRP B 157 -19.89 -27.86 29.25
C TRP B 157 -20.07 -29.38 29.12
N PHE B 158 -19.19 -30.17 29.73
CA PHE B 158 -19.15 -31.61 29.45
C PHE B 158 -19.80 -32.47 30.52
N THR B 159 -19.34 -32.41 31.77
CA THR B 159 -19.66 -33.49 32.70
C THR B 159 -20.72 -33.14 33.74
N ASP B 160 -21.03 -31.85 33.96
CA ASP B 160 -22.00 -31.47 34.98
C ASP B 160 -23.31 -32.24 34.81
N PRO B 161 -23.89 -32.78 35.88
CA PRO B 161 -25.07 -33.65 35.72
C PRO B 161 -26.34 -32.91 35.35
N LYS B 162 -26.35 -31.58 35.41
CA LYS B 162 -27.49 -30.77 34.97
C LYS B 162 -27.17 -29.90 33.76
N LEU B 163 -25.96 -29.34 33.72
CA LEU B 163 -25.59 -28.43 32.65
C LEU B 163 -24.76 -29.07 31.54
N GLY B 164 -24.18 -30.26 31.76
CA GLY B 164 -23.33 -30.87 30.76
C GLY B 164 -24.09 -31.35 29.53
N MET B 165 -23.42 -31.34 28.37
CA MET B 165 -24.13 -31.81 27.18
C MET B 165 -24.09 -33.34 27.13
N ASN B 166 -25.17 -33.91 26.59
CA ASN B 166 -25.20 -35.34 26.36
C ASN B 166 -24.14 -35.73 25.33
N PRO B 167 -23.51 -36.89 25.48
CA PRO B 167 -22.47 -37.29 24.51
C PRO B 167 -23.07 -37.86 23.22
N ASN B 168 -23.59 -36.95 22.38
CA ASN B 168 -24.14 -37.30 21.07
C ASN B 168 -24.29 -36.03 20.25
N MET B 169 -24.56 -36.21 18.95
CA MET B 169 -24.82 -35.09 18.05
C MET B 169 -26.09 -35.34 17.22
N THR B 170 -27.07 -36.00 17.84
CA THR B 170 -28.24 -36.47 17.13
C THR B 170 -29.02 -35.34 16.46
N TYR B 171 -29.14 -34.19 17.12
CA TYR B 171 -29.88 -33.06 16.56
C TYR B 171 -28.97 -31.93 16.13
N ALA B 172 -27.71 -32.21 15.83
CA ALA B 172 -26.85 -31.21 15.22
C ALA B 172 -27.28 -31.01 13.77
N GLN B 173 -27.31 -29.74 13.35
CA GLN B 173 -27.78 -29.32 12.02
C GLN B 173 -29.03 -30.04 11.55
N ALA B 174 -30.04 -30.05 12.42
CA ALA B 174 -31.37 -30.45 12.01
C ALA B 174 -31.89 -29.53 10.91
N VAL B 175 -32.78 -30.08 10.08
CA VAL B 175 -33.40 -29.34 8.98
C VAL B 175 -34.92 -29.48 9.14
N PRO B 176 -35.65 -28.39 9.39
CA PRO B 176 -37.12 -28.47 9.47
C PRO B 176 -37.73 -29.02 8.19
N GLY B 177 -38.69 -29.93 8.37
CA GLY B 177 -39.38 -30.55 7.25
C GLY B 177 -38.65 -31.70 6.61
N MET B 178 -37.36 -31.87 6.87
CA MET B 178 -36.64 -32.97 6.26
C MET B 178 -37.02 -34.27 6.93
N LYS B 179 -37.32 -35.29 6.13
CA LYS B 179 -37.86 -36.51 6.71
C LYS B 179 -36.76 -37.46 7.18
N LYS B 180 -35.64 -37.49 6.47
CA LYS B 180 -34.59 -38.43 6.75
C LYS B 180 -33.65 -37.88 7.82
N MET B 181 -33.06 -38.80 8.58
CA MET B 181 -32.05 -38.45 9.56
C MET B 181 -30.70 -38.28 8.87
N ARG B 182 -29.90 -37.30 9.32
CA ARG B 182 -28.61 -37.01 8.72
C ARG B 182 -27.51 -36.89 9.78
N GLY B 183 -26.29 -37.23 9.38
CA GLY B 183 -25.12 -37.10 10.21
C GLY B 183 -24.20 -35.95 9.84
N SER B 184 -24.60 -35.09 8.89
CA SER B 184 -23.82 -33.92 8.50
C SER B 184 -23.55 -32.99 9.68
N GLY B 185 -24.40 -33.01 10.70
CA GLY B 185 -24.24 -32.11 11.81
C GLY B 185 -23.01 -32.36 12.62
N PHE B 186 -22.51 -33.61 12.60
CA PHE B 186 -21.36 -34.00 13.40
C PHE B 186 -20.19 -33.05 13.26
N ILE B 187 -20.04 -32.39 12.12
CA ILE B 187 -18.94 -31.46 11.89
C ILE B 187 -18.89 -30.35 12.94
N ASP B 188 -20.03 -30.05 13.58
CA ASP B 188 -20.03 -29.04 14.66
C ASP B 188 -19.14 -29.46 15.81
N SER B 189 -18.91 -30.76 15.99
CA SER B 189 -18.17 -31.25 17.15
C SER B 189 -16.78 -30.61 17.26
N ARG B 190 -16.21 -30.16 16.13
CA ARG B 190 -14.86 -29.61 16.15
C ARG B 190 -14.78 -28.40 17.06
N ARG B 191 -15.90 -27.70 17.26
CA ARG B 191 -15.89 -26.50 18.08
C ARG B 191 -15.69 -26.82 19.56
N PHE B 192 -16.04 -28.03 20.03
CA PHE B 192 -15.74 -28.39 21.41
C PHE B 192 -14.80 -29.57 21.57
N SER B 193 -14.47 -30.28 20.49
CA SER B 193 -13.59 -31.44 20.65
C SER B 193 -12.14 -31.03 20.82
N ARG B 194 -11.74 -29.85 20.34
CA ARG B 194 -10.41 -29.31 20.68
C ARG B 194 -10.32 -28.98 22.16
N ALA B 195 -11.39 -28.38 22.72
CA ALA B 195 -11.41 -28.13 24.15
C ALA B 195 -11.24 -29.43 24.93
N LEU B 196 -11.98 -30.47 24.54
CA LEU B 196 -11.79 -31.78 25.14
C LEU B 196 -10.32 -32.18 25.12
N GLY B 197 -9.66 -31.96 23.97
CA GLY B 197 -8.27 -32.36 23.83
C GLY B 197 -7.36 -31.67 24.81
N VAL B 198 -7.53 -30.35 24.99
CA VAL B 198 -6.63 -29.61 25.87
C VAL B 198 -6.86 -29.89 27.35
N ALA B 199 -7.99 -30.49 27.72
CA ALA B 199 -8.13 -30.95 29.09
C ALA B 199 -6.92 -31.75 29.55
N LYS B 200 -6.27 -32.46 28.61
CA LYS B 200 -5.07 -33.22 28.93
C LYS B 200 -3.97 -32.32 29.48
N LEU B 201 -3.96 -31.04 29.08
CA LEU B 201 -2.93 -30.10 29.53
C LEU B 201 -3.08 -29.68 30.99
N ILE B 202 -4.27 -29.84 31.60
CA ILE B 202 -4.45 -29.41 32.98
C ILE B 202 -4.46 -30.58 33.93
N GLU B 203 -4.26 -31.80 33.42
CA GLU B 203 -4.04 -32.94 34.32
C GLU B 203 -2.81 -32.69 35.17
N GLY B 204 -2.89 -33.08 36.45
CA GLY B 204 -1.81 -32.82 37.38
C GLY B 204 -1.92 -31.50 38.11
N SER B 205 -2.75 -30.58 37.62
CA SER B 205 -3.02 -29.34 38.32
CA SER B 205 -2.99 -29.34 38.33
C SER B 205 -3.77 -29.61 39.61
N LYS B 206 -3.85 -28.59 40.47
CA LYS B 206 -4.59 -28.74 41.71
C LYS B 206 -6.09 -28.70 41.46
N SER B 207 -6.54 -27.90 40.50
CA SER B 207 -7.96 -27.69 40.28
C SER B 207 -8.64 -28.89 39.62
N TRP B 208 -7.90 -29.67 38.82
CA TRP B 208 -8.46 -30.78 38.05
C TRP B 208 -8.20 -32.09 38.81
N THR B 209 -9.20 -32.54 39.55
CA THR B 209 -9.09 -33.65 40.49
C THR B 209 -9.23 -34.96 39.75
N PRO B 210 -8.77 -36.07 40.34
CA PRO B 210 -8.96 -37.37 39.69
C PRO B 210 -10.42 -37.66 39.40
N SER B 211 -11.32 -37.09 40.21
CA SER B 211 -12.73 -37.27 39.96
C SER B 211 -13.18 -36.47 38.72
N ASP B 212 -12.67 -35.25 38.54
CA ASP B 212 -12.95 -34.52 37.30
C ASP B 212 -12.48 -35.31 36.09
N LYS B 213 -11.26 -35.86 36.17
CA LYS B 213 -10.70 -36.57 35.02
C LYS B 213 -11.56 -37.77 34.66
N LYS B 214 -11.98 -38.56 35.66
CA LYS B 214 -12.72 -39.78 35.41
C LYS B 214 -14.08 -39.48 34.78
N LYS B 215 -14.78 -38.46 35.29
CA LYS B 215 -16.04 -38.04 34.68
C LYS B 215 -15.85 -37.67 33.21
N LEU B 216 -14.83 -36.85 32.91
CA LEU B 216 -14.57 -36.48 31.52
C LEU B 216 -14.18 -37.69 30.68
N ASP B 217 -13.29 -38.53 31.21
CA ASP B 217 -12.93 -39.76 30.52
C ASP B 217 -14.18 -40.55 30.12
N ASP B 218 -15.13 -40.69 31.04
CA ASP B 218 -16.33 -41.48 30.76
C ASP B 218 -17.23 -40.78 29.76
N TRP B 219 -17.33 -39.45 29.86
CA TRP B 219 -18.04 -38.70 28.81
C TRP B 219 -17.38 -38.95 27.46
N ALA B 220 -16.05 -38.85 27.42
CA ALA B 220 -15.37 -38.96 26.16
C ALA B 220 -15.53 -40.36 25.59
N THR B 221 -15.47 -41.38 26.46
CA THR B 221 -15.75 -42.74 26.01
C THR B 221 -17.14 -42.84 25.40
N ALA B 222 -18.16 -42.30 26.10
CA ALA B 222 -19.53 -42.34 25.60
C ALA B 222 -19.65 -41.62 24.26
N PHE B 223 -19.06 -40.42 24.14
CA PHE B 223 -19.10 -39.71 22.87
C PHE B 223 -18.44 -40.52 21.75
N CYS B 224 -17.33 -41.19 22.09
CA CYS B 224 -16.62 -42.01 21.11
C CYS B 224 -17.47 -43.20 20.67
N TYR B 225 -18.19 -43.81 21.62
CA TYR B 225 -19.09 -44.90 21.25
C TYR B 225 -20.16 -44.39 20.28
N TRP B 226 -20.74 -43.22 20.58
CA TRP B 226 -21.79 -42.68 19.74
C TRP B 226 -21.31 -42.37 18.31
N MET B 227 -20.13 -41.75 18.17
CA MET B 227 -19.68 -41.39 16.82
C MET B 227 -19.24 -42.61 16.01
N GLU B 228 -18.84 -43.69 16.68
CA GLU B 228 -18.42 -44.88 15.96
C GLU B 228 -19.56 -45.83 15.66
N ASN B 229 -20.61 -45.86 16.48
CA ASN B 229 -21.66 -46.87 16.35
C ASN B 229 -23.03 -46.32 15.97
N SER B 230 -23.31 -45.05 16.21
CA SER B 230 -24.63 -44.56 15.82
C SER B 230 -24.72 -44.58 14.29
N THR B 231 -25.95 -44.59 13.78
CA THR B 231 -26.13 -44.53 12.33
C THR B 231 -25.63 -43.19 11.76
N GLN B 232 -25.83 -42.11 12.49
CA GLN B 232 -25.35 -40.83 12.00
C GLN B 232 -23.84 -40.78 12.00
N GLY B 233 -23.21 -41.33 13.05
CA GLY B 233 -21.75 -41.39 13.08
C GLY B 233 -21.17 -42.24 11.97
N GLN B 234 -21.69 -43.47 11.82
CA GLN B 234 -21.30 -44.35 10.73
C GLN B 234 -21.42 -43.67 9.38
N ARG B 235 -22.59 -43.08 9.10
CA ARG B 235 -22.77 -42.37 7.84
C ARG B 235 -21.75 -41.25 7.68
N GLU B 236 -21.49 -40.49 8.75
CA GLU B 236 -20.60 -39.35 8.59
C GLU B 236 -19.16 -39.81 8.38
N SER B 237 -18.77 -40.93 8.98
CA SER B 237 -17.43 -41.50 8.78
C SER B 237 -17.23 -41.97 7.34
N HIS B 238 -18.30 -42.06 6.55
CA HIS B 238 -18.20 -42.52 5.17
C HIS B 238 -18.21 -41.38 4.18
N ALA B 239 -18.44 -40.15 4.64
CA ALA B 239 -18.56 -39.01 3.74
C ALA B 239 -17.29 -38.84 2.89
N ALA B 240 -17.48 -38.46 1.64
CA ALA B 240 -16.45 -38.47 0.61
C ALA B 240 -15.87 -37.09 0.32
N ASN B 241 -16.26 -36.09 1.10
CA ASN B 241 -15.78 -34.72 0.93
C ASN B 241 -15.13 -34.27 2.25
N ASN B 242 -15.03 -32.95 2.46
CA ASN B 242 -14.41 -32.44 3.68
C ASN B 242 -15.06 -33.00 4.95
N HIS B 243 -16.34 -33.42 4.89
CA HIS B 243 -16.98 -33.90 6.11
C HIS B 243 -16.35 -35.19 6.61
N GLY B 244 -15.91 -36.05 5.67
CA GLY B 244 -15.19 -37.24 6.07
C GLY B 244 -13.88 -36.91 6.75
N LEU B 245 -13.15 -35.92 6.21
CA LEU B 245 -11.89 -35.52 6.83
C LEU B 245 -12.13 -34.92 8.22
N TRP B 246 -13.12 -34.02 8.35
CA TRP B 246 -13.40 -33.43 9.66
C TRP B 246 -13.89 -34.47 10.66
N TYR B 247 -14.75 -35.39 10.21
CA TYR B 247 -15.13 -36.50 11.07
C TYR B 247 -13.89 -37.17 11.66
N GLU B 248 -12.94 -37.59 10.81
CA GLU B 248 -11.77 -38.26 11.37
C GLU B 248 -10.89 -37.30 12.19
N ALA B 249 -10.79 -36.04 11.79
CA ALA B 249 -10.03 -35.08 12.59
C ALA B 249 -10.62 -34.97 13.99
N ILE B 250 -11.94 -34.86 14.08
CA ILE B 250 -12.60 -34.88 15.38
C ILE B 250 -12.39 -36.22 16.06
N HIS B 251 -12.49 -37.32 15.30
CA HIS B 251 -12.24 -38.65 15.84
C HIS B 251 -10.88 -38.72 16.55
N LEU B 252 -9.83 -38.18 15.91
CA LEU B 252 -8.48 -38.20 16.47
C LEU B 252 -8.39 -37.42 17.77
N MET B 253 -9.06 -36.25 17.85
CA MET B 253 -9.02 -35.50 19.10
C MET B 253 -9.58 -36.32 20.25
N VAL B 254 -10.69 -37.04 20.00
CA VAL B 254 -11.31 -37.82 21.06
C VAL B 254 -10.44 -39.01 21.43
N LEU B 255 -9.85 -39.69 20.43
CA LEU B 255 -8.99 -40.84 20.71
C LEU B 255 -7.71 -40.40 21.40
N ALA B 256 -7.12 -39.28 20.97
CA ALA B 256 -5.90 -38.80 21.62
C ALA B 256 -6.17 -38.44 23.07
N TYR B 257 -7.28 -37.73 23.32
CA TYR B 257 -7.68 -37.45 24.69
C TYR B 257 -7.78 -38.71 25.52
N LEU B 258 -8.22 -39.81 24.92
CA LEU B 258 -8.32 -41.08 25.62
C LEU B 258 -7.05 -41.91 25.53
N ASP B 259 -5.96 -41.34 24.98
CA ASP B 259 -4.67 -42.02 24.89
C ASP B 259 -4.76 -43.33 24.09
N ARG B 260 -5.65 -43.40 23.10
CA ARG B 260 -5.78 -44.60 22.28
C ARG B 260 -4.90 -44.46 21.02
N THR B 261 -3.58 -44.46 21.25
CA THR B 261 -2.62 -44.21 20.17
C THR B 261 -2.65 -45.31 19.11
N ASP B 262 -2.88 -46.56 19.51
CA ASP B 262 -3.06 -47.61 18.52
C ASP B 262 -4.21 -47.29 17.56
N ARG B 263 -5.32 -46.77 18.08
CA ARG B 263 -6.46 -46.43 17.22
C ARG B 263 -6.13 -45.26 16.30
N ILE B 264 -5.36 -44.29 16.79
CA ILE B 264 -4.97 -43.16 15.96
C ILE B 264 -4.18 -43.63 14.75
N ARG B 265 -3.24 -44.56 14.94
CA ARG B 265 -2.55 -45.17 13.81
C ARG B 265 -3.54 -45.82 12.86
N GLU B 266 -4.43 -46.69 13.37
CA GLU B 266 -5.40 -47.38 12.52
C GLU B 266 -6.26 -46.41 11.73
N VAL B 267 -6.79 -45.39 12.41
CA VAL B 267 -7.61 -44.38 11.75
C VAL B 267 -6.78 -43.64 10.68
N ALA B 268 -5.56 -43.25 11.03
CA ALA B 268 -4.68 -42.57 10.07
C ALA B 268 -4.46 -43.42 8.83
N GLU B 269 -4.08 -44.67 9.04
CA GLU B 269 -3.64 -45.53 7.96
CA GLU B 269 -3.65 -45.49 7.92
C GLU B 269 -4.81 -46.08 7.14
N GLN B 270 -5.94 -46.38 7.79
CA GLN B 270 -7.04 -47.06 7.10
C GLN B 270 -8.22 -46.15 6.78
N SER B 271 -8.31 -44.96 7.36
CA SER B 271 -9.44 -44.09 7.03
C SER B 271 -8.99 -42.76 6.44
N ILE B 272 -8.16 -41.98 7.14
CA ILE B 272 -7.83 -40.63 6.67
C ILE B 272 -7.11 -40.68 5.33
N LEU B 273 -5.99 -41.41 5.27
CA LEU B 273 -5.22 -41.45 4.02
C LEU B 273 -6.02 -41.97 2.83
N PRO B 274 -6.72 -43.13 2.91
CA PRO B 274 -7.63 -43.49 1.81
C PRO B 274 -8.62 -42.40 1.47
N LYS B 275 -9.26 -41.79 2.48
CA LYS B 275 -10.22 -40.71 2.22
CA LYS B 275 -10.22 -40.73 2.20
C LYS B 275 -9.54 -39.56 1.50
N MET B 276 -8.35 -39.16 1.98
CA MET B 276 -7.62 -38.05 1.38
C MET B 276 -7.21 -38.40 -0.05
N GLY B 277 -6.77 -39.63 -0.26
CA GLY B 277 -6.34 -40.02 -1.60
C GLY B 277 -7.49 -40.07 -2.57
N ALA B 278 -8.66 -40.47 -2.11
CA ALA B 278 -9.80 -40.59 -3.01
C ALA B 278 -10.35 -39.22 -3.41
N GLN B 279 -10.01 -38.16 -2.68
CA GLN B 279 -10.56 -36.83 -2.92
C GLN B 279 -9.67 -35.96 -3.80
N ILE B 280 -8.42 -36.34 -4.03
CA ILE B 280 -7.49 -35.51 -4.80
C ILE B 280 -7.47 -35.99 -6.24
N ALA B 281 -7.62 -35.05 -7.18
CA ALA B 281 -7.60 -35.39 -8.60
C ALA B 281 -6.18 -35.31 -9.14
N ASP B 282 -6.04 -35.69 -10.42
CA ASP B 282 -4.72 -35.84 -11.02
C ASP B 282 -3.93 -34.53 -11.02
N ASP B 283 -4.61 -33.39 -11.06
CA ASP B 283 -3.94 -32.10 -11.00
C ASP B 283 -3.81 -31.57 -9.58
N GLY B 284 -4.28 -32.31 -8.57
CA GLY B 284 -4.20 -31.88 -7.19
C GLY B 284 -5.42 -31.11 -6.70
N SER B 285 -6.38 -30.82 -7.57
CA SER B 285 -7.61 -30.18 -7.15
C SER B 285 -8.50 -31.18 -6.41
N LEU B 286 -9.48 -30.65 -5.68
CA LEU B 286 -10.41 -31.45 -4.90
C LEU B 286 -11.79 -31.34 -5.54
N PRO B 287 -12.15 -32.23 -6.47
CA PRO B 287 -13.37 -32.02 -7.27
C PRO B 287 -14.64 -31.90 -6.45
N GLN B 288 -14.71 -32.55 -5.28
CA GLN B 288 -15.91 -32.47 -4.46
C GLN B 288 -16.12 -31.06 -3.94
N GLU B 289 -15.03 -30.34 -3.65
CA GLU B 289 -15.14 -28.96 -3.17
C GLU B 289 -15.31 -27.97 -4.31
N LEU B 290 -14.85 -28.31 -5.52
CA LEU B 290 -14.97 -27.42 -6.68
C LEU B 290 -16.42 -27.22 -7.10
N LYS B 291 -17.34 -28.11 -6.74
CA LYS B 291 -18.73 -27.97 -7.12
C LYS B 291 -19.53 -27.10 -6.16
N ARG B 292 -18.90 -26.64 -5.08
CA ARG B 292 -19.54 -25.78 -4.10
C ARG B 292 -19.54 -24.32 -4.56
N THR B 293 -20.48 -23.56 -3.99
CA THR B 293 -20.57 -22.13 -4.29
C THR B 293 -19.45 -21.34 -3.64
N LEU B 294 -18.79 -21.91 -2.63
CA LEU B 294 -17.58 -21.34 -2.04
C LEU B 294 -16.43 -22.32 -2.22
N SER B 295 -16.07 -22.59 -3.49
CA SER B 295 -15.13 -23.67 -3.82
C SER B 295 -13.73 -23.43 -3.23
N LEU B 296 -13.25 -22.18 -3.21
CA LEU B 296 -11.92 -21.97 -2.63
C LEU B 296 -11.97 -22.12 -1.11
N ASN B 297 -13.02 -21.63 -0.46
CA ASN B 297 -13.22 -21.87 0.97
C ASN B 297 -13.19 -23.35 1.30
N TYR B 298 -13.93 -24.14 0.54
CA TYR B 298 -14.13 -25.53 0.88
C TYR B 298 -12.91 -26.38 0.51
N SER B 299 -12.17 -26.00 -0.53
CA SER B 299 -10.89 -26.64 -0.76
C SER B 299 -9.96 -26.41 0.43
N THR B 300 -9.92 -25.17 0.94
CA THR B 300 -9.09 -24.87 2.11
C THR B 300 -9.62 -25.55 3.37
N PHE B 301 -10.95 -25.56 3.54
CA PHE B 301 -11.56 -26.27 4.65
C PHE B 301 -11.15 -27.75 4.66
N ALA B 302 -11.08 -28.39 3.49
CA ALA B 302 -10.66 -29.79 3.42
C ALA B 302 -9.24 -29.96 3.95
N LEU B 303 -8.30 -29.12 3.48
CA LEU B 303 -6.93 -29.23 3.94
C LEU B 303 -6.78 -28.88 5.41
N GLU B 304 -7.66 -28.01 5.94
CA GLU B 304 -7.59 -27.66 7.35
C GLU B 304 -7.92 -28.84 8.24
N ALA B 305 -8.84 -29.71 7.80
CA ALA B 305 -9.11 -30.91 8.58
C ALA B 305 -7.88 -31.80 8.60
N LEU B 306 -7.28 -31.99 7.43
CA LEU B 306 -6.05 -32.77 7.35
C LEU B 306 -4.97 -32.18 8.24
N MET B 307 -4.85 -30.85 8.22
CA MET B 307 -3.87 -30.14 9.05
C MET B 307 -4.10 -30.41 10.55
N GLU B 308 -5.35 -30.27 11.03
CA GLU B 308 -5.59 -30.52 12.43
C GLU B 308 -5.40 -32.00 12.78
N ALA B 309 -5.78 -32.90 11.88
CA ALA B 309 -5.51 -34.32 12.10
C ALA B 309 -4.01 -34.59 12.19
N ASN B 310 -3.21 -33.95 11.32
CA ASN B 310 -1.76 -34.19 11.29
C ASN B 310 -1.07 -33.64 12.53
N GLN B 311 -1.61 -32.59 13.14
CA GLN B 311 -1.07 -32.10 14.41
C GLN B 311 -1.06 -33.21 15.44
N ILE B 312 -2.04 -34.13 15.36
CA ILE B 312 -2.09 -35.27 16.27
C ILE B 312 -1.35 -36.49 15.73
N THR B 313 -1.46 -36.80 14.43
CA THR B 313 -0.78 -37.99 13.93
C THR B 313 0.74 -37.85 14.00
N SER B 314 1.26 -36.67 13.65
CA SER B 314 2.70 -36.46 13.62
C SER B 314 3.31 -36.51 15.01
N GLN B 315 2.51 -36.37 16.07
CA GLN B 315 3.04 -36.56 17.43
C GLN B 315 3.36 -38.02 17.72
N ILE B 316 2.85 -38.97 16.92
CA ILE B 316 3.20 -40.38 17.05
C ILE B 316 3.84 -40.93 15.77
N GLY B 317 4.38 -40.06 14.91
CA GLY B 317 5.25 -40.50 13.83
C GLY B 317 4.60 -40.63 12.48
N ILE B 318 3.34 -40.21 12.31
CA ILE B 318 2.68 -40.29 11.01
C ILE B 318 2.46 -38.87 10.47
N ASN B 319 3.14 -38.57 9.37
CA ASN B 319 3.06 -37.28 8.70
C ASN B 319 2.03 -37.41 7.58
N LEU B 320 0.86 -36.81 7.77
CA LEU B 320 -0.21 -36.92 6.77
C LEU B 320 0.04 -36.06 5.53
N TRP B 321 0.93 -35.07 5.61
CA TRP B 321 1.18 -34.23 4.45
C TRP B 321 2.02 -34.94 3.39
N SER B 322 2.91 -35.86 3.80
CA SER B 322 3.89 -36.47 2.92
C SER B 322 3.74 -37.98 2.73
N THR B 323 2.85 -38.64 3.48
CA THR B 323 2.62 -40.08 3.30
C THR B 323 1.60 -40.31 2.18
N PRO B 324 1.97 -40.97 1.09
CA PRO B 324 1.00 -41.20 0.00
C PRO B 324 -0.05 -42.20 0.42
N ALA B 325 -1.20 -42.14 -0.25
CA ALA B 325 -2.24 -43.14 -0.09
C ALA B 325 -1.95 -44.32 -1.03
N SER B 326 -2.71 -45.39 -0.84
CA SER B 326 -2.62 -46.58 -1.71
C SER B 326 -2.75 -46.23 -3.18
N ASN B 327 -3.51 -45.20 -3.54
CA ASN B 327 -3.62 -44.87 -4.95
C ASN B 327 -2.51 -43.95 -5.43
N GLY B 328 -1.48 -43.71 -4.63
CA GLY B 328 -0.41 -42.81 -5.05
C GLY B 328 -0.68 -41.32 -4.87
N LYS B 329 -1.88 -40.93 -4.45
CA LYS B 329 -2.16 -39.52 -4.16
C LYS B 329 -1.65 -39.15 -2.77
N VAL B 330 -1.07 -37.97 -2.66
CA VAL B 330 -0.44 -37.48 -1.44
C VAL B 330 -0.97 -36.06 -1.17
N ALA B 331 -1.23 -35.75 0.10
CA ALA B 331 -1.85 -34.47 0.45
C ALA B 331 -1.09 -33.27 -0.11
N SER B 332 0.24 -33.39 -0.22
CA SER B 332 1.03 -32.29 -0.74
C SER B 332 0.62 -31.90 -2.16
N GLN B 333 0.01 -32.82 -2.93
CA GLN B 333 -0.45 -32.45 -4.26
C GLN B 333 -1.57 -31.41 -4.20
N ALA B 334 -2.43 -31.52 -3.19
CA ALA B 334 -3.53 -30.59 -3.01
C ALA B 334 -3.04 -29.21 -2.59
N VAL B 335 -2.05 -29.17 -1.68
CA VAL B 335 -1.42 -27.89 -1.33
C VAL B 335 -0.80 -27.25 -2.56
N ASP B 336 -0.15 -28.06 -3.39
CA ASP B 336 0.55 -27.54 -4.57
C ASP B 336 -0.42 -26.90 -5.55
N TYR B 337 -1.59 -27.51 -5.77
CA TYR B 337 -2.58 -26.95 -6.70
C TYR B 337 -3.14 -25.63 -6.17
N LEU B 338 -3.32 -25.51 -4.84
CA LEU B 338 -3.94 -24.35 -4.25
C LEU B 338 -2.97 -23.22 -3.98
N TYR B 339 -1.67 -23.50 -3.97
CA TYR B 339 -0.69 -22.48 -3.60
C TYR B 339 -0.77 -21.20 -4.42
N PRO B 340 -0.78 -21.23 -5.77
CA PRO B 340 -0.86 -19.95 -6.52
C PRO B 340 -2.02 -19.08 -6.12
N PHE B 341 -3.16 -19.71 -5.82
CA PHE B 341 -4.35 -18.98 -5.42
C PHE B 341 -4.33 -18.53 -3.97
N TYR B 342 -3.39 -19.03 -3.16
CA TYR B 342 -3.16 -18.40 -1.87
C TYR B 342 -2.30 -17.15 -2.04
N LEU B 343 -1.44 -17.12 -3.06
CA LEU B 343 -0.74 -15.88 -3.39
C LEU B 343 -1.69 -14.84 -3.97
N ASN B 344 -2.59 -15.26 -4.88
CA ASN B 344 -3.50 -14.36 -5.59
C ASN B 344 -4.91 -14.94 -5.60
N PRO B 345 -5.67 -14.78 -4.51
CA PRO B 345 -7.01 -15.37 -4.45
C PRO B 345 -7.94 -14.94 -5.58
N GLU B 346 -7.79 -13.71 -6.10
CA GLU B 346 -8.64 -13.26 -7.19
C GLU B 346 -8.45 -14.08 -8.46
N ASP B 347 -7.35 -14.84 -8.58
CA ASP B 347 -7.15 -15.68 -9.75
C ASP B 347 -7.96 -16.98 -9.69
N TRP B 348 -8.67 -17.24 -8.60
CA TRP B 348 -9.45 -18.45 -8.47
C TRP B 348 -10.57 -18.46 -9.51
N LYS B 349 -10.66 -19.56 -10.25
CA LYS B 349 -11.53 -19.62 -11.43
C LYS B 349 -12.77 -20.49 -11.23
N PHE B 350 -13.12 -20.84 -9.99
CA PHE B 350 -14.37 -21.57 -9.73
C PHE B 350 -15.25 -20.74 -8.80
N LYS B 351 -16.51 -21.16 -8.69
CA LYS B 351 -17.55 -20.36 -8.04
C LYS B 351 -17.15 -20.06 -6.59
N GLN B 352 -17.31 -18.79 -6.21
CA GLN B 352 -16.83 -18.32 -4.91
C GLN B 352 -17.61 -17.03 -4.61
N ILE B 353 -18.81 -17.20 -4.02
CA ILE B 353 -19.83 -16.15 -3.91
C ILE B 353 -19.64 -15.28 -2.65
N LYS B 354 -18.50 -15.42 -2.00
CA LYS B 354 -18.00 -14.50 -0.98
C LYS B 354 -16.50 -14.44 -1.16
N PRO B 355 -15.86 -13.34 -0.77
CA PRO B 355 -14.40 -13.28 -0.91
C PRO B 355 -13.68 -14.19 0.08
N PHE B 356 -12.55 -14.75 -0.36
CA PHE B 356 -11.78 -15.71 0.44
C PHE B 356 -10.87 -15.01 1.45
N ASP B 357 -10.89 -15.49 2.69
CA ASP B 357 -10.06 -14.95 3.78
C ASP B 357 -8.62 -15.46 3.60
N GLN B 358 -7.75 -14.58 3.09
CA GLN B 358 -6.40 -15.02 2.76
C GLN B 358 -5.62 -15.43 3.99
N SER B 359 -5.86 -14.81 5.14
CA SER B 359 -5.09 -15.12 6.34
C SER B 359 -5.17 -16.61 6.72
N ARG B 360 -6.16 -17.37 6.20
CA ARG B 360 -6.23 -18.79 6.47
C ARG B 360 -5.01 -19.52 5.94
N ALA B 361 -4.39 -18.96 4.90
CA ALA B 361 -3.22 -19.59 4.31
C ALA B 361 -2.02 -19.57 5.24
N ALA B 362 -2.00 -18.66 6.22
CA ALA B 362 -0.84 -18.47 7.08
C ALA B 362 -0.52 -19.74 7.86
N ILE B 363 -1.46 -20.18 8.70
CA ILE B 363 -1.27 -21.40 9.48
C ILE B 363 -1.24 -22.62 8.56
N LEU B 364 -2.04 -22.63 7.50
CA LEU B 364 -2.06 -23.80 6.63
C LEU B 364 -0.72 -24.00 5.93
N LEU B 365 -0.17 -22.95 5.33
CA LEU B 365 1.10 -23.11 4.62
C LEU B 365 2.26 -23.35 5.57
N TYR B 366 2.21 -22.80 6.78
CA TYR B 366 3.26 -23.09 7.75
C TYR B 366 3.21 -24.55 8.19
N GLU B 367 2.01 -25.06 8.48
CA GLU B 367 1.86 -26.46 8.88
C GLU B 367 2.33 -27.41 7.79
N ALA B 368 1.76 -27.31 6.58
CA ALA B 368 2.19 -28.20 5.51
C ALA B 368 3.64 -27.91 5.11
N GLY B 369 4.07 -26.65 5.17
CA GLY B 369 5.42 -26.32 4.76
C GLY B 369 6.48 -26.91 5.67
N THR B 370 6.23 -26.89 6.98
CA THR B 370 7.18 -27.52 7.88
C THR B 370 7.14 -29.03 7.72
N ALA B 371 5.93 -29.60 7.58
CA ALA B 371 5.79 -31.05 7.46
C ALA B 371 6.54 -31.58 6.24
N LEU B 372 6.58 -30.80 5.16
CA LEU B 372 7.18 -31.19 3.89
C LEU B 372 8.58 -30.61 3.69
N GLY B 373 9.10 -29.84 4.64
CA GLY B 373 10.38 -29.21 4.42
C GLY B 373 10.42 -28.33 3.18
N ASN B 374 9.28 -27.74 2.83
CA ASN B 374 9.18 -26.81 1.71
C ASN B 374 9.40 -25.40 2.25
N GLN B 375 10.55 -24.81 1.93
CA GLN B 375 10.87 -23.49 2.47
C GLN B 375 10.06 -22.39 1.81
N LYS B 376 9.64 -22.60 0.56
CA LYS B 376 8.83 -21.60 -0.14
C LYS B 376 7.45 -21.46 0.49
N TYR B 377 6.85 -22.57 0.91
CA TYR B 377 5.58 -22.53 1.62
C TYR B 377 5.70 -21.81 2.96
N VAL B 378 6.81 -22.01 3.66
CA VAL B 378 6.97 -21.42 4.98
C VAL B 378 7.21 -19.92 4.87
N ASP B 379 8.03 -19.49 3.91
CA ASP B 379 8.28 -18.07 3.69
C ASP B 379 6.98 -17.33 3.36
N THR B 380 6.15 -17.92 2.48
CA THR B 380 4.88 -17.31 2.15
C THR B 380 3.96 -17.24 3.36
N ALA B 381 3.94 -18.31 4.18
CA ALA B 381 3.20 -18.32 5.43
C ALA B 381 3.55 -17.11 6.29
N LYS B 382 4.86 -16.83 6.44
CA LYS B 382 5.26 -15.72 7.29
C LYS B 382 4.98 -14.38 6.62
N ARG B 383 5.05 -14.34 5.28
CA ARG B 383 4.77 -13.11 4.54
C ARG B 383 3.31 -12.70 4.69
N ILE B 384 2.39 -13.65 4.50
CA ILE B 384 0.97 -13.40 4.80
C ILE B 384 0.80 -13.06 6.27
N GLY B 385 1.36 -13.88 7.16
CA GLY B 385 1.46 -13.57 8.57
C GLY B 385 0.17 -13.50 9.37
N LEU B 386 0.32 -13.45 10.68
CA LEU B 386 -0.77 -13.19 11.60
C LEU B 386 -0.44 -11.92 12.39
N LYS B 387 -1.47 -11.18 12.79
CA LYS B 387 -1.21 -9.95 13.54
C LYS B 387 -0.71 -10.31 14.93
N TYR B 388 0.38 -9.66 15.34
CA TYR B 388 1.04 -10.00 16.60
C TYR B 388 0.10 -9.94 17.80
N SER B 389 -0.84 -9.01 17.80
CA SER B 389 -1.66 -8.83 19.00
C SER B 389 -3.06 -9.42 18.88
N THR B 390 -3.39 -10.11 17.79
CA THR B 390 -4.73 -10.67 17.65
C THR B 390 -5.08 -11.52 18.86
N SER B 391 -6.36 -11.50 19.21
CA SER B 391 -6.88 -12.32 20.29
C SER B 391 -7.46 -13.64 19.81
N ASP B 392 -7.28 -14.01 18.53
CA ASP B 392 -7.83 -15.25 17.98
C ASP B 392 -7.09 -16.44 18.58
N VAL B 393 -7.79 -17.25 19.37
CA VAL B 393 -7.11 -18.22 20.23
C VAL B 393 -6.37 -19.26 19.41
N GLU B 394 -6.84 -19.55 18.18
CA GLU B 394 -6.14 -20.58 17.43
C GLU B 394 -4.76 -20.12 16.96
N THR B 395 -4.46 -18.81 17.01
CA THR B 395 -3.12 -18.35 16.66
C THR B 395 -2.15 -18.34 17.84
N ILE B 396 -2.59 -18.68 19.05
CA ILE B 396 -1.69 -18.62 20.21
C ILE B 396 -0.35 -19.32 19.96
N PRO B 397 -0.30 -20.52 19.39
CA PRO B 397 1.01 -21.19 19.23
C PRO B 397 1.91 -20.57 18.17
N TYR B 398 1.39 -19.72 17.30
CA TYR B 398 2.10 -19.29 16.10
C TYR B 398 2.76 -17.92 16.27
N LEU B 399 3.52 -17.72 17.35
CA LEU B 399 4.38 -16.55 17.42
C LEU B 399 5.29 -16.44 16.20
N VAL B 400 5.70 -17.57 15.62
CA VAL B 400 6.59 -17.59 14.46
C VAL B 400 5.95 -16.92 13.25
N LEU B 401 4.64 -16.77 13.22
CA LEU B 401 3.98 -16.09 12.11
C LEU B 401 3.60 -14.64 12.46
N LYS B 402 4.05 -14.13 13.60
CA LYS B 402 3.61 -12.85 14.14
C LYS B 402 4.80 -11.90 14.30
N LYS B 403 4.74 -10.76 13.63
CA LYS B 403 5.81 -9.78 13.74
C LYS B 403 5.22 -8.42 14.15
N SER C 23 29.33 2.53 31.68
CA SER C 23 28.67 3.38 30.68
C SER C 23 29.62 3.73 29.52
N ALA C 24 29.06 4.18 28.41
CA ALA C 24 29.88 4.30 27.22
C ALA C 24 30.82 5.51 27.31
N PRO C 25 32.02 5.41 26.72
CA PRO C 25 32.88 6.59 26.57
C PRO C 25 32.14 7.70 25.87
N LEU C 26 32.45 8.93 26.29
CA LEU C 26 31.97 10.13 25.63
C LEU C 26 32.30 10.08 24.14
N GLY C 27 31.27 10.15 23.30
CA GLY C 27 31.45 10.01 21.86
C GLY C 27 30.22 10.36 21.04
N PRO C 28 30.34 10.27 19.73
CA PRO C 28 29.32 10.84 18.80
C PRO C 28 28.25 9.82 18.40
N PHE C 29 27.35 9.54 19.34
CA PHE C 29 26.34 8.50 19.22
C PHE C 29 25.35 8.71 20.35
N ASN C 30 24.16 8.12 20.20
CA ASN C 30 23.23 7.92 21.30
C ASN C 30 23.83 6.90 22.24
N ALA C 31 24.48 7.38 23.32
CA ALA C 31 25.12 6.50 24.28
C ALA C 31 24.12 5.57 24.96
N THR C 32 22.91 6.05 25.16
CA THR C 32 21.87 5.22 25.78
C THR C 32 21.61 3.97 24.96
N LEU C 33 21.38 4.15 23.66
CA LEU C 33 21.10 3.01 22.80
C LEU C 33 22.29 2.08 22.69
N LEU C 34 23.51 2.63 22.62
CA LEU C 34 24.71 1.78 22.51
C LEU C 34 24.90 0.93 23.74
N GLU C 35 24.81 1.54 24.93
CA GLU C 35 24.97 0.80 26.18
C GLU C 35 23.92 -0.29 26.29
N GLN C 36 22.69 0.04 25.91
CA GLN C 36 21.62 -0.95 25.89
C GLN C 36 21.98 -2.13 24.98
N LEU C 37 22.39 -1.83 23.74
CA LEU C 37 22.79 -2.89 22.81
C LEU C 37 23.90 -3.76 23.41
N LYS C 38 24.94 -3.11 23.97
CA LYS C 38 26.07 -3.86 24.50
C LYS C 38 25.66 -4.72 25.68
N ASN C 39 24.86 -4.15 26.60
CA ASN C 39 24.39 -4.92 27.74
C ASN C 39 23.54 -6.10 27.29
N ASP C 40 22.58 -5.88 26.38
CA ASP C 40 21.74 -6.98 25.93
C ASP C 40 22.55 -8.04 25.20
N TYR C 41 23.48 -7.63 24.35
CA TYR C 41 24.31 -8.62 23.67
C TYR C 41 25.11 -9.44 24.68
N GLN C 42 25.58 -8.81 25.75
CA GLN C 42 26.37 -9.53 26.74
C GLN C 42 25.50 -10.44 27.60
N LYS C 43 24.24 -10.04 27.84
CA LYS C 43 23.29 -10.91 28.52
C LYS C 43 22.81 -12.06 27.63
N GLY C 44 22.99 -11.96 26.31
CA GLY C 44 22.56 -13.02 25.43
C GLY C 44 21.14 -12.91 24.92
N GLU C 45 20.51 -11.76 25.08
CA GLU C 45 19.15 -11.58 24.56
C GLU C 45 19.13 -11.85 23.07
N LYS C 46 18.20 -12.71 22.64
CA LYS C 46 18.31 -13.30 21.31
C LYS C 46 18.04 -12.28 20.21
N GLU C 47 17.08 -11.37 20.45
CA GLU C 47 16.75 -10.35 19.44
C GLU C 47 17.94 -9.44 19.16
N VAL C 48 18.62 -8.98 20.20
CA VAL C 48 19.80 -8.14 20.03
C VAL C 48 20.93 -8.96 19.41
N THR C 49 21.14 -10.18 19.91
CA THR C 49 22.17 -11.05 19.35
C THR C 49 21.93 -11.29 17.86
N ARG C 50 20.69 -11.51 17.45
CA ARG C 50 20.41 -11.68 16.03
C ARG C 50 20.69 -10.40 15.25
N TYR C 51 20.33 -9.25 15.83
CA TYR C 51 20.61 -7.98 15.17
C TYR C 51 22.12 -7.76 15.00
N ILE C 52 22.88 -7.99 16.06
CA ILE C 52 24.32 -7.73 15.99
C ILE C 52 24.98 -8.68 15.01
N GLU C 53 24.54 -9.95 14.97
CA GLU C 53 25.06 -10.91 14.01
C GLU C 53 24.87 -10.42 12.58
N LEU C 54 23.72 -9.82 12.27
CA LEU C 54 23.54 -9.21 10.96
C LEU C 54 24.47 -8.01 10.76
N GLN C 55 24.67 -7.19 11.81
CA GLN C 55 25.61 -6.07 11.70
C GLN C 55 27.03 -6.58 11.42
N GLU C 56 27.41 -7.69 12.04
CA GLU C 56 28.76 -8.22 11.83
C GLU C 56 28.97 -8.68 10.40
N LYS C 57 27.92 -9.23 9.77
CA LYS C 57 28.01 -9.66 8.38
C LYS C 57 28.10 -8.45 7.46
N VAL C 58 27.41 -7.36 7.79
CA VAL C 58 27.55 -6.11 7.03
C VAL C 58 28.97 -5.57 7.20
N ALA C 59 29.54 -5.72 8.39
CA ALA C 59 30.85 -5.17 8.71
C ALA C 59 32.01 -5.91 8.07
N GLU C 60 31.76 -7.05 7.42
CA GLU C 60 32.85 -7.85 6.86
C GLU C 60 33.59 -7.10 5.75
N LYS C 61 32.84 -6.39 4.91
CA LYS C 61 33.45 -5.62 3.84
C LYS C 61 34.39 -4.54 4.38
N TYR C 62 34.11 -4.02 5.57
CA TYR C 62 35.00 -3.00 6.12
C TYR C 62 36.26 -3.62 6.69
N ILE C 63 36.19 -4.90 7.11
CA ILE C 63 37.40 -5.59 7.54
C ILE C 63 38.33 -5.79 6.36
N LYS C 64 37.77 -6.07 5.19
CA LYS C 64 38.57 -6.34 3.99
C LYS C 64 39.04 -5.06 3.30
N MET C 65 38.25 -3.98 3.41
CA MET C 65 38.50 -2.76 2.65
C MET C 65 39.88 -2.17 2.91
N THR C 66 40.61 -1.87 1.84
CA THR C 66 41.88 -1.16 1.97
C THR C 66 41.61 0.20 2.59
N PRO C 67 42.37 0.63 3.60
CA PRO C 67 42.20 1.99 4.13
C PRO C 67 42.45 3.06 3.06
N LEU C 68 41.57 4.07 3.04
CA LEU C 68 41.67 5.24 2.17
C LEU C 68 42.56 6.33 2.75
N SER C 69 43.09 7.18 1.85
CA SER C 69 43.94 8.31 2.22
C SER C 69 43.54 9.55 1.41
N VAL C 70 43.62 10.71 2.06
CA VAL C 70 43.34 11.96 1.35
C VAL C 70 44.37 12.22 0.24
N THR C 71 45.51 11.52 0.24
CA THR C 71 46.57 11.73 -0.74
C THR C 71 46.31 11.04 -2.07
N ALA C 72 45.24 10.24 -2.17
CA ALA C 72 44.92 9.50 -3.40
C ALA C 72 44.25 10.40 -4.45
N LYS C 73 44.95 11.46 -4.84
CA LYS C 73 44.45 12.38 -5.84
C LYS C 73 45.58 12.76 -6.79
N LYS C 74 45.22 13.23 -7.98
CA LYS C 74 46.23 13.67 -8.94
C LYS C 74 46.35 15.18 -8.99
N LYS C 75 45.23 15.90 -9.12
CA LYS C 75 45.24 17.36 -9.09
C LYS C 75 45.51 17.84 -7.67
N LEU C 76 46.71 18.36 -7.42
CA LEU C 76 47.10 18.82 -6.10
C LEU C 76 46.47 20.18 -5.77
N PRO C 77 46.42 20.54 -4.49
CA PRO C 77 45.89 21.86 -4.09
C PRO C 77 46.93 22.95 -4.25
N PRO C 78 46.54 24.22 -4.08
CA PRO C 78 47.52 25.32 -4.20
C PRO C 78 48.75 25.19 -3.30
N SER C 79 48.66 24.42 -2.22
CA SER C 79 49.82 24.13 -1.37
C SER C 79 50.82 23.18 -2.01
N LYS C 80 50.43 22.48 -3.07
CA LYS C 80 51.17 21.36 -3.66
C LYS C 80 51.29 20.18 -2.69
N ASP C 81 50.49 20.14 -1.60
CA ASP C 81 50.58 19.06 -0.62
C ASP C 81 49.43 18.10 -0.81
N PRO C 82 49.69 16.85 -1.19
CA PRO C 82 48.58 15.89 -1.34
C PRO C 82 47.88 15.58 -0.02
N ARG C 83 48.51 15.83 1.13
CA ARG C 83 47.85 15.59 2.41
C ARG C 83 46.90 16.73 2.82
N ASP C 84 46.67 17.74 1.98
CA ASP C 84 45.65 18.73 2.26
C ASP C 84 44.34 18.27 1.64
N TYR C 85 43.31 18.16 2.46
CA TYR C 85 41.95 17.99 1.97
C TYR C 85 41.58 19.10 0.98
N MET C 86 40.91 18.72 -0.11
CA MET C 86 40.40 19.69 -1.07
C MET C 86 39.19 19.11 -1.79
N THR C 87 38.09 19.86 -1.80
CA THR C 87 36.91 19.52 -2.57
C THR C 87 36.38 20.78 -3.25
N LEU C 88 35.44 20.56 -4.15
CA LEU C 88 34.72 21.62 -4.85
C LEU C 88 33.42 21.89 -4.12
N SER C 89 33.11 23.17 -3.94
CA SER C 89 31.82 23.54 -3.36
C SER C 89 30.71 23.08 -4.31
N PRO C 90 29.70 22.36 -3.83
CA PRO C 90 28.88 21.53 -4.75
C PRO C 90 27.93 22.31 -5.63
N TYR C 91 27.61 23.56 -5.33
CA TYR C 91 26.59 24.30 -6.08
C TYR C 91 27.20 25.33 -7.01
N TRP C 92 28.46 25.17 -7.37
CA TRP C 92 29.21 26.12 -8.17
C TRP C 92 29.60 25.48 -9.50
N TRP C 93 29.22 26.12 -10.61
CA TRP C 93 29.34 25.57 -11.95
C TRP C 93 30.17 26.50 -12.83
N PRO C 94 30.83 25.98 -13.87
CA PRO C 94 31.44 26.86 -14.87
C PRO C 94 30.40 27.74 -15.54
N ASP C 95 30.83 28.97 -15.87
CA ASP C 95 29.99 29.94 -16.57
C ASP C 95 30.24 29.75 -18.05
N SER C 96 29.25 29.19 -18.75
CA SER C 96 29.40 28.85 -20.17
C SER C 96 29.51 30.09 -21.05
N THR C 97 29.03 31.24 -20.57
CA THR C 97 29.17 32.50 -21.30
C THR C 97 30.57 33.10 -21.18
N LYS C 98 31.49 32.40 -20.53
CA LYS C 98 32.88 32.83 -20.38
C LYS C 98 33.79 31.78 -21.02
N ILE C 99 34.85 32.25 -21.68
CA ILE C 99 35.65 31.37 -22.53
C ILE C 99 36.29 30.25 -21.71
N ASP C 100 36.80 30.59 -20.52
CA ASP C 100 37.40 29.61 -19.63
C ASP C 100 36.43 29.10 -18.57
N GLY C 101 35.18 29.59 -18.58
CA GLY C 101 34.21 29.20 -17.58
C GLY C 101 34.38 29.88 -16.23
N LEU C 102 35.41 30.69 -16.03
CA LEU C 102 35.80 31.42 -14.84
C LEU C 102 35.22 32.83 -14.85
N PRO C 103 34.75 33.29 -13.69
CA PRO C 103 34.69 32.56 -12.42
C PRO C 103 33.43 31.71 -12.35
N TYR C 104 33.41 30.64 -11.57
CA TYR C 104 32.21 29.84 -11.47
C TYR C 104 31.06 30.66 -10.92
N ILE C 105 29.84 30.19 -11.19
CA ILE C 105 28.61 30.81 -10.71
C ILE C 105 27.84 29.77 -9.90
N ARG C 106 26.95 30.25 -9.05
CA ARG C 106 26.28 29.41 -8.07
C ARG C 106 24.88 29.03 -8.54
N LYS C 107 24.53 27.76 -8.38
CA LYS C 107 23.19 27.29 -8.72
C LYS C 107 22.74 26.48 -7.51
N ASP C 108 22.00 27.13 -6.62
CA ASP C 108 21.71 26.55 -5.31
C ASP C 108 20.91 25.26 -5.47
N GLY C 109 21.38 24.20 -4.80
CA GLY C 109 20.66 22.94 -4.79
C GLY C 109 20.96 22.04 -5.95
N GLU C 110 21.78 22.48 -6.90
CA GLU C 110 22.14 21.69 -8.08
C GLU C 110 23.60 21.34 -7.92
N ARG C 111 23.85 20.08 -7.57
CA ARG C 111 25.21 19.57 -7.39
C ARG C 111 25.93 19.45 -8.74
N ASN C 112 27.03 20.17 -8.86
CA ASN C 112 27.91 20.01 -10.00
C ASN C 112 28.59 18.64 -9.90
N PRO C 113 28.41 17.74 -10.87
CA PRO C 113 29.10 16.44 -10.82
C PRO C 113 30.60 16.54 -10.91
N GLU C 114 31.17 17.74 -11.13
CA GLU C 114 32.62 17.90 -11.02
C GLU C 114 33.14 17.59 -9.61
N VAL C 115 32.29 17.74 -8.58
CA VAL C 115 32.67 17.38 -7.21
C VAL C 115 33.33 16.01 -7.18
N TYR C 116 32.89 15.09 -8.03
CA TYR C 116 33.39 13.72 -7.98
C TYR C 116 34.83 13.60 -8.49
N GLU C 117 35.33 14.60 -9.23
CA GLU C 117 36.74 14.56 -9.61
C GLU C 117 37.66 14.75 -8.41
N TYR C 118 37.12 15.06 -7.22
CA TYR C 118 37.91 15.25 -6.01
C TYR C 118 37.72 14.01 -5.15
N PRO C 119 38.68 13.08 -5.13
CA PRO C 119 38.41 11.77 -4.54
C PRO C 119 38.10 11.81 -3.05
N GLU C 120 38.68 12.76 -2.30
CA GLU C 120 38.42 12.78 -0.86
C GLU C 120 36.97 13.13 -0.53
N ARG C 121 36.19 13.70 -1.46
CA ARG C 121 34.78 13.98 -1.17
C ARG C 121 34.03 12.70 -0.82
N GLU C 122 34.12 11.68 -1.67
CA GLU C 122 33.48 10.41 -1.36
C GLU C 122 34.35 9.51 -0.50
N ASN C 123 35.68 9.64 -0.59
CA ASN C 123 36.55 8.78 0.21
C ASN C 123 36.44 9.08 1.71
N ALA C 124 36.15 10.33 2.07
CA ALA C 124 35.96 10.67 3.47
C ALA C 124 34.68 10.04 4.00
N ASN C 125 33.64 10.03 3.17
CA ASN C 125 32.41 9.34 3.52
C ASN C 125 32.66 7.84 3.69
N ARG C 126 33.40 7.23 2.76
CA ARG C 126 33.68 5.80 2.88
C ARG C 126 34.54 5.50 4.10
N PHE C 127 35.60 6.30 4.32
CA PHE C 127 36.39 6.15 5.54
C PHE C 127 35.52 6.24 6.78
N GLY C 128 34.67 7.27 6.85
CA GLY C 128 33.93 7.54 8.07
C GLY C 128 32.91 6.47 8.40
N ASP C 129 32.27 5.91 7.37
CA ASP C 129 31.38 4.76 7.56
C ASP C 129 32.14 3.56 8.12
N ALA C 130 33.27 3.22 7.51
CA ALA C 130 34.05 2.08 7.97
C ALA C 130 34.43 2.24 9.43
N ALA C 131 35.09 3.34 9.78
CA ALA C 131 35.62 3.46 11.14
C ALA C 131 34.48 3.49 12.14
N TYR C 132 33.39 4.18 11.81
CA TYR C 132 32.26 4.24 12.71
C TYR C 132 31.71 2.84 12.96
N CYS C 133 31.46 2.09 11.88
CA CYS C 133 30.86 0.77 12.02
C CYS C 133 31.77 -0.17 12.82
N LEU C 134 33.00 -0.33 12.36
CA LEU C 134 33.97 -1.16 13.06
C LEU C 134 34.08 -0.77 14.54
N GLY C 135 34.23 0.54 14.81
CA GLY C 135 34.40 0.98 16.17
C GLY C 135 33.19 0.68 17.04
N VAL C 136 32.00 0.82 16.47
CA VAL C 136 30.82 0.56 17.27
C VAL C 136 30.66 -0.94 17.52
N LEU C 137 30.98 -1.78 16.52
CA LEU C 137 30.89 -3.22 16.73
C LEU C 137 31.94 -3.74 17.70
N TYR C 138 33.11 -3.11 17.76
CA TYR C 138 34.07 -3.51 18.78
C TYR C 138 33.54 -3.18 20.16
N TYR C 139 32.90 -2.02 20.32
CA TYR C 139 32.40 -1.64 21.63
C TYR C 139 31.33 -2.61 22.10
N ILE C 140 30.49 -3.07 21.18
CA ILE C 140 29.41 -3.96 21.56
C ILE C 140 29.94 -5.37 21.81
N THR C 141 30.78 -5.87 20.90
CA THR C 141 31.16 -7.28 20.94
C THR C 141 32.46 -7.53 21.71
N GLY C 142 33.32 -6.53 21.82
CA GLY C 142 34.62 -6.75 22.42
C GLY C 142 35.55 -7.59 21.60
N LYS C 143 35.20 -7.87 20.33
CA LYS C 143 36.02 -8.71 19.46
C LYS C 143 37.17 -7.89 18.87
N GLU C 144 38.40 -8.34 19.11
CA GLU C 144 39.59 -7.57 18.75
C GLU C 144 39.69 -7.35 17.24
N VAL C 145 39.09 -8.22 16.43
CA VAL C 145 39.20 -8.07 14.98
C VAL C 145 38.62 -6.73 14.52
N TYR C 146 37.58 -6.22 15.19
CA TYR C 146 37.01 -4.92 14.78
C TYR C 146 37.89 -3.76 15.23
N ALA C 147 38.51 -3.86 16.40
CA ALA C 147 39.47 -2.84 16.80
C ALA C 147 40.67 -2.81 15.86
N LYS C 148 41.09 -3.98 15.38
CA LYS C 148 42.25 -4.05 14.49
C LYS C 148 41.96 -3.34 13.17
N ALA C 149 40.80 -3.63 12.59
CA ALA C 149 40.45 -3.02 11.31
C ALA C 149 40.17 -1.53 11.47
N CYS C 150 39.47 -1.14 12.54
CA CYS C 150 39.19 0.27 12.79
C CYS C 150 40.50 1.05 12.92
N ALA C 151 41.42 0.55 13.76
CA ALA C 151 42.73 1.18 13.90
C ALA C 151 43.41 1.36 12.54
N ASN C 152 43.31 0.37 11.65
CA ASN C 152 44.00 0.48 10.36
C ASN C 152 43.51 1.69 9.58
N HIS C 153 42.19 1.90 9.56
CA HIS C 153 41.61 3.05 8.87
C HIS C 153 41.99 4.36 9.56
N LEU C 154 41.94 4.40 10.91
CA LEU C 154 42.24 5.63 11.64
C LEU C 154 43.69 6.06 11.41
N ARG C 155 44.64 5.12 11.57
CA ARG C 155 46.05 5.41 11.31
C ARG C 155 46.25 5.99 9.91
N THR C 156 45.66 5.34 8.92
CA THR C 156 45.90 5.75 7.55
C THR C 156 45.28 7.11 7.27
N TRP C 157 44.04 7.34 7.74
CA TRP C 157 43.37 8.60 7.42
C TRP C 157 43.99 9.78 8.18
N PHE C 158 44.27 9.61 9.48
CA PHE C 158 44.62 10.73 10.34
C PHE C 158 46.12 10.90 10.56
N THR C 159 46.80 9.89 11.12
CA THR C 159 48.10 10.09 11.73
C THR C 159 49.29 9.58 10.92
N ASP C 160 49.09 8.88 9.81
CA ASP C 160 50.23 8.36 9.07
C ASP C 160 51.10 9.51 8.55
N PRO C 161 52.42 9.42 8.70
CA PRO C 161 53.27 10.57 8.31
C PRO C 161 53.32 10.82 6.81
N LYS C 162 52.91 9.84 6.00
CA LYS C 162 52.81 10.02 4.56
C LYS C 162 51.38 10.05 4.07
N LEU C 163 50.49 9.24 4.64
CA LEU C 163 49.13 9.12 4.14
C LEU C 163 48.11 9.90 4.96
N GLY C 164 48.48 10.36 6.15
CA GLY C 164 47.54 11.07 7.01
C GLY C 164 47.24 12.47 6.48
N MET C 165 46.00 12.92 6.70
CA MET C 165 45.63 14.27 6.28
C MET C 165 46.23 15.29 7.23
N ASN C 166 46.62 16.43 6.67
CA ASN C 166 47.01 17.56 7.49
C ASN C 166 45.81 18.01 8.33
N PRO C 167 46.03 18.41 9.58
CA PRO C 167 44.88 18.85 10.39
C PRO C 167 44.43 20.27 10.06
N ASN C 168 43.79 20.43 8.90
CA ASN C 168 43.21 21.71 8.49
C ASN C 168 42.16 21.45 7.42
N MET C 169 41.43 22.52 7.06
CA MET C 169 40.43 22.45 5.98
C MET C 169 40.55 23.65 5.02
N THR C 170 41.77 24.14 4.82
CA THR C 170 42.00 25.38 4.06
C THR C 170 41.39 25.32 2.66
N TYR C 171 41.46 24.15 2.00
CA TYR C 171 41.03 24.01 0.61
C TYR C 171 39.75 23.20 0.49
N ALA C 172 38.97 23.10 1.57
CA ALA C 172 37.66 22.47 1.53
C ALA C 172 36.69 23.36 0.77
N GLN C 173 35.93 22.75 -0.14
CA GLN C 173 34.96 23.44 -0.97
C GLN C 173 35.51 24.73 -1.59
N ALA C 174 36.70 24.61 -2.19
CA ALA C 174 37.24 25.68 -3.00
C ALA C 174 36.37 25.89 -4.23
N VAL C 175 36.50 27.06 -4.84
CA VAL C 175 35.66 27.44 -5.99
C VAL C 175 36.52 28.17 -7.02
N PRO C 176 36.69 27.60 -8.21
CA PRO C 176 37.55 28.22 -9.23
C PRO C 176 37.13 29.66 -9.55
N GLY C 177 38.12 30.54 -9.62
CA GLY C 177 37.89 31.93 -9.97
C GLY C 177 37.39 32.82 -8.85
N MET C 178 37.02 32.27 -7.70
CA MET C 178 36.62 33.09 -6.58
C MET C 178 37.86 33.63 -5.88
N LYS C 179 37.87 34.94 -5.61
CA LYS C 179 39.08 35.60 -5.12
C LYS C 179 39.23 35.49 -3.61
N LYS C 180 38.12 35.51 -2.90
CA LYS C 180 38.13 35.54 -1.45
C LYS C 180 38.29 34.14 -0.88
N MET C 181 38.95 34.07 0.28
CA MET C 181 38.98 32.87 1.11
C MET C 181 37.63 32.66 1.79
N ARG C 182 37.19 31.41 1.89
CA ARG C 182 35.93 31.06 2.56
C ARG C 182 36.12 29.88 3.51
N GLY C 183 35.34 29.86 4.58
CA GLY C 183 35.31 28.76 5.52
C GLY C 183 34.13 27.81 5.36
N SER C 184 33.25 28.05 4.37
CA SER C 184 32.04 27.25 4.21
C SER C 184 32.33 25.77 4.08
N GLY C 185 33.50 25.41 3.58
CA GLY C 185 33.78 23.99 3.36
C GLY C 185 34.06 23.19 4.62
N PHE C 186 34.21 23.85 5.78
CA PHE C 186 34.52 23.16 7.03
C PHE C 186 33.48 22.13 7.37
N ILE C 187 32.25 22.33 6.88
CA ILE C 187 31.17 21.38 7.12
C ILE C 187 31.50 19.99 6.58
N ASP C 188 32.43 19.89 5.61
CA ASP C 188 32.88 18.57 5.16
C ASP C 188 33.45 17.73 6.32
N SER C 189 33.91 18.38 7.40
CA SER C 189 34.65 17.67 8.46
C SER C 189 33.77 16.64 9.16
N ARG C 190 32.45 16.82 9.11
CA ARG C 190 31.53 15.91 9.79
C ARG C 190 31.67 14.49 9.27
N ARG C 191 32.13 14.33 8.02
CA ARG C 191 32.28 13.02 7.42
C ARG C 191 33.46 12.24 8.04
N PHE C 192 34.47 12.91 8.64
CA PHE C 192 35.52 12.19 9.36
C PHE C 192 35.59 12.50 10.85
N SER C 193 34.85 13.50 11.34
CA SER C 193 34.94 13.84 12.75
C SER C 193 34.19 12.84 13.63
N ARG C 194 33.13 12.20 13.10
CA ARG C 194 32.50 11.10 13.83
C ARG C 194 33.48 9.94 13.98
N ALA C 195 34.30 9.68 12.97
CA ALA C 195 35.27 8.61 13.11
C ALA C 195 36.31 8.97 14.15
N LEU C 196 36.73 10.24 14.16
CA LEU C 196 37.59 10.70 15.25
C LEU C 196 36.99 10.32 16.60
N GLY C 197 35.72 10.64 16.82
CA GLY C 197 35.10 10.38 18.11
C GLY C 197 34.98 8.90 18.44
N VAL C 198 34.66 8.07 17.44
CA VAL C 198 34.59 6.62 17.61
C VAL C 198 35.92 6.00 18.02
N ALA C 199 37.05 6.64 17.72
CA ALA C 199 38.32 6.07 18.15
C ALA C 199 38.40 5.82 19.67
N LYS C 200 37.66 6.60 20.48
CA LYS C 200 37.61 6.36 21.92
CA LYS C 200 37.67 6.35 21.92
C LYS C 200 37.12 4.96 22.25
N LEU C 201 36.20 4.43 21.44
CA LEU C 201 35.62 3.11 21.67
C LEU C 201 36.64 1.98 21.57
N ILE C 202 37.71 2.14 20.79
CA ILE C 202 38.71 1.09 20.62
C ILE C 202 39.92 1.30 21.53
N GLU C 203 39.90 2.33 22.39
CA GLU C 203 40.97 2.48 23.37
C GLU C 203 40.89 1.34 24.40
N GLY C 204 42.05 0.82 24.78
CA GLY C 204 42.08 -0.38 25.59
C GLY C 204 42.24 -1.67 24.81
N SER C 205 42.05 -1.63 23.49
CA SER C 205 42.26 -2.81 22.69
CA SER C 205 42.27 -2.78 22.63
C SER C 205 43.75 -3.11 22.58
N LYS C 206 44.06 -4.35 22.18
CA LYS C 206 45.45 -4.67 21.86
C LYS C 206 45.91 -3.91 20.62
N SER C 207 44.99 -3.63 19.69
CA SER C 207 45.37 -3.10 18.37
C SER C 207 45.65 -1.61 18.41
N TRP C 208 44.96 -0.87 19.27
CA TRP C 208 45.11 0.59 19.38
C TRP C 208 46.08 0.86 20.52
N THR C 209 47.35 1.03 20.18
CA THR C 209 48.41 1.12 21.18
C THR C 209 48.43 2.51 21.81
N PRO C 210 49.15 2.67 22.93
CA PRO C 210 49.30 4.01 23.52
C PRO C 210 49.95 5.01 22.58
N SER C 211 50.83 4.55 21.68
CA SER C 211 51.41 5.43 20.68
C SER C 211 50.39 5.83 19.62
N ASP C 212 49.52 4.90 19.22
CA ASP C 212 48.45 5.26 18.30
C ASP C 212 47.58 6.35 18.90
N LYS C 213 47.23 6.19 20.17
CA LYS C 213 46.36 7.15 20.85
C LYS C 213 47.04 8.51 21.00
N LYS C 214 48.32 8.51 21.39
CA LYS C 214 49.06 9.75 21.51
C LYS C 214 49.10 10.50 20.19
N LYS C 215 49.30 9.79 19.06
CA LYS C 215 49.37 10.50 17.77
C LYS C 215 48.02 11.09 17.39
N LEU C 216 46.95 10.33 17.60
CA LEU C 216 45.62 10.83 17.28
C LEU C 216 45.25 12.01 18.17
N ASP C 217 45.64 11.98 19.45
CA ASP C 217 45.39 13.11 20.35
C ASP C 217 46.08 14.36 19.84
N ASP C 218 47.33 14.22 19.38
CA ASP C 218 48.09 15.36 18.87
C ASP C 218 47.51 15.89 17.57
N TRP C 219 47.05 15.00 16.69
CA TRP C 219 46.34 15.45 15.50
C TRP C 219 45.07 16.19 15.89
N ALA C 220 44.30 15.60 16.81
CA ALA C 220 43.04 16.21 17.21
C ALA C 220 43.26 17.57 17.84
N THR C 221 44.30 17.68 18.68
CA THR C 221 44.63 18.98 19.27
C THR C 221 44.91 20.01 18.18
N ALA C 222 45.68 19.62 17.15
CA ALA C 222 46.07 20.54 16.09
C ALA C 222 44.88 20.93 15.21
N PHE C 223 43.99 19.96 14.91
CA PHE C 223 42.77 20.27 14.18
C PHE C 223 41.92 21.24 14.99
N CYS C 224 41.79 20.98 16.29
CA CYS C 224 41.03 21.85 17.15
C CYS C 224 41.64 23.25 17.20
N TYR C 225 42.97 23.35 17.23
CA TYR C 225 43.60 24.65 17.14
C TYR C 225 43.25 25.33 15.82
N TRP C 226 43.30 24.57 14.72
CA TRP C 226 43.05 25.18 13.42
C TRP C 226 41.62 25.71 13.31
N MET C 227 40.64 24.92 13.76
CA MET C 227 39.27 25.34 13.59
C MET C 227 38.87 26.47 14.54
N GLU C 228 39.60 26.62 15.65
CA GLU C 228 39.36 27.70 16.62
C GLU C 228 40.11 28.99 16.32
N ASN C 229 41.25 28.94 15.60
CA ASN C 229 42.05 30.15 15.41
C ASN C 229 42.29 30.54 13.96
N SER C 230 42.18 29.62 13.01
CA SER C 230 42.34 30.05 11.63
C SER C 230 41.22 31.04 11.29
N THR C 231 41.49 31.91 10.32
CA THR C 231 40.46 32.86 9.88
C THR C 231 39.24 32.12 9.35
N GLN C 232 39.47 31.11 8.50
CA GLN C 232 38.35 30.33 8.00
C GLN C 232 37.54 29.72 9.13
N GLY C 233 38.21 29.26 10.20
CA GLY C 233 37.46 28.62 11.28
C GLY C 233 36.63 29.60 12.08
N GLN C 234 37.25 30.73 12.45
CA GLN C 234 36.56 31.83 13.11
C GLN C 234 35.32 32.26 12.34
N ARG C 235 35.46 32.47 11.02
CA ARG C 235 34.31 32.87 10.21
C ARG C 235 33.22 31.81 10.27
N GLU C 236 33.57 30.55 10.01
CA GLU C 236 32.55 29.50 10.05
C GLU C 236 31.93 29.39 11.44
N SER C 237 32.70 29.59 12.51
CA SER C 237 32.13 29.56 13.86
C SER C 237 31.09 30.66 14.06
N HIS C 238 31.10 31.68 13.20
CA HIS C 238 30.16 32.78 13.31
C HIS C 238 28.97 32.64 12.38
N ALA C 239 28.90 31.58 11.57
CA ALA C 239 27.83 31.47 10.58
C ALA C 239 26.46 31.43 11.27
N ALA C 240 25.45 31.95 10.57
CA ALA C 240 24.14 32.18 11.16
C ALA C 240 23.12 31.13 10.76
N ASN C 241 23.50 30.17 9.89
CA ASN C 241 22.59 29.14 9.40
C ASN C 241 23.02 27.75 9.87
N ASN C 242 22.58 26.70 9.14
CA ASN C 242 22.95 25.34 9.52
C ASN C 242 24.45 25.13 9.58
N HIS C 243 25.24 26.01 8.95
CA HIS C 243 26.71 25.86 8.97
C HIS C 243 27.28 26.17 10.35
N GLY C 244 26.68 27.13 11.07
CA GLY C 244 27.13 27.44 12.42
C GLY C 244 26.82 26.30 13.38
N LEU C 245 25.63 25.72 13.26
CA LEU C 245 25.29 24.57 14.09
C LEU C 245 26.19 23.39 13.76
N TRP C 246 26.35 23.07 12.47
CA TRP C 246 27.23 21.98 12.09
C TRP C 246 28.67 22.22 12.54
N TYR C 247 29.17 23.45 12.39
CA TYR C 247 30.48 23.79 12.90
C TYR C 247 30.60 23.41 14.37
N GLU C 248 29.58 23.74 15.17
CA GLU C 248 29.68 23.47 16.59
C GLU C 248 29.49 21.99 16.92
N ALA C 249 28.70 21.26 16.13
CA ALA C 249 28.60 19.82 16.34
C ALA C 249 29.94 19.14 16.05
N ILE C 250 30.63 19.58 15.00
CA ILE C 250 31.98 19.09 14.75
C ILE C 250 32.89 19.52 15.90
N HIS C 251 32.77 20.77 16.33
CA HIS C 251 33.56 21.23 17.47
C HIS C 251 33.41 20.28 18.65
N LEU C 252 32.16 19.87 18.93
CA LEU C 252 31.86 18.99 20.07
C LEU C 252 32.49 17.59 19.92
N MET C 253 32.44 17.02 18.71
CA MET C 253 33.07 15.72 18.47
C MET C 253 34.57 15.77 18.76
N VAL C 254 35.25 16.82 18.27
CA VAL C 254 36.68 16.98 18.53
C VAL C 254 36.92 17.23 20.02
N LEU C 255 36.09 18.08 20.65
CA LEU C 255 36.28 18.38 22.07
C LEU C 255 36.00 17.15 22.93
N ALA C 256 34.97 16.38 22.56
CA ALA C 256 34.67 15.14 23.28
C ALA C 256 35.82 14.14 23.13
N TYR C 257 36.36 14.00 21.92
CA TYR C 257 37.49 13.09 21.73
C TYR C 257 38.65 13.45 22.66
N LEU C 258 38.95 14.73 22.80
CA LEU C 258 40.00 15.22 23.68
C LEU C 258 39.58 15.27 25.14
N ASP C 259 38.36 14.82 25.46
CA ASP C 259 37.86 14.82 26.83
C ASP C 259 37.77 16.24 27.39
N ARG C 260 37.54 17.24 26.55
CA ARG C 260 37.43 18.62 27.04
C ARG C 260 35.96 18.92 27.36
N THR C 261 35.49 18.25 28.43
CA THR C 261 34.10 18.39 28.90
C THR C 261 33.77 19.82 29.36
N ASP C 262 34.70 20.54 29.98
CA ASP C 262 34.42 21.94 30.31
C ASP C 262 34.18 22.76 29.05
N ARG C 263 34.99 22.55 28.01
CA ARG C 263 34.76 23.25 26.74
C ARG C 263 33.41 22.89 26.14
N ILE C 264 32.99 21.63 26.28
CA ILE C 264 31.69 21.22 25.74
C ILE C 264 30.57 22.05 26.35
N ARG C 265 30.63 22.29 27.69
CA ARG C 265 29.64 23.13 28.34
CA ARG C 265 29.66 23.14 28.36
C ARG C 265 29.66 24.55 27.79
N GLU C 266 30.86 25.15 27.72
CA GLU C 266 30.97 26.50 27.22
C GLU C 266 30.40 26.63 25.80
N VAL C 267 30.70 25.67 24.93
CA VAL C 267 30.24 25.76 23.54
C VAL C 267 28.72 25.65 23.47
N ALA C 268 28.14 24.75 24.28
CA ALA C 268 26.68 24.60 24.26
C ALA C 268 25.99 25.83 24.79
N GLU C 269 26.42 26.30 25.96
CA GLU C 269 25.78 27.46 26.57
C GLU C 269 26.12 28.78 25.89
N GLN C 270 27.30 28.93 25.25
CA GLN C 270 27.63 30.24 24.70
C GLN C 270 27.58 30.30 23.18
N SER C 271 27.56 29.18 22.48
CA SER C 271 27.51 29.25 21.02
CA SER C 271 27.52 29.24 21.02
C SER C 271 26.30 28.55 20.42
N ILE C 272 26.07 27.28 20.76
CA ILE C 272 24.99 26.53 20.12
C ILE C 272 23.63 27.11 20.49
N LEU C 273 23.34 27.19 21.78
CA LEU C 273 22.03 27.68 22.20
C LEU C 273 21.76 29.10 21.70
N PRO C 274 22.68 30.06 21.80
CA PRO C 274 22.47 31.34 21.10
C PRO C 274 22.23 31.20 19.60
N LYS C 275 23.07 30.42 18.91
CA LYS C 275 22.88 30.20 17.47
CA LYS C 275 22.88 30.20 17.47
C LYS C 275 21.51 29.60 17.20
N MET C 276 21.14 28.54 17.94
CA MET C 276 19.82 27.94 17.80
C MET C 276 18.73 28.99 18.02
N GLY C 277 18.87 29.81 19.07
CA GLY C 277 17.80 30.73 19.42
C GLY C 277 17.62 31.82 18.38
N ALA C 278 18.71 32.25 17.77
CA ALA C 278 18.66 33.30 16.74
C ALA C 278 18.12 32.81 15.40
N GLN C 279 18.11 31.50 15.14
CA GLN C 279 17.64 30.97 13.85
C GLN C 279 16.16 30.59 13.83
N ILE C 280 15.52 30.43 14.98
CA ILE C 280 14.14 29.99 15.02
C ILE C 280 13.22 31.20 15.09
N ALA C 281 12.29 31.31 14.15
CA ALA C 281 11.33 32.40 14.15
C ALA C 281 10.19 32.09 15.12
N ASP C 282 9.25 33.03 15.24
CA ASP C 282 8.21 32.89 16.26
C ASP C 282 7.29 31.71 15.95
N ASP C 283 7.09 31.39 14.66
CA ASP C 283 6.30 30.21 14.31
C ASP C 283 7.06 28.90 14.41
N GLY C 284 8.34 28.90 14.77
CA GLY C 284 9.14 27.69 14.74
C GLY C 284 9.89 27.43 13.45
N SER C 285 9.60 28.18 12.37
CA SER C 285 10.34 28.05 11.13
C SER C 285 11.77 28.56 11.26
N LEU C 286 12.62 28.09 10.34
CA LEU C 286 14.04 28.45 10.30
C LEU C 286 14.28 29.33 9.08
N PRO C 287 14.05 30.65 9.19
CA PRO C 287 14.00 31.52 8.00
C PRO C 287 15.21 31.45 7.10
N GLN C 288 16.39 31.29 7.69
CA GLN C 288 17.61 31.13 6.91
C GLN C 288 17.50 29.98 5.92
N GLU C 289 16.96 28.84 6.36
CA GLU C 289 16.83 27.68 5.49
C GLU C 289 15.61 27.77 4.57
N LEU C 290 14.59 28.55 4.94
CA LEU C 290 13.42 28.68 4.08
C LEU C 290 13.75 29.37 2.76
N LYS C 291 14.86 30.13 2.71
CA LYS C 291 15.27 30.85 1.52
C LYS C 291 16.01 29.96 0.51
N ARG C 292 16.32 28.72 0.87
CA ARG C 292 17.03 27.83 -0.02
C ARG C 292 16.07 27.15 -1.01
N THR C 293 16.65 26.73 -2.14
CA THR C 293 15.92 25.93 -3.12
C THR C 293 15.63 24.52 -2.61
N LEU C 294 16.29 24.08 -1.55
CA LEU C 294 15.99 22.79 -0.92
C LEU C 294 15.58 23.03 0.53
N SER C 295 14.49 23.79 0.69
CA SER C 295 14.14 24.42 1.96
C SER C 295 13.70 23.41 3.03
N LEU C 296 13.08 22.30 2.64
CA LEU C 296 12.74 21.30 3.64
C LEU C 296 13.94 20.43 3.98
N ASN C 297 14.85 20.24 3.01
CA ASN C 297 16.13 19.59 3.27
C ASN C 297 16.95 20.40 4.28
N TYR C 298 17.10 21.70 4.03
CA TYR C 298 17.98 22.48 4.87
C TYR C 298 17.38 22.78 6.23
N SER C 299 16.05 22.92 6.32
CA SER C 299 15.43 22.96 7.64
C SER C 299 15.78 21.71 8.42
N THR C 300 15.59 20.55 7.79
CA THR C 300 15.93 19.27 8.40
C THR C 300 17.41 19.17 8.73
N PHE C 301 18.26 19.72 7.85
CA PHE C 301 19.71 19.68 8.04
C PHE C 301 20.14 20.49 9.26
N ALA C 302 19.54 21.65 9.48
CA ALA C 302 19.82 22.40 10.71
C ALA C 302 19.59 21.54 11.93
N LEU C 303 18.40 20.92 12.03
CA LEU C 303 18.07 20.15 13.22
C LEU C 303 18.95 18.90 13.36
N GLU C 304 19.47 18.37 12.26
CA GLU C 304 20.38 17.23 12.37
C GLU C 304 21.71 17.60 13.03
N ALA C 305 22.21 18.83 12.80
CA ALA C 305 23.41 19.28 13.51
C ALA C 305 23.15 19.34 15.01
N LEU C 306 22.04 19.96 15.39
CA LEU C 306 21.62 20.02 16.79
C LEU C 306 21.45 18.62 17.37
N MET C 307 20.85 17.70 16.60
CA MET C 307 20.67 16.33 17.09
C MET C 307 22.02 15.66 17.39
N GLU C 308 22.98 15.77 16.45
CA GLU C 308 24.28 15.14 16.69
C GLU C 308 25.05 15.86 17.79
N ALA C 309 24.87 17.18 17.91
CA ALA C 309 25.48 17.90 19.02
C ALA C 309 24.87 17.47 20.34
N ASN C 310 23.53 17.35 20.38
CA ASN C 310 22.85 16.94 21.60
C ASN C 310 23.28 15.55 22.07
N GLN C 311 23.55 14.62 21.13
CA GLN C 311 24.03 13.31 21.55
C GLN C 311 25.27 13.44 22.42
N ILE C 312 26.08 14.45 22.18
CA ILE C 312 27.24 14.69 23.02
C ILE C 312 26.89 15.48 24.27
N THR C 313 26.24 16.65 24.14
CA THR C 313 25.94 17.45 25.33
C THR C 313 25.08 16.65 26.33
N SER C 314 24.16 15.82 25.83
CA SER C 314 23.28 15.14 26.76
C SER C 314 24.00 14.08 27.60
N GLN C 315 25.19 13.64 27.17
N GLN C 315 25.19 13.64 27.21
CA GLN C 315 26.04 12.72 27.94
CA GLN C 315 25.89 12.70 28.08
C GLN C 315 26.73 13.41 29.12
C GLN C 315 26.79 13.40 29.09
N ILE C 316 26.74 14.74 29.16
CA ILE C 316 27.21 15.50 30.31
C ILE C 316 26.10 16.35 30.91
N GLY C 317 24.84 16.05 30.57
CA GLY C 317 23.70 16.57 31.27
C GLY C 317 23.05 17.80 30.69
N ILE C 318 23.41 18.19 29.46
CA ILE C 318 22.82 19.34 28.78
C ILE C 318 21.94 18.85 27.63
N ASN C 319 20.65 19.13 27.72
CA ASN C 319 19.67 18.72 26.72
C ASN C 319 19.42 19.92 25.81
N LEU C 320 19.92 19.83 24.57
CA LEU C 320 19.76 20.95 23.64
C LEU C 320 18.36 21.02 23.05
N TRP C 321 17.57 19.96 23.14
CA TRP C 321 16.21 20.02 22.61
C TRP C 321 15.28 20.83 23.49
N SER C 322 15.51 20.82 24.81
CA SER C 322 14.59 21.41 25.77
C SER C 322 15.18 22.55 26.61
N THR C 323 16.46 22.89 26.43
CA THR C 323 17.03 24.04 27.11
C THR C 323 16.80 25.29 26.29
N PRO C 324 16.01 26.25 26.76
CA PRO C 324 15.80 27.49 26.00
C PRO C 324 17.05 28.36 25.99
N ALA C 325 17.18 29.16 24.94
CA ALA C 325 18.26 30.11 24.78
C ALA C 325 17.90 31.42 25.48
N SER C 326 18.86 32.36 25.56
CA SER C 326 18.63 33.64 26.24
C SER C 326 17.42 34.41 25.70
N ASN C 327 17.03 34.19 24.45
CA ASN C 327 15.92 34.95 23.88
C ASN C 327 14.59 34.25 24.06
N GLY C 328 14.55 33.12 24.75
CA GLY C 328 13.33 32.39 24.97
C GLY C 328 13.05 31.30 23.96
N LYS C 329 13.73 31.31 22.80
CA LYS C 329 13.53 30.26 21.80
C LYS C 329 14.08 28.91 22.30
N VAL C 330 13.48 27.83 21.82
CA VAL C 330 13.87 26.50 22.24
C VAL C 330 13.73 25.56 21.05
N ALA C 331 14.72 24.68 20.86
CA ALA C 331 14.79 23.86 19.65
C ALA C 331 13.50 23.10 19.39
N SER C 332 12.77 22.75 20.45
CA SER C 332 11.51 22.03 20.31
C SER C 332 10.49 22.81 19.47
N GLN C 333 10.58 24.15 19.45
CA GLN C 333 9.70 24.93 18.58
C GLN C 333 9.99 24.63 17.11
N ALA C 334 11.26 24.42 16.76
CA ALA C 334 11.61 24.12 15.39
C ALA C 334 11.11 22.75 14.94
N VAL C 335 11.10 21.77 15.84
CA VAL C 335 10.56 20.45 15.51
C VAL C 335 9.06 20.50 15.32
N ASP C 336 8.36 21.19 16.22
CA ASP C 336 6.92 21.30 16.12
C ASP C 336 6.47 21.92 14.80
N TYR C 337 7.19 22.93 14.30
CA TYR C 337 6.80 23.54 13.03
C TYR C 337 6.94 22.55 11.88
N LEU C 338 8.00 21.74 11.89
CA LEU C 338 8.27 20.79 10.81
C LEU C 338 7.55 19.46 10.96
N TYR C 339 6.94 19.17 12.11
CA TYR C 339 6.37 17.84 12.31
C TYR C 339 5.27 17.50 11.30
N PRO C 340 4.27 18.35 11.04
CA PRO C 340 3.27 18.01 10.00
C PRO C 340 3.88 17.66 8.67
N PHE C 341 4.93 18.36 8.27
CA PHE C 341 5.57 18.11 6.99
C PHE C 341 6.42 16.83 6.99
N TYR C 342 6.83 16.33 8.16
CA TYR C 342 7.41 15.00 8.20
C TYR C 342 6.32 13.95 8.03
N LEU C 343 5.11 14.26 8.52
CA LEU C 343 3.96 13.42 8.23
C LEU C 343 3.60 13.47 6.75
N ASN C 344 3.62 14.65 6.15
CA ASN C 344 3.16 14.84 4.78
C ASN C 344 4.06 15.84 4.06
N PRO C 345 5.21 15.39 3.58
CA PRO C 345 6.12 16.30 2.85
C PRO C 345 5.45 16.99 1.68
N GLU C 346 4.49 16.32 1.03
CA GLU C 346 3.81 16.94 -0.11
C GLU C 346 3.24 18.31 0.25
N ASP C 347 2.96 18.55 1.55
CA ASP C 347 2.34 19.79 2.02
C ASP C 347 3.33 20.93 2.22
N TRP C 348 4.63 20.68 2.06
CA TRP C 348 5.63 21.73 2.23
C TRP C 348 5.45 22.81 1.17
N LYS C 349 5.40 24.07 1.61
CA LYS C 349 4.98 25.18 0.77
C LYS C 349 6.13 26.04 0.27
N PHE C 350 7.38 25.62 0.48
CA PHE C 350 8.52 26.39 0.05
C PHE C 350 9.34 25.61 -0.97
N LYS C 351 10.23 26.32 -1.66
CA LYS C 351 10.98 25.76 -2.78
C LYS C 351 11.72 24.50 -2.36
N GLN C 352 11.45 23.41 -3.08
CA GLN C 352 12.04 22.11 -2.77
C GLN C 352 12.22 21.39 -4.12
N ILE C 353 13.37 21.63 -4.76
CA ILE C 353 13.56 21.27 -6.16
C ILE C 353 14.02 19.82 -6.35
N LYS C 354 14.05 19.05 -5.26
CA LYS C 354 14.19 17.60 -5.29
C LYS C 354 13.27 17.05 -4.21
N PRO C 355 12.92 15.76 -4.29
CA PRO C 355 12.01 15.20 -3.27
C PRO C 355 12.71 15.02 -1.94
N PHE C 356 11.98 15.29 -0.86
CA PHE C 356 12.50 15.15 0.50
C PHE C 356 12.51 13.68 0.92
N ASP C 357 13.64 13.23 1.46
CA ASP C 357 13.82 11.86 1.95
C ASP C 357 13.14 11.72 3.31
N GLN C 358 11.89 11.26 3.29
CA GLN C 358 11.10 11.20 4.54
C GLN C 358 11.79 10.38 5.62
N SER C 359 12.60 9.38 5.26
CA SER C 359 13.20 8.53 6.28
C SER C 359 14.21 9.27 7.17
N ARG C 360 14.61 10.49 6.77
CA ARG C 360 15.46 11.32 7.63
C ARG C 360 14.78 11.68 8.93
N ALA C 361 13.44 11.62 8.97
CA ALA C 361 12.71 11.99 10.18
C ALA C 361 12.71 10.89 11.22
N ALA C 362 12.89 9.63 10.81
CA ALA C 362 12.88 8.53 11.76
C ALA C 362 13.87 8.77 12.92
N ILE C 363 15.15 8.97 12.59
CA ILE C 363 16.18 9.23 13.60
CA ILE C 363 16.14 9.20 13.63
C ILE C 363 15.90 10.55 14.31
N LEU C 364 15.61 11.59 13.53
CA LEU C 364 15.42 12.91 14.12
C LEU C 364 14.26 12.91 15.11
N LEU C 365 13.07 12.47 14.68
CA LEU C 365 11.93 12.46 15.60
C LEU C 365 12.20 11.58 16.81
N TYR C 366 12.91 10.45 16.64
CA TYR C 366 13.18 9.61 17.81
C TYR C 366 14.11 10.32 18.79
N GLU C 367 15.15 10.97 18.27
CA GLU C 367 16.08 11.69 19.14
C GLU C 367 15.37 12.84 19.86
N ALA C 368 14.71 13.72 19.09
CA ALA C 368 13.98 14.83 19.69
C ALA C 368 12.87 14.32 20.61
N GLY C 369 12.16 13.26 20.19
CA GLY C 369 11.05 12.75 20.97
C GLY C 369 11.49 12.19 22.31
N THR C 370 12.57 11.40 22.29
CA THR C 370 13.11 10.86 23.53
C THR C 370 13.62 11.99 24.42
N ALA C 371 14.21 13.03 23.82
CA ALA C 371 14.76 14.13 24.61
C ALA C 371 13.67 15.04 25.17
N LEU C 372 12.51 15.09 24.50
CA LEU C 372 11.39 15.91 24.93
C LEU C 372 10.31 15.11 25.65
N GLY C 373 10.45 13.79 25.74
CA GLY C 373 9.38 12.97 26.28
C GLY C 373 8.08 13.11 25.52
N ASN C 374 8.16 13.29 24.21
CA ASN C 374 6.98 13.43 23.36
C ASN C 374 6.73 12.05 22.73
N GLN C 375 5.74 11.34 23.27
CA GLN C 375 5.44 9.99 22.78
C GLN C 375 4.91 10.02 21.35
N LYS C 376 4.18 11.07 20.97
CA LYS C 376 3.74 11.21 19.58
C LYS C 376 4.93 11.26 18.62
N TYR C 377 6.00 11.98 18.97
CA TYR C 377 7.17 12.03 18.10
C TYR C 377 7.83 10.66 18.00
N VAL C 378 7.99 9.99 19.14
CA VAL C 378 8.59 8.67 19.14
C VAL C 378 7.75 7.71 18.30
N ASP C 379 6.42 7.81 18.42
CA ASP C 379 5.54 6.90 17.70
C ASP C 379 5.65 7.10 16.19
N THR C 380 5.62 8.35 15.73
CA THR C 380 5.81 8.63 14.31
C THR C 380 7.18 8.16 13.83
N ALA C 381 8.21 8.37 14.64
CA ALA C 381 9.54 7.89 14.27
C ALA C 381 9.53 6.40 14.03
N LYS C 382 8.89 5.63 14.92
CA LYS C 382 8.82 4.18 14.76
C LYS C 382 7.95 3.79 13.57
N ARG C 383 6.90 4.57 13.31
CA ARG C 383 6.00 4.27 12.19
C ARG C 383 6.68 4.49 10.86
N ILE C 384 7.43 5.60 10.72
CA ILE C 384 8.22 5.81 9.50
C ILE C 384 9.29 4.73 9.40
N GLY C 385 9.98 4.47 10.51
CA GLY C 385 10.88 3.34 10.63
C GLY C 385 12.13 3.37 9.78
N LEU C 386 13.04 2.47 10.10
CA LEU C 386 14.21 2.19 9.30
C LEU C 386 14.22 0.72 8.95
N LYS C 387 14.73 0.40 7.77
CA LYS C 387 14.69 -0.99 7.33
C LYS C 387 15.58 -1.84 8.22
N TYR C 388 15.03 -2.95 8.70
CA TYR C 388 15.75 -3.78 9.66
C TYR C 388 17.11 -4.22 9.13
N SER C 389 17.23 -4.44 7.82
CA SER C 389 18.46 -5.03 7.29
C SER C 389 19.27 -4.02 6.49
N THR C 390 19.04 -2.73 6.71
CA THR C 390 19.81 -1.74 5.97
C THR C 390 21.24 -1.72 6.48
N SER C 391 22.16 -1.36 5.59
CA SER C 391 23.58 -1.31 5.91
C SER C 391 24.07 0.11 6.19
N ASP C 392 23.16 1.07 6.34
CA ASP C 392 23.53 2.46 6.68
C ASP C 392 24.09 2.54 8.09
N VAL C 393 25.38 2.86 8.22
CA VAL C 393 26.07 2.72 9.50
C VAL C 393 25.50 3.66 10.55
N GLU C 394 24.91 4.79 10.14
CA GLU C 394 24.34 5.70 11.14
C GLU C 394 23.11 5.11 11.83
N THR C 395 22.56 4.00 11.33
CA THR C 395 21.39 3.36 11.93
C THR C 395 21.74 2.19 12.85
N ILE C 396 23.02 1.79 12.92
CA ILE C 396 23.43 0.70 13.82
C ILE C 396 22.83 0.83 15.22
N PRO C 397 22.88 1.98 15.89
CA PRO C 397 22.33 2.05 17.25
C PRO C 397 20.81 1.96 17.33
N TYR C 398 20.09 2.10 16.22
CA TYR C 398 18.62 2.27 16.25
C TYR C 398 17.88 0.98 15.92
N LEU C 399 18.24 -0.12 16.59
CA LEU C 399 17.38 -1.29 16.54
C LEU C 399 15.96 -0.96 16.96
N VAL C 400 15.80 0.03 17.85
CA VAL C 400 14.49 0.42 18.34
C VAL C 400 13.58 0.93 17.23
N LEU C 401 14.14 1.38 16.11
CA LEU C 401 13.35 1.90 15.02
C LEU C 401 13.17 0.88 13.87
N LYS C 402 13.59 -0.37 14.05
CA LYS C 402 13.70 -1.33 12.96
C LYS C 402 12.79 -2.53 13.17
N LYS C 403 11.89 -2.77 12.22
CA LYS C 403 10.99 -3.94 12.23
C LYS C 403 11.32 -4.91 11.08
N ALA D 24 25.98 21.42 -48.45
CA ALA D 24 26.56 20.78 -47.26
C ALA D 24 26.41 19.26 -47.27
N PRO D 25 27.45 18.54 -46.81
CA PRO D 25 27.37 17.08 -46.70
C PRO D 25 26.22 16.64 -45.82
N LEU D 26 25.65 15.48 -46.14
CA LEU D 26 24.55 14.94 -45.35
C LEU D 26 25.02 14.60 -43.94
N GLY D 27 24.39 15.20 -42.93
CA GLY D 27 24.90 15.02 -41.59
C GLY D 27 23.99 15.47 -40.47
N PRO D 28 24.47 15.30 -39.24
CA PRO D 28 23.64 15.46 -38.02
C PRO D 28 23.64 16.91 -37.52
N PHE D 29 22.98 17.76 -38.29
CA PHE D 29 22.89 19.19 -38.02
C PHE D 29 21.74 19.77 -38.82
N ASN D 30 21.45 21.04 -38.54
CA ASN D 30 20.53 21.82 -39.36
C ASN D 30 21.34 22.37 -40.51
N ALA D 31 21.19 21.74 -41.69
CA ALA D 31 22.03 22.07 -42.84
C ALA D 31 21.72 23.46 -43.38
N THR D 32 20.47 23.91 -43.23
CA THR D 32 20.12 25.26 -43.65
C THR D 32 20.94 26.31 -42.88
N LEU D 33 20.97 26.19 -41.54
CA LEU D 33 21.73 27.16 -40.73
C LEU D 33 23.23 27.07 -40.99
N LEU D 34 23.77 25.88 -41.22
CA LEU D 34 25.20 25.75 -41.46
C LEU D 34 25.61 26.39 -42.78
N GLU D 35 24.89 26.07 -43.86
CA GLU D 35 25.19 26.65 -45.16
C GLU D 35 25.09 28.17 -45.12
N GLN D 36 24.04 28.67 -44.47
CA GLN D 36 23.84 30.10 -44.31
C GLN D 36 24.98 30.75 -43.54
N LEU D 37 25.46 30.09 -42.48
CA LEU D 37 26.58 30.61 -41.71
C LEU D 37 27.87 30.59 -42.53
N LYS D 38 28.10 29.51 -43.28
CA LYS D 38 29.27 29.45 -44.13
C LYS D 38 29.19 30.51 -45.22
N ASN D 39 28.02 30.63 -45.87
CA ASN D 39 27.88 31.54 -47.00
C ASN D 39 28.10 32.99 -46.57
N ASP D 40 27.52 33.39 -45.43
CA ASP D 40 27.72 34.74 -44.95
C ASP D 40 29.16 34.97 -44.50
N TYR D 41 29.79 33.97 -43.89
CA TYR D 41 31.18 34.13 -43.47
C TYR D 41 32.09 34.38 -44.67
N GLN D 42 31.81 33.69 -45.77
CA GLN D 42 32.66 33.82 -46.95
C GLN D 42 32.49 35.18 -47.61
N LYS D 43 31.30 35.78 -47.51
CA LYS D 43 31.04 37.11 -48.04
C LYS D 43 31.66 38.24 -47.21
N GLY D 44 32.26 37.93 -46.06
CA GLY D 44 32.70 38.99 -45.16
C GLY D 44 31.57 39.70 -44.43
N GLU D 45 30.39 39.08 -44.36
CA GLU D 45 29.28 39.67 -43.62
C GLU D 45 29.67 39.82 -42.15
N LYS D 46 29.28 40.96 -41.56
CA LYS D 46 29.97 41.48 -40.37
C LYS D 46 29.49 40.78 -39.09
N GLU D 47 28.17 40.63 -38.92
CA GLU D 47 27.68 40.00 -37.71
C GLU D 47 28.11 38.52 -37.62
N VAL D 48 28.04 37.81 -38.75
CA VAL D 48 28.47 36.42 -38.80
C VAL D 48 29.99 36.31 -38.62
N THR D 49 30.76 37.20 -39.25
CA THR D 49 32.21 37.14 -39.10
C THR D 49 32.62 37.38 -37.64
N ARG D 50 31.84 38.16 -36.90
CA ARG D 50 32.15 38.38 -35.49
C ARG D 50 31.71 37.20 -34.64
N TYR D 51 30.57 36.60 -34.98
CA TYR D 51 30.11 35.41 -34.28
C TYR D 51 31.06 34.22 -34.46
N ILE D 52 31.54 34.01 -35.69
CA ILE D 52 32.44 32.89 -36.00
C ILE D 52 33.82 33.11 -35.37
N GLU D 53 34.22 34.36 -35.20
CA GLU D 53 35.46 34.64 -34.47
C GLU D 53 35.32 34.31 -32.99
N LEU D 54 34.12 34.54 -32.42
CA LEU D 54 33.87 34.12 -31.05
C LEU D 54 33.95 32.59 -30.95
N GLN D 55 33.29 31.88 -31.87
CA GLN D 55 33.35 30.42 -31.88
C GLN D 55 34.77 29.90 -31.99
N GLU D 56 35.64 30.61 -32.72
CA GLU D 56 37.01 30.14 -32.87
C GLU D 56 37.80 30.31 -31.58
N LYS D 57 37.47 31.33 -30.78
CA LYS D 57 38.11 31.48 -29.48
C LYS D 57 37.61 30.42 -28.50
N VAL D 58 36.35 30.02 -28.62
CA VAL D 58 35.86 28.91 -27.79
C VAL D 58 36.58 27.62 -28.13
N ALA D 59 36.82 27.39 -29.42
CA ALA D 59 37.32 26.12 -29.93
C ALA D 59 38.80 25.92 -29.69
N GLU D 60 39.53 26.96 -29.27
CA GLU D 60 40.96 26.79 -29.01
C GLU D 60 41.23 25.67 -28.02
N LYS D 61 40.40 25.55 -26.97
CA LYS D 61 40.63 24.52 -25.96
C LYS D 61 40.60 23.12 -26.57
N TYR D 62 39.78 22.92 -27.60
CA TYR D 62 39.69 21.64 -28.27
C TYR D 62 40.90 21.35 -29.15
N ILE D 63 41.53 22.40 -29.67
CA ILE D 63 42.75 22.18 -30.45
C ILE D 63 43.84 21.59 -29.58
N LYS D 64 43.98 22.09 -28.35
CA LYS D 64 45.03 21.64 -27.44
C LYS D 64 44.65 20.37 -26.67
N MET D 65 43.36 20.08 -26.55
CA MET D 65 42.89 18.98 -25.71
C MET D 65 43.47 17.64 -26.17
N THR D 66 43.98 16.87 -25.22
CA THR D 66 44.43 15.51 -25.51
C THR D 66 43.24 14.64 -25.90
N PRO D 67 43.25 13.99 -27.06
CA PRO D 67 42.15 13.10 -27.44
C PRO D 67 41.88 12.04 -26.38
N LEU D 68 40.60 11.79 -26.13
CA LEU D 68 40.13 10.81 -25.14
C LEU D 68 39.95 9.44 -25.77
N SER D 69 40.10 8.40 -24.93
CA SER D 69 39.89 7.01 -25.33
C SER D 69 39.00 6.29 -24.32
N VAL D 70 38.18 5.36 -24.82
CA VAL D 70 37.33 4.54 -23.99
C VAL D 70 38.14 3.56 -23.14
N THR D 71 39.41 3.32 -23.50
CA THR D 71 40.28 2.42 -22.75
C THR D 71 40.81 3.04 -21.45
N ALA D 72 40.52 4.33 -21.19
CA ALA D 72 41.11 5.02 -20.03
C ALA D 72 40.33 4.70 -18.74
N LYS D 73 40.26 3.41 -18.43
CA LYS D 73 39.50 2.93 -17.28
C LYS D 73 40.26 1.81 -16.60
N LYS D 74 40.00 1.62 -15.30
CA LYS D 74 40.65 0.54 -14.56
C LYS D 74 39.78 -0.70 -14.40
N LYS D 75 38.51 -0.52 -13.99
CA LYS D 75 37.57 -1.62 -13.85
C LYS D 75 37.13 -2.09 -15.24
N LEU D 76 37.53 -3.29 -15.60
CA LEU D 76 37.25 -3.78 -16.94
C LEU D 76 35.85 -4.38 -17.05
N PRO D 77 35.29 -4.42 -18.27
CA PRO D 77 34.00 -5.08 -18.47
C PRO D 77 34.17 -6.59 -18.35
N PRO D 78 33.07 -7.34 -18.29
CA PRO D 78 33.18 -8.81 -18.21
C PRO D 78 33.90 -9.44 -19.40
N SER D 79 34.07 -8.71 -20.51
CA SER D 79 34.87 -9.17 -21.64
C SER D 79 36.38 -9.08 -21.38
N LYS D 80 36.81 -8.35 -20.35
CA LYS D 80 38.21 -8.03 -20.09
C LYS D 80 38.83 -7.16 -21.19
N ASP D 81 38.02 -6.48 -21.98
CA ASP D 81 38.53 -5.68 -23.09
C ASP D 81 38.31 -4.20 -22.79
N PRO D 82 39.37 -3.44 -22.49
CA PRO D 82 39.17 -2.00 -22.21
C PRO D 82 38.62 -1.22 -23.38
N ARG D 83 38.66 -1.77 -24.60
CA ARG D 83 38.10 -1.12 -25.77
C ARG D 83 36.57 -1.25 -25.84
N ASP D 84 35.94 -1.99 -24.92
CA ASP D 84 34.48 -2.07 -24.84
C ASP D 84 33.94 -0.96 -23.98
N TYR D 85 32.99 -0.21 -24.51
CA TYR D 85 32.34 0.85 -23.76
C TYR D 85 31.49 0.25 -22.66
N MET D 86 31.60 0.77 -21.43
CA MET D 86 30.81 0.30 -20.31
C MET D 86 30.38 1.45 -19.42
N THR D 87 29.09 1.54 -19.12
CA THR D 87 28.56 2.50 -18.17
C THR D 87 27.56 1.82 -17.25
N LEU D 88 27.23 2.50 -16.16
CA LEU D 88 26.15 2.11 -15.27
C LEU D 88 24.84 2.80 -15.67
N SER D 89 23.75 2.02 -15.71
CA SER D 89 22.45 2.62 -15.94
C SER D 89 22.14 3.60 -14.81
N PRO D 90 21.75 4.84 -15.12
CA PRO D 90 21.85 5.92 -14.12
C PRO D 90 20.85 5.84 -12.99
N TYR D 91 19.75 5.10 -13.13
CA TYR D 91 18.71 5.09 -12.10
C TYR D 91 18.74 3.82 -11.26
N TRP D 92 19.84 3.08 -11.27
CA TRP D 92 19.94 1.85 -10.51
C TRP D 92 20.93 2.02 -9.36
N TRP D 93 20.48 1.72 -8.15
CA TRP D 93 21.22 1.95 -6.91
C TRP D 93 21.41 0.65 -6.13
N PRO D 94 22.48 0.58 -5.33
CA PRO D 94 22.64 -0.52 -4.38
C PRO D 94 21.44 -0.61 -3.45
N ASP D 95 21.09 -1.86 -3.12
CA ASP D 95 19.99 -2.14 -2.21
C ASP D 95 20.59 -2.34 -0.82
N SER D 96 20.36 -1.37 0.07
CA SER D 96 21.01 -1.41 1.37
C SER D 96 20.51 -2.58 2.22
N THR D 97 19.31 -3.09 1.94
CA THR D 97 18.78 -4.24 2.67
C THR D 97 19.45 -5.55 2.29
N LYS D 98 20.39 -5.53 1.36
CA LYS D 98 21.19 -6.68 0.96
C LYS D 98 22.62 -6.50 1.41
N ILE D 99 23.26 -7.59 1.82
CA ILE D 99 24.59 -7.51 2.41
C ILE D 99 25.59 -6.95 1.42
N ASP D 100 25.52 -7.40 0.17
CA ASP D 100 26.40 -6.85 -0.86
C ASP D 100 25.72 -5.78 -1.70
N GLY D 101 24.47 -5.43 -1.37
CA GLY D 101 23.72 -4.47 -2.15
C GLY D 101 23.15 -4.99 -3.45
N LEU D 102 23.36 -6.28 -3.78
CA LEU D 102 22.95 -6.89 -5.03
C LEU D 102 21.62 -7.64 -4.88
N PRO D 103 20.71 -7.60 -5.85
CA PRO D 103 20.82 -6.85 -7.12
C PRO D 103 20.44 -5.39 -6.93
N TYR D 104 20.95 -4.47 -7.74
CA TYR D 104 20.53 -3.06 -7.70
C TYR D 104 19.03 -2.93 -7.94
N ILE D 105 18.49 -1.79 -7.52
CA ILE D 105 17.06 -1.48 -7.63
C ILE D 105 16.90 -0.11 -8.29
N ARG D 106 15.72 0.13 -8.83
CA ARG D 106 15.48 1.26 -9.70
C ARG D 106 14.78 2.39 -8.95
N LYS D 107 15.29 3.60 -9.12
CA LYS D 107 14.71 4.82 -8.55
C LYS D 107 14.58 5.82 -9.71
N ASP D 108 13.41 5.86 -10.33
CA ASP D 108 13.26 6.60 -11.58
C ASP D 108 13.47 8.09 -11.35
N GLY D 109 14.38 8.67 -12.11
CA GLY D 109 14.65 10.10 -12.05
C GLY D 109 15.68 10.50 -11.02
N GLU D 110 16.30 9.54 -10.34
CA GLU D 110 17.32 9.82 -9.33
C GLU D 110 18.63 9.18 -9.79
N ARG D 111 19.57 10.02 -10.21
CA ARG D 111 20.80 9.52 -10.81
C ARG D 111 21.78 9.10 -9.72
N ASN D 112 22.12 7.82 -9.72
CA ASN D 112 23.13 7.27 -8.84
C ASN D 112 24.49 7.89 -9.16
N PRO D 113 25.11 8.65 -8.25
CA PRO D 113 26.43 9.23 -8.53
C PRO D 113 27.49 8.19 -8.85
N GLU D 114 27.20 6.90 -8.64
CA GLU D 114 28.10 5.84 -9.09
C GLU D 114 28.35 5.89 -10.59
N VAL D 115 27.49 6.55 -11.37
CA VAL D 115 27.71 6.60 -12.82
C VAL D 115 29.08 7.20 -13.13
N TYR D 116 29.53 8.18 -12.35
CA TYR D 116 30.79 8.85 -12.69
C TYR D 116 32.01 7.98 -12.44
N GLU D 117 31.84 6.79 -11.88
CA GLU D 117 32.97 5.86 -11.77
C GLU D 117 33.28 5.18 -13.09
N TYR D 118 32.44 5.38 -14.10
CA TYR D 118 32.71 4.84 -15.41
C TYR D 118 33.17 5.97 -16.31
N PRO D 119 34.48 6.10 -16.58
CA PRO D 119 34.98 7.33 -17.21
C PRO D 119 34.38 7.62 -18.58
N GLU D 120 34.01 6.60 -19.34
CA GLU D 120 33.53 6.89 -20.70
C GLU D 120 32.20 7.61 -20.70
N ARG D 121 31.47 7.58 -19.58
CA ARG D 121 30.18 8.28 -19.52
C ARG D 121 30.35 9.77 -19.84
N GLU D 122 31.27 10.44 -19.14
CA GLU D 122 31.57 11.84 -19.41
C GLU D 122 32.61 12.01 -20.51
N ASN D 123 33.53 11.05 -20.68
CA ASN D 123 34.51 11.20 -21.75
C ASN D 123 33.88 11.11 -23.12
N ALA D 124 32.83 10.29 -23.29
CA ALA D 124 32.16 10.27 -24.58
C ALA D 124 31.48 11.60 -24.86
N ASN D 125 31.00 12.25 -23.80
CA ASN D 125 30.42 13.59 -23.90
C ASN D 125 31.47 14.62 -24.33
N ARG D 126 32.64 14.61 -23.68
CA ARG D 126 33.68 15.58 -24.01
C ARG D 126 34.23 15.35 -25.40
N PHE D 127 34.48 14.08 -25.75
CA PHE D 127 34.91 13.74 -27.10
C PHE D 127 33.93 14.29 -28.14
N GLY D 128 32.64 13.96 -27.98
CA GLY D 128 31.65 14.34 -28.98
C GLY D 128 31.56 15.85 -29.15
N ASP D 129 31.73 16.60 -28.06
CA ASP D 129 31.72 18.06 -28.14
C ASP D 129 32.91 18.59 -28.89
N ALA D 130 34.11 18.01 -28.65
CA ALA D 130 35.30 18.48 -29.35
C ALA D 130 35.18 18.20 -30.85
N ALA D 131 34.78 16.98 -31.21
CA ALA D 131 34.73 16.63 -32.63
C ALA D 131 33.67 17.42 -33.35
N TYR D 132 32.50 17.58 -32.72
CA TYR D 132 31.41 18.31 -33.35
C TYR D 132 31.81 19.76 -33.60
N CYS D 133 32.29 20.43 -32.56
CA CYS D 133 32.69 21.82 -32.68
C CYS D 133 33.75 21.99 -33.76
N LEU D 134 34.79 21.14 -33.75
CA LEU D 134 35.91 21.33 -34.68
C LEU D 134 35.51 21.04 -36.13
N GLY D 135 34.68 20.03 -36.36
CA GLY D 135 34.23 19.74 -37.72
C GLY D 135 33.38 20.86 -38.29
N VAL D 136 32.44 21.37 -37.49
CA VAL D 136 31.59 22.46 -37.96
C VAL D 136 32.43 23.69 -38.29
N LEU D 137 33.41 24.00 -37.44
CA LEU D 137 34.24 25.17 -37.70
C LEU D 137 35.16 24.95 -38.89
N TYR D 138 35.54 23.71 -39.18
CA TYR D 138 36.26 23.46 -40.42
C TYR D 138 35.34 23.67 -41.61
N TYR D 139 34.08 23.25 -41.47
CA TYR D 139 33.15 23.47 -42.57
C TYR D 139 32.97 24.96 -42.86
N ILE D 140 32.87 25.79 -41.82
CA ILE D 140 32.54 27.19 -42.01
C ILE D 140 33.75 27.99 -42.46
N THR D 141 34.87 27.82 -41.76
CA THR D 141 36.06 28.61 -42.04
C THR D 141 36.98 27.97 -43.06
N GLY D 142 36.92 26.65 -43.23
CA GLY D 142 37.88 26.03 -44.12
C GLY D 142 39.31 26.05 -43.65
N LYS D 143 39.57 26.37 -42.38
CA LYS D 143 40.95 26.38 -41.88
C LYS D 143 41.39 24.97 -41.51
N GLU D 144 42.50 24.51 -42.12
CA GLU D 144 42.98 23.15 -41.92
C GLU D 144 43.27 22.81 -40.45
N VAL D 145 43.48 23.83 -39.61
CA VAL D 145 43.80 23.56 -38.21
C VAL D 145 42.65 22.85 -37.51
N TYR D 146 41.40 23.17 -37.90
CA TYR D 146 40.23 22.54 -37.28
C TYR D 146 40.05 21.12 -37.78
N ALA D 147 40.27 20.87 -39.07
CA ALA D 147 40.21 19.50 -39.58
C ALA D 147 41.27 18.63 -38.94
N LYS D 148 42.49 19.17 -38.77
CA LYS D 148 43.57 18.39 -38.19
C LYS D 148 43.21 17.95 -36.77
N ALA D 149 42.66 18.87 -35.97
CA ALA D 149 42.34 18.51 -34.60
C ALA D 149 41.14 17.58 -34.56
N CYS D 150 40.09 17.90 -35.32
CA CYS D 150 38.97 16.99 -35.42
C CYS D 150 39.42 15.56 -35.73
N ALA D 151 40.33 15.44 -36.69
CA ALA D 151 40.83 14.13 -37.11
C ALA D 151 41.54 13.41 -35.97
N ASN D 152 42.38 14.12 -35.19
CA ASN D 152 43.05 13.48 -34.07
CA ASN D 152 43.05 13.49 -34.06
C ASN D 152 42.04 12.91 -33.08
N HIS D 153 40.94 13.64 -32.83
CA HIS D 153 39.91 13.13 -31.95
C HIS D 153 39.16 11.95 -32.56
N LEU D 154 38.83 12.02 -33.85
CA LEU D 154 38.14 10.92 -34.52
C LEU D 154 38.99 9.65 -34.51
N ARG D 155 40.28 9.75 -34.89
CA ARG D 155 41.14 8.56 -34.94
C ARG D 155 41.20 7.87 -33.58
N THR D 156 41.36 8.66 -32.50
CA THR D 156 41.65 8.07 -31.21
C THR D 156 40.41 7.38 -30.65
N TRP D 157 39.25 8.05 -30.75
CA TRP D 157 38.04 7.49 -30.17
C TRP D 157 37.57 6.26 -30.95
N PHE D 158 37.59 6.31 -32.28
CA PHE D 158 36.94 5.28 -33.10
C PHE D 158 37.90 4.22 -33.63
N THR D 159 38.92 4.61 -34.40
CA THR D 159 39.61 3.67 -35.29
C THR D 159 40.99 3.23 -34.80
N ASP D 160 41.58 3.89 -33.81
CA ASP D 160 42.93 3.52 -33.39
C ASP D 160 42.97 2.06 -32.93
N PRO D 161 43.94 1.25 -33.43
CA PRO D 161 43.95 -0.19 -33.10
C PRO D 161 44.16 -0.51 -31.64
N LYS D 162 44.59 0.44 -30.81
CA LYS D 162 44.75 0.21 -29.39
C LYS D 162 43.78 1.03 -28.56
N LEU D 163 43.49 2.27 -28.97
CA LEU D 163 42.70 3.18 -28.17
C LEU D 163 41.26 3.32 -28.65
N GLY D 164 40.94 2.88 -29.88
CA GLY D 164 39.57 3.01 -30.38
C GLY D 164 38.58 2.08 -29.68
N MET D 165 37.36 2.56 -29.51
CA MET D 165 36.31 1.70 -28.94
C MET D 165 35.92 0.63 -29.96
N ASN D 166 35.67 -0.59 -29.45
CA ASN D 166 35.07 -1.62 -30.28
C ASN D 166 33.69 -1.14 -30.76
N PRO D 167 33.27 -1.51 -31.98
CA PRO D 167 31.97 -1.08 -32.53
C PRO D 167 30.79 -1.88 -31.99
N ASN D 168 30.48 -1.70 -30.70
CA ASN D 168 29.34 -2.34 -30.06
C ASN D 168 28.95 -1.55 -28.83
N MET D 169 27.82 -1.91 -28.26
CA MET D 169 27.39 -1.32 -27.00
C MET D 169 26.91 -2.39 -26.02
N THR D 170 27.56 -3.56 -26.06
CA THR D 170 27.18 -4.69 -25.20
C THR D 170 27.05 -4.30 -23.74
N TYR D 171 28.00 -3.51 -23.23
CA TYR D 171 28.04 -3.21 -21.79
C TYR D 171 27.58 -1.80 -21.48
N ALA D 172 26.92 -1.14 -22.42
CA ALA D 172 26.34 0.17 -22.13
C ALA D 172 25.22 0.00 -21.12
N GLN D 173 25.30 0.80 -20.03
CA GLN D 173 24.31 0.84 -18.96
C GLN D 173 24.05 -0.53 -18.33
N ALA D 174 25.12 -1.27 -18.07
CA ALA D 174 25.01 -2.45 -17.22
C ALA D 174 24.42 -2.09 -15.84
N VAL D 175 23.88 -3.11 -15.19
CA VAL D 175 23.26 -2.97 -13.88
C VAL D 175 23.78 -4.11 -13.01
N PRO D 176 24.53 -3.82 -11.94
CA PRO D 176 25.05 -4.90 -11.09
C PRO D 176 23.93 -5.79 -10.56
N GLY D 177 24.16 -7.11 -10.63
CA GLY D 177 23.20 -8.08 -10.18
C GLY D 177 22.05 -8.38 -11.12
N MET D 178 21.90 -7.64 -12.23
CA MET D 178 20.79 -7.94 -13.13
C MET D 178 21.06 -9.23 -13.89
N LYS D 179 20.03 -10.06 -14.01
CA LYS D 179 20.19 -11.36 -14.65
C LYS D 179 20.09 -11.26 -16.18
N LYS D 180 19.13 -10.51 -16.69
CA LYS D 180 18.91 -10.42 -18.12
C LYS D 180 19.82 -9.38 -18.77
N MET D 181 20.14 -9.60 -20.04
CA MET D 181 20.84 -8.63 -20.87
C MET D 181 19.84 -7.60 -21.39
N ARG D 182 20.27 -6.34 -21.47
CA ARG D 182 19.41 -5.25 -21.93
C ARG D 182 20.09 -4.45 -23.02
N GLY D 183 19.27 -3.81 -23.86
CA GLY D 183 19.76 -2.88 -24.87
C GLY D 183 19.46 -1.43 -24.60
N SER D 184 18.89 -1.09 -23.43
CA SER D 184 18.57 0.30 -23.06
C SER D 184 19.79 1.20 -23.05
N GLY D 185 20.98 0.65 -22.83
CA GLY D 185 22.21 1.40 -22.86
C GLY D 185 22.56 1.98 -24.22
N PHE D 186 21.94 1.46 -25.28
CA PHE D 186 22.33 1.90 -26.62
C PHE D 186 22.18 3.41 -26.78
N ILE D 187 21.20 4.00 -26.10
CA ILE D 187 20.91 5.43 -26.15
C ILE D 187 22.15 6.28 -25.84
N ASP D 188 23.14 5.66 -25.17
CA ASP D 188 24.43 6.31 -24.94
C ASP D 188 25.14 6.68 -26.23
N SER D 189 24.86 5.97 -27.33
CA SER D 189 25.62 6.13 -28.57
C SER D 189 25.51 7.54 -29.12
N ARG D 190 24.43 8.25 -28.81
CA ARG D 190 24.18 9.57 -29.37
C ARG D 190 25.26 10.55 -28.95
N ARG D 191 25.99 10.21 -27.88
CA ARG D 191 27.08 11.07 -27.41
C ARG D 191 28.20 11.13 -28.43
N PHE D 192 28.48 10.02 -29.11
CA PHE D 192 29.54 10.00 -30.11
C PHE D 192 29.03 9.84 -31.55
N SER D 193 27.77 9.47 -31.76
CA SER D 193 27.32 9.29 -33.13
C SER D 193 27.14 10.63 -33.85
N ARG D 194 26.91 11.74 -33.11
CA ARG D 194 26.94 13.06 -33.75
C ARG D 194 28.34 13.35 -34.25
N ALA D 195 29.36 12.87 -33.55
CA ALA D 195 30.73 13.13 -33.96
C ALA D 195 31.07 12.31 -35.19
N LEU D 196 30.63 11.05 -35.22
CA LEU D 196 30.78 10.22 -36.41
C LEU D 196 30.23 10.93 -37.64
N GLY D 197 29.02 11.46 -37.53
CA GLY D 197 28.40 12.13 -38.67
C GLY D 197 29.19 13.34 -39.13
N VAL D 198 29.69 14.14 -38.19
CA VAL D 198 30.45 15.34 -38.55
C VAL D 198 31.77 15.02 -39.23
N ALA D 199 32.26 13.77 -39.14
CA ALA D 199 33.47 13.42 -39.86
C ALA D 199 33.35 13.69 -41.36
N LYS D 200 32.13 13.67 -41.92
CA LYS D 200 31.99 13.92 -43.34
C LYS D 200 32.38 15.34 -43.71
N LEU D 201 32.21 16.31 -42.77
CA LEU D 201 32.59 17.69 -43.04
C LEU D 201 34.10 17.88 -43.20
N ILE D 202 34.91 16.96 -42.68
CA ILE D 202 36.36 17.10 -42.83
C ILE D 202 36.90 16.25 -43.97
N GLU D 203 36.05 15.48 -44.63
CA GLU D 203 36.46 14.77 -45.84
C GLU D 203 36.87 15.80 -46.90
N GLY D 204 38.07 15.62 -47.45
CA GLY D 204 38.62 16.54 -48.42
C GLY D 204 39.72 17.44 -47.89
N SER D 205 39.85 17.55 -46.57
CA SER D 205 40.99 18.21 -45.95
C SER D 205 42.28 17.44 -46.20
N LYS D 206 43.41 18.11 -45.94
CA LYS D 206 44.67 17.40 -46.00
C LYS D 206 44.81 16.41 -44.86
N SER D 207 44.21 16.71 -43.71
CA SER D 207 44.43 15.91 -42.52
C SER D 207 43.66 14.59 -42.53
N TRP D 208 42.50 14.52 -43.21
CA TRP D 208 41.67 13.31 -43.21
C TRP D 208 41.98 12.52 -44.47
N THR D 209 42.95 11.60 -44.35
CA THR D 209 43.49 10.86 -45.49
C THR D 209 42.50 9.81 -45.99
N PRO D 210 42.66 9.36 -47.24
CA PRO D 210 41.79 8.27 -47.74
C PRO D 210 41.80 7.05 -46.85
N SER D 211 42.92 6.84 -46.15
CA SER D 211 43.08 5.71 -45.24
C SER D 211 42.32 5.94 -43.93
N ASP D 212 42.33 7.18 -43.41
CA ASP D 212 41.49 7.51 -42.28
C ASP D 212 40.01 7.20 -42.56
N LYS D 213 39.51 7.68 -43.70
CA LYS D 213 38.10 7.49 -44.06
C LYS D 213 37.77 6.00 -44.19
N LYS D 214 38.62 5.22 -44.85
CA LYS D 214 38.39 3.78 -44.99
C LYS D 214 38.25 3.13 -43.61
N LYS D 215 39.12 3.49 -42.66
CA LYS D 215 39.08 2.87 -41.34
C LYS D 215 37.82 3.28 -40.58
N LEU D 216 37.38 4.53 -40.75
CA LEU D 216 36.17 4.97 -40.09
C LEU D 216 34.92 4.40 -40.76
N ASP D 217 34.94 4.33 -42.10
CA ASP D 217 33.89 3.64 -42.85
C ASP D 217 33.70 2.23 -42.34
N ASP D 218 34.79 1.47 -42.25
CA ASP D 218 34.66 0.09 -41.82
C ASP D 218 34.14 0.01 -40.40
N TRP D 219 34.56 0.96 -39.53
CA TRP D 219 34.09 0.98 -38.14
C TRP D 219 32.57 1.22 -38.10
N ALA D 220 32.12 2.27 -38.80
CA ALA D 220 30.69 2.57 -38.84
C ALA D 220 29.89 1.44 -39.47
N THR D 221 30.46 0.75 -40.45
CA THR D 221 29.79 -0.43 -41.00
C THR D 221 29.67 -1.53 -39.95
N ALA D 222 30.75 -1.79 -39.20
CA ALA D 222 30.70 -2.75 -38.09
C ALA D 222 29.69 -2.33 -37.02
N PHE D 223 29.68 -1.04 -36.67
CA PHE D 223 28.76 -0.59 -35.62
C PHE D 223 27.30 -0.65 -36.11
N CYS D 224 27.08 -0.30 -37.37
CA CYS D 224 25.75 -0.43 -37.95
C CYS D 224 25.30 -1.88 -38.01
N TYR D 225 26.23 -2.81 -38.24
CA TYR D 225 25.86 -4.21 -38.22
C TYR D 225 25.45 -4.62 -36.81
N TRP D 226 26.28 -4.27 -35.81
CA TRP D 226 25.98 -4.63 -34.42
C TRP D 226 24.63 -4.06 -33.98
N MET D 227 24.36 -2.80 -34.33
CA MET D 227 23.12 -2.21 -33.84
C MET D 227 21.90 -2.76 -34.56
N GLU D 228 22.06 -3.29 -35.78
CA GLU D 228 20.94 -3.88 -36.51
C GLU D 228 20.71 -5.35 -36.18
N ASN D 229 21.76 -6.13 -35.97
CA ASN D 229 21.60 -7.58 -35.87
C ASN D 229 21.81 -8.17 -34.49
N SER D 230 22.50 -7.45 -33.57
CA SER D 230 22.63 -7.92 -32.20
C SER D 230 21.26 -8.01 -31.53
N THR D 231 21.13 -8.95 -30.58
CA THR D 231 19.89 -9.04 -29.82
C THR D 231 19.55 -7.72 -29.15
N GLN D 232 20.56 -7.08 -28.53
CA GLN D 232 20.31 -5.83 -27.81
C GLN D 232 19.81 -4.76 -28.76
N GLY D 233 20.39 -4.71 -29.97
CA GLY D 233 19.99 -3.69 -30.93
C GLY D 233 18.62 -3.95 -31.52
N GLN D 234 18.26 -5.21 -31.73
CA GLN D 234 16.93 -5.54 -32.22
C GLN D 234 15.88 -5.12 -31.20
N ARG D 235 16.08 -5.50 -29.92
CA ARG D 235 15.15 -5.11 -28.85
C ARG D 235 15.03 -3.59 -28.79
N GLU D 236 16.16 -2.90 -28.74
CA GLU D 236 16.11 -1.46 -28.58
C GLU D 236 15.43 -0.81 -29.77
N SER D 237 15.58 -1.37 -30.98
CA SER D 237 14.88 -0.81 -32.14
C SER D 237 13.36 -0.92 -32.01
N HIS D 238 12.85 -1.84 -31.19
CA HIS D 238 11.41 -2.02 -30.98
C HIS D 238 10.92 -1.44 -29.65
N ALA D 239 11.71 -0.58 -29.02
CA ALA D 239 11.28 0.06 -27.79
C ALA D 239 10.10 0.98 -28.07
N ALA D 240 9.12 0.96 -27.17
CA ALA D 240 7.86 1.68 -27.34
C ALA D 240 7.92 3.15 -26.91
N ASN D 241 8.99 3.60 -26.25
CA ASN D 241 9.06 4.97 -25.77
C ASN D 241 10.20 5.73 -26.46
N ASN D 242 10.70 6.78 -25.80
CA ASN D 242 11.74 7.61 -26.39
C ASN D 242 13.00 6.83 -26.76
N HIS D 243 13.23 5.67 -26.13
CA HIS D 243 14.40 4.90 -26.53
C HIS D 243 14.27 4.44 -27.98
N GLY D 244 13.07 4.04 -28.40
CA GLY D 244 12.84 3.73 -29.80
C GLY D 244 13.12 4.90 -30.72
N LEU D 245 12.73 6.11 -30.31
CA LEU D 245 13.02 7.28 -31.17
C LEU D 245 14.50 7.59 -31.18
N TRP D 246 15.16 7.52 -30.03
CA TRP D 246 16.59 7.80 -29.99
C TRP D 246 17.39 6.73 -30.73
N TYR D 247 16.97 5.47 -30.64
CA TYR D 247 17.63 4.46 -31.44
C TYR D 247 17.63 4.85 -32.91
N GLU D 248 16.51 5.33 -33.41
CA GLU D 248 16.44 5.60 -34.84
C GLU D 248 17.18 6.87 -35.22
N ALA D 249 17.16 7.88 -34.35
CA ALA D 249 17.95 9.07 -34.59
C ALA D 249 19.44 8.75 -34.67
N ILE D 250 19.92 7.83 -33.81
CA ILE D 250 21.32 7.41 -33.86
C ILE D 250 21.58 6.60 -35.13
N HIS D 251 20.67 5.66 -35.43
CA HIS D 251 20.72 4.89 -36.67
C HIS D 251 20.89 5.80 -37.89
N LEU D 252 20.06 6.86 -37.98
CA LEU D 252 20.14 7.81 -39.08
C LEU D 252 21.51 8.48 -39.14
N MET D 253 22.09 8.83 -37.98
CA MET D 253 23.41 9.44 -38.01
C MET D 253 24.42 8.46 -38.60
N VAL D 254 24.32 7.18 -38.24
CA VAL D 254 25.23 6.20 -38.80
C VAL D 254 24.98 6.04 -40.30
N LEU D 255 23.72 5.85 -40.68
CA LEU D 255 23.39 5.67 -42.08
C LEU D 255 23.76 6.89 -42.92
N ALA D 256 23.63 8.08 -42.35
CA ALA D 256 24.01 9.28 -43.10
C ALA D 256 25.52 9.34 -43.27
N TYR D 257 26.27 8.94 -42.24
CA TYR D 257 27.72 8.85 -42.42
C TYR D 257 28.08 7.89 -43.55
N LEU D 258 27.45 6.72 -43.57
CA LEU D 258 27.69 5.70 -44.59
C LEU D 258 27.03 6.04 -45.92
N ASP D 259 26.37 7.20 -46.02
CA ASP D 259 25.76 7.67 -47.25
C ASP D 259 24.67 6.72 -47.76
N ARG D 260 24.00 5.98 -46.87
CA ARG D 260 22.90 5.11 -47.28
C ARG D 260 21.58 5.90 -47.25
N THR D 261 21.36 6.74 -48.28
CA THR D 261 20.14 7.55 -48.32
C THR D 261 18.89 6.68 -48.44
N ASP D 262 19.01 5.50 -49.07
CA ASP D 262 17.88 4.58 -49.17
C ASP D 262 17.49 4.05 -47.79
N ARG D 263 18.48 3.76 -46.93
CA ARG D 263 18.16 3.28 -45.59
C ARG D 263 17.55 4.38 -44.73
N ILE D 264 18.01 5.61 -44.89
CA ILE D 264 17.44 6.73 -44.15
C ILE D 264 15.94 6.84 -44.43
N ARG D 265 15.58 6.89 -45.71
CA ARG D 265 14.17 6.96 -46.12
C ARG D 265 13.38 5.77 -45.60
N GLU D 266 13.91 4.57 -45.76
CA GLU D 266 13.28 3.38 -45.18
C GLU D 266 13.00 3.55 -43.69
N VAL D 267 14.04 3.93 -42.93
CA VAL D 267 13.89 4.04 -41.49
C VAL D 267 12.86 5.10 -41.13
N ALA D 268 12.87 6.25 -41.83
CA ALA D 268 11.91 7.30 -41.54
C ALA D 268 10.50 6.81 -41.74
N GLU D 269 10.23 6.17 -42.86
CA GLU D 269 8.85 5.87 -43.20
C GLU D 269 8.36 4.56 -42.59
N GLN D 270 9.26 3.62 -42.30
CA GLN D 270 8.84 2.32 -41.84
C GLN D 270 9.11 2.08 -40.37
N SER D 271 9.84 2.97 -39.71
CA SER D 271 10.12 2.85 -38.28
C SER D 271 9.72 4.10 -37.51
N ILE D 272 10.34 5.25 -37.83
CA ILE D 272 10.12 6.44 -37.03
C ILE D 272 8.66 6.87 -37.08
N LEU D 273 8.11 7.06 -38.28
CA LEU D 273 6.71 7.49 -38.39
C LEU D 273 5.75 6.52 -37.73
N PRO D 274 5.85 5.20 -37.93
CA PRO D 274 4.99 4.29 -37.16
C PRO D 274 5.14 4.46 -35.65
N LYS D 275 6.38 4.68 -35.19
CA LYS D 275 6.61 4.87 -33.75
C LYS D 275 5.91 6.12 -33.25
N MET D 276 6.05 7.22 -33.98
CA MET D 276 5.37 8.46 -33.62
C MET D 276 3.85 8.28 -33.64
N GLY D 277 3.35 7.40 -34.53
CA GLY D 277 1.93 7.14 -34.59
C GLY D 277 1.40 6.34 -33.41
N ALA D 278 2.27 5.54 -32.79
CA ALA D 278 1.89 4.75 -31.62
C ALA D 278 2.12 5.50 -30.31
N GLN D 279 2.90 6.58 -30.31
CA GLN D 279 3.32 7.22 -29.07
C GLN D 279 2.55 8.50 -28.78
N ILE D 280 2.00 9.16 -29.80
CA ILE D 280 1.17 10.34 -29.61
C ILE D 280 -0.26 9.88 -29.36
N ALA D 281 -0.87 10.38 -28.30
CA ALA D 281 -2.26 10.09 -28.02
C ALA D 281 -3.14 11.15 -28.68
N ASP D 282 -4.45 11.05 -28.45
CA ASP D 282 -5.40 11.92 -29.16
C ASP D 282 -5.25 13.38 -28.77
N ASP D 283 -4.88 13.65 -27.51
CA ASP D 283 -4.64 15.02 -27.07
C ASP D 283 -3.25 15.52 -27.39
N GLY D 284 -2.42 14.72 -28.06
CA GLY D 284 -1.08 15.14 -28.41
C GLY D 284 -0.04 14.87 -27.37
N SER D 285 -0.41 14.25 -26.25
CA SER D 285 0.55 13.93 -25.21
C SER D 285 1.26 12.62 -25.56
N LEU D 286 2.37 12.36 -24.87
CA LEU D 286 3.13 11.11 -25.06
C LEU D 286 2.91 10.23 -23.84
N PRO D 287 1.89 9.36 -23.86
CA PRO D 287 1.55 8.56 -22.67
C PRO D 287 2.74 7.85 -22.02
N GLN D 288 3.72 7.43 -22.81
CA GLN D 288 4.82 6.64 -22.25
C GLN D 288 5.73 7.51 -21.40
N GLU D 289 5.90 8.79 -21.75
CA GLU D 289 6.68 9.68 -20.92
C GLU D 289 5.89 10.23 -19.74
N LEU D 290 4.55 10.16 -19.78
CA LEU D 290 3.74 10.70 -18.69
C LEU D 290 3.76 9.85 -17.43
N LYS D 291 4.24 8.60 -17.51
CA LYS D 291 4.35 7.72 -16.36
C LYS D 291 5.72 7.78 -15.72
N ARG D 292 6.57 8.72 -16.13
CA ARG D 292 7.91 8.87 -15.60
C ARG D 292 7.95 9.99 -14.56
N THR D 293 8.86 9.84 -13.59
CA THR D 293 8.99 10.82 -12.52
C THR D 293 9.49 12.17 -13.00
N LEU D 294 10.15 12.23 -14.16
CA LEU D 294 10.49 13.50 -14.79
C LEU D 294 9.74 13.64 -16.11
N SER D 295 8.41 13.59 -16.05
CA SER D 295 7.62 13.38 -17.26
C SER D 295 7.72 14.57 -18.22
N LEU D 296 8.03 15.77 -17.74
CA LEU D 296 8.18 16.86 -18.70
C LEU D 296 9.53 16.79 -19.41
N ASN D 297 10.57 16.32 -18.70
CA ASN D 297 11.87 16.08 -19.30
C ASN D 297 11.76 15.05 -20.42
N TYR D 298 11.09 13.94 -20.15
CA TYR D 298 11.10 12.84 -21.10
C TYR D 298 10.14 13.08 -22.25
N SER D 299 9.05 13.80 -22.02
CA SER D 299 8.23 14.23 -23.14
C SER D 299 9.05 15.10 -24.08
N THR D 300 9.91 15.95 -23.52
CA THR D 300 10.75 16.80 -24.36
C THR D 300 11.88 16.01 -25.01
N PHE D 301 12.39 15.01 -24.31
CA PHE D 301 13.49 14.17 -24.79
C PHE D 301 13.05 13.35 -26.01
N ALA D 302 11.83 12.80 -25.95
CA ALA D 302 11.26 12.10 -27.10
C ALA D 302 11.21 13.01 -28.31
N LEU D 303 10.68 14.23 -28.13
CA LEU D 303 10.68 15.15 -29.25
C LEU D 303 12.07 15.61 -29.64
N GLU D 304 13.04 15.60 -28.70
CA GLU D 304 14.39 15.96 -29.09
C GLU D 304 14.99 14.92 -30.03
N ALA D 305 14.63 13.65 -29.84
CA ALA D 305 15.08 12.61 -30.73
C ALA D 305 14.48 12.79 -32.12
N LEU D 306 13.19 13.11 -32.17
CA LEU D 306 12.55 13.38 -33.45
C LEU D 306 13.17 14.57 -34.13
N MET D 307 13.57 15.56 -33.33
CA MET D 307 14.21 16.76 -33.87
C MET D 307 15.53 16.44 -34.56
N GLU D 308 16.41 15.69 -33.88
CA GLU D 308 17.70 15.40 -34.51
C GLU D 308 17.53 14.42 -35.65
N ALA D 309 16.52 13.53 -35.56
CA ALA D 309 16.26 12.65 -36.70
C ALA D 309 15.80 13.48 -37.90
N ASN D 310 14.92 14.45 -37.66
CA ASN D 310 14.42 15.29 -38.74
C ASN D 310 15.51 16.17 -39.35
N GLN D 311 16.54 16.53 -38.59
CA GLN D 311 17.63 17.30 -39.18
C GLN D 311 18.27 16.54 -40.34
N ILE D 312 18.31 15.21 -40.23
CA ILE D 312 18.87 14.38 -41.27
C ILE D 312 17.83 14.09 -42.36
N THR D 313 16.62 13.68 -41.96
CA THR D 313 15.62 13.29 -42.94
C THR D 313 15.28 14.43 -43.87
N SER D 314 15.19 15.66 -43.34
CA SER D 314 14.79 16.78 -44.18
C SER D 314 15.85 17.12 -45.21
N GLN D 315 17.10 16.70 -44.99
CA GLN D 315 18.10 16.85 -46.04
C GLN D 315 17.84 15.93 -47.24
N ILE D 316 16.98 14.94 -47.11
CA ILE D 316 16.53 14.16 -48.27
C ILE D 316 15.02 14.35 -48.51
N GLY D 317 14.46 15.46 -48.06
CA GLY D 317 13.09 15.80 -48.40
C GLY D 317 12.02 15.04 -47.63
N ILE D 318 12.33 14.61 -46.40
CA ILE D 318 11.33 14.01 -45.53
C ILE D 318 11.25 14.86 -44.27
N ASN D 319 10.08 15.44 -44.03
CA ASN D 319 9.81 16.33 -42.90
C ASN D 319 9.07 15.53 -41.85
N LEU D 320 9.79 15.13 -40.78
CA LEU D 320 9.22 14.32 -39.71
C LEU D 320 8.28 15.09 -38.80
N TRP D 321 8.26 16.42 -38.87
CA TRP D 321 7.36 17.22 -38.04
C TRP D 321 5.95 17.26 -38.61
N SER D 322 5.84 17.29 -39.95
CA SER D 322 4.56 17.49 -40.63
C SER D 322 4.05 16.27 -41.38
N THR D 323 4.82 15.18 -41.47
CA THR D 323 4.36 14.00 -42.18
C THR D 323 3.55 13.15 -41.23
N PRO D 324 2.25 12.94 -41.49
CA PRO D 324 1.45 12.08 -40.61
C PRO D 324 1.93 10.65 -40.66
N ALA D 325 1.77 9.97 -39.53
CA ALA D 325 1.91 8.52 -39.53
C ALA D 325 0.73 7.92 -40.29
N SER D 326 0.73 6.60 -40.40
CA SER D 326 -0.33 5.89 -41.11
C SER D 326 -1.69 6.22 -40.54
N ASN D 327 -1.79 6.29 -39.20
CA ASN D 327 -3.05 6.51 -38.49
C ASN D 327 -3.41 7.98 -38.31
N GLY D 328 -2.85 8.88 -39.10
CA GLY D 328 -3.24 10.27 -39.04
C GLY D 328 -2.51 11.11 -38.00
N LYS D 329 -1.92 10.51 -36.97
CA LYS D 329 -1.24 11.33 -35.98
C LYS D 329 0.07 11.88 -36.53
N VAL D 330 0.42 13.10 -36.11
CA VAL D 330 1.59 13.79 -36.63
C VAL D 330 2.30 14.52 -35.49
N ALA D 331 3.64 14.58 -35.60
CA ALA D 331 4.46 15.00 -34.46
C ALA D 331 4.17 16.44 -34.05
N SER D 332 3.69 17.26 -34.98
CA SER D 332 3.32 18.63 -34.68
C SER D 332 2.25 18.72 -33.61
N GLN D 333 1.43 17.67 -33.46
CA GLN D 333 0.44 17.62 -32.39
C GLN D 333 1.10 17.51 -31.03
N ALA D 334 2.22 16.77 -30.96
CA ALA D 334 2.92 16.64 -29.69
C ALA D 334 3.58 17.95 -29.28
N VAL D 335 4.10 18.71 -30.25
CA VAL D 335 4.68 20.01 -29.92
C VAL D 335 3.60 20.98 -29.48
N ASP D 336 2.41 20.91 -30.10
CA ASP D 336 1.31 21.78 -29.73
C ASP D 336 0.85 21.53 -28.29
N TYR D 337 0.78 20.27 -27.89
CA TYR D 337 0.34 19.93 -26.53
C TYR D 337 1.31 20.45 -25.49
N LEU D 338 2.61 20.43 -25.79
CA LEU D 338 3.62 20.86 -24.84
C LEU D 338 3.87 22.36 -24.88
N TYR D 339 3.54 23.03 -25.99
CA TYR D 339 3.86 24.45 -26.14
C TYR D 339 3.45 25.29 -24.94
N PRO D 340 2.23 25.17 -24.39
CA PRO D 340 1.89 25.98 -23.22
C PRO D 340 2.84 25.78 -22.05
N PHE D 341 3.22 24.54 -21.80
CA PHE D 341 4.11 24.26 -20.68
C PHE D 341 5.56 24.63 -20.96
N TYR D 342 5.94 24.92 -22.22
CA TYR D 342 7.26 25.51 -22.43
C TYR D 342 7.24 27.00 -22.15
N LEU D 343 6.08 27.65 -22.33
CA LEU D 343 5.92 29.02 -21.90
C LEU D 343 5.84 29.11 -20.37
N ASN D 344 5.16 28.15 -19.75
CA ASN D 344 4.95 28.15 -18.30
C ASN D 344 5.08 26.72 -17.77
N PRO D 345 6.31 26.28 -17.48
CA PRO D 345 6.50 24.89 -17.02
C PRO D 345 5.84 24.60 -15.69
N GLU D 346 5.45 25.64 -14.94
CA GLU D 346 4.80 25.45 -13.64
C GLU D 346 3.41 24.85 -13.78
N ASP D 347 2.72 25.10 -14.90
CA ASP D 347 1.37 24.54 -15.08
C ASP D 347 1.40 23.04 -15.31
N TRP D 348 2.59 22.43 -15.39
CA TRP D 348 2.69 21.01 -15.71
C TRP D 348 2.07 20.17 -14.61
N LYS D 349 1.17 19.27 -15.00
CA LYS D 349 0.27 18.58 -14.10
C LYS D 349 0.68 17.14 -13.81
N PHE D 350 1.78 16.66 -14.36
CA PHE D 350 2.21 15.29 -14.11
C PHE D 350 3.54 15.30 -13.36
N LYS D 351 3.92 14.14 -12.83
CA LYS D 351 5.06 14.05 -11.92
C LYS D 351 6.35 14.56 -12.58
N GLN D 352 6.99 15.53 -11.92
CA GLN D 352 8.21 16.16 -12.42
C GLN D 352 9.07 16.55 -11.21
N ILE D 353 9.86 15.59 -10.71
CA ILE D 353 10.53 15.72 -9.42
C ILE D 353 11.77 16.60 -9.42
N LYS D 354 12.17 17.18 -10.54
CA LYS D 354 13.24 18.18 -10.61
C LYS D 354 12.82 19.26 -11.58
N PRO D 355 13.30 20.50 -11.41
CA PRO D 355 12.86 21.58 -12.28
C PRO D 355 13.28 21.35 -13.73
N PHE D 356 12.37 21.69 -14.64
CA PHE D 356 12.54 21.47 -16.06
C PHE D 356 13.27 22.66 -16.66
N ASP D 357 14.31 22.38 -17.44
CA ASP D 357 15.17 23.40 -18.03
C ASP D 357 14.46 24.00 -19.24
N GLN D 358 13.88 25.19 -19.07
CA GLN D 358 13.11 25.80 -20.13
C GLN D 358 13.96 26.05 -21.39
N SER D 359 15.27 26.29 -21.23
CA SER D 359 16.06 26.73 -22.39
C SER D 359 16.13 25.68 -23.51
N ARG D 360 15.86 24.42 -23.22
CA ARG D 360 15.88 23.46 -24.33
C ARG D 360 14.69 23.64 -25.25
N ALA D 361 13.66 24.38 -24.82
CA ALA D 361 12.59 24.73 -25.73
C ALA D 361 13.09 25.60 -26.88
N ALA D 362 14.21 26.30 -26.71
CA ALA D 362 14.68 27.23 -27.73
C ALA D 362 14.99 26.54 -29.06
N ILE D 363 15.98 25.66 -29.06
CA ILE D 363 16.31 24.93 -30.28
C ILE D 363 15.10 24.11 -30.75
N LEU D 364 14.41 23.46 -29.80
CA LEU D 364 13.32 22.57 -30.17
C LEU D 364 12.21 23.31 -30.90
N LEU D 365 11.72 24.40 -30.33
CA LEU D 365 10.68 25.16 -31.00
C LEU D 365 11.17 25.80 -32.28
N TYR D 366 12.44 26.23 -32.34
CA TYR D 366 12.93 26.80 -33.59
C TYR D 366 12.94 25.75 -34.69
N GLU D 367 13.33 24.51 -34.34
CA GLU D 367 13.33 23.43 -35.33
C GLU D 367 11.92 23.09 -35.79
N ALA D 368 11.05 22.67 -34.85
CA ALA D 368 9.67 22.37 -35.18
C ALA D 368 8.97 23.58 -35.81
N GLY D 369 9.24 24.78 -35.30
CA GLY D 369 8.66 25.99 -35.83
C GLY D 369 8.97 26.24 -37.28
N THR D 370 10.24 26.25 -37.66
CA THR D 370 10.58 26.45 -39.07
C THR D 370 10.08 25.29 -39.93
N ALA D 371 10.05 24.07 -39.40
CA ALA D 371 9.59 22.93 -40.20
C ALA D 371 8.09 22.94 -40.44
N LEU D 372 7.34 23.67 -39.62
CA LEU D 372 5.89 23.71 -39.73
C LEU D 372 5.37 25.05 -40.24
N GLY D 373 6.25 25.99 -40.59
CA GLY D 373 5.82 27.34 -40.92
C GLY D 373 5.07 28.04 -39.80
N ASN D 374 5.39 27.70 -38.54
CA ASN D 374 4.70 28.27 -37.38
C ASN D 374 5.54 29.42 -36.84
N GLN D 375 5.09 30.66 -37.12
CA GLN D 375 5.81 31.86 -36.69
C GLN D 375 5.72 32.08 -35.18
N LYS D 376 4.68 31.55 -34.54
CA LYS D 376 4.55 31.66 -33.09
C LYS D 376 5.69 30.91 -32.41
N TYR D 377 5.92 29.65 -32.81
CA TYR D 377 7.01 28.85 -32.26
C TYR D 377 8.37 29.52 -32.46
N VAL D 378 8.63 30.05 -33.67
CA VAL D 378 9.91 30.70 -33.95
C VAL D 378 10.10 31.93 -33.07
N ASP D 379 9.01 32.64 -32.75
CA ASP D 379 9.09 33.84 -31.91
C ASP D 379 9.32 33.49 -30.45
N THR D 380 8.56 32.53 -29.91
CA THR D 380 8.81 32.00 -28.57
C THR D 380 10.24 31.47 -28.44
N ALA D 381 10.73 30.78 -29.48
CA ALA D 381 12.08 30.22 -29.44
C ALA D 381 13.12 31.33 -29.34
N LYS D 382 12.92 32.44 -30.07
CA LYS D 382 13.86 33.56 -30.02
C LYS D 382 13.75 34.32 -28.71
N ARG D 383 12.55 34.33 -28.10
CA ARG D 383 12.37 35.04 -26.84
C ARG D 383 13.06 34.31 -25.69
N ILE D 384 12.87 32.98 -25.63
CA ILE D 384 13.67 32.15 -24.72
C ILE D 384 15.15 32.33 -25.00
N GLY D 385 15.53 32.11 -26.26
CA GLY D 385 16.84 32.47 -26.78
C GLY D 385 17.94 31.58 -26.26
N LEU D 386 19.13 31.87 -26.76
CA LEU D 386 20.37 31.28 -26.27
C LEU D 386 21.35 32.41 -26.04
N LYS D 387 22.16 32.30 -25.00
CA LYS D 387 23.11 33.35 -24.71
C LYS D 387 24.13 33.44 -25.84
N TYR D 388 24.38 34.66 -26.30
CA TYR D 388 25.20 34.85 -27.50
C TYR D 388 26.60 34.28 -27.34
N SER D 389 27.18 34.34 -26.15
CA SER D 389 28.55 33.92 -25.97
C SER D 389 28.67 32.60 -25.22
N THR D 390 27.65 31.75 -25.29
CA THR D 390 27.72 30.42 -24.67
C THR D 390 28.71 29.54 -25.40
N SER D 391 29.31 28.60 -24.68
CA SER D 391 30.22 27.63 -25.27
C SER D 391 29.58 26.25 -25.46
N ASP D 392 28.28 26.10 -25.17
CA ASP D 392 27.58 24.87 -25.50
C ASP D 392 27.66 24.55 -27.00
N VAL D 393 28.36 23.48 -27.38
CA VAL D 393 28.63 23.24 -28.81
C VAL D 393 27.35 22.99 -29.62
N GLU D 394 26.29 22.45 -28.99
CA GLU D 394 25.03 22.19 -29.68
CA GLU D 394 25.04 22.19 -29.69
C GLU D 394 24.37 23.46 -30.20
N THR D 395 24.79 24.63 -29.74
CA THR D 395 24.14 25.87 -30.17
C THR D 395 24.93 26.63 -31.22
N ILE D 396 26.06 26.07 -31.69
CA ILE D 396 26.87 26.75 -32.70
C ILE D 396 26.05 27.14 -33.94
N PRO D 397 25.20 26.26 -34.51
CA PRO D 397 24.44 26.66 -35.71
C PRO D 397 23.39 27.74 -35.47
N TYR D 398 23.11 28.12 -34.21
CA TYR D 398 21.92 28.89 -33.89
C TYR D 398 22.23 30.33 -33.51
N LEU D 399 23.06 31.01 -34.31
CA LEU D 399 23.18 32.45 -34.22
C LEU D 399 21.82 33.13 -34.29
N VAL D 400 20.87 32.50 -34.99
CA VAL D 400 19.54 33.07 -35.15
C VAL D 400 18.82 33.18 -33.82
N LEU D 401 19.21 32.38 -32.82
CA LEU D 401 18.58 32.42 -31.51
C LEU D 401 19.37 33.26 -30.50
N LYS D 402 20.44 33.92 -30.94
CA LYS D 402 21.37 34.59 -30.04
C LYS D 402 21.44 36.09 -30.30
N LYS D 403 20.31 36.73 -30.64
CA LYS D 403 20.29 38.16 -30.95
C LYS D 403 19.17 38.91 -30.21
S SO4 E . -30.44 18.78 0.91
O1 SO4 E . -31.89 18.87 1.36
O2 SO4 E . -29.55 18.79 2.10
O3 SO4 E . -30.17 17.52 0.13
O4 SO4 E . -30.12 19.95 0.05
S SO4 F . -21.61 2.61 7.58
O1 SO4 F . -23.06 2.67 7.27
O2 SO4 F . -21.42 2.88 9.04
O3 SO4 F . -21.15 1.23 7.19
O4 SO4 F . -20.84 3.64 6.82
S SO4 G . -13.69 -23.40 12.42
O1 SO4 G . -14.70 -23.23 11.32
O2 SO4 G . -14.37 -23.55 13.75
O3 SO4 G . -12.89 -24.63 12.12
O4 SO4 G . -12.79 -22.21 12.47
S SO4 H . -11.09 -48.76 10.90
O1 SO4 H . -11.34 -50.08 11.58
O2 SO4 H . -9.99 -48.93 9.92
O3 SO4 H . -12.34 -48.35 10.17
O4 SO4 H . -10.71 -47.72 11.92
S SO4 I . -25.72 -29.45 3.36
O1 SO4 I . -27.14 -29.60 3.83
O2 SO4 I . -24.87 -29.82 4.55
O3 SO4 I . -25.46 -30.37 2.19
O4 SO4 I . -25.44 -28.05 2.94
S SO4 J . 27.36 28.07 -0.96
O1 SO4 J . 26.63 29.34 -0.69
O2 SO4 J . 27.54 27.29 0.30
O3 SO4 J . 26.56 27.23 -1.91
O4 SO4 J . 28.71 28.41 -1.51
S SO4 K . 50.61 17.76 -32.75
O1 SO4 K . 49.76 18.76 -33.49
O2 SO4 K . 49.80 16.53 -32.47
O3 SO4 K . 51.79 17.38 -33.61
O4 SO4 K . 51.11 18.35 -31.48
S SO4 L . 21.28 15.02 -25.27
O1 SO4 L . 20.46 16.25 -25.51
O2 SO4 L . 20.98 14.45 -23.91
O3 SO4 L . 20.94 13.99 -26.31
O4 SO4 L . 22.74 15.33 -25.37
S SO4 M . 15.75 2.23 -16.95
O1 SO4 M . 14.44 2.39 -17.68
O2 SO4 M . 15.62 1.16 -15.93
O3 SO4 M . 16.83 1.84 -17.92
O4 SO4 M . 16.08 3.53 -16.28
#